data_5H84
# 
_entry.id   5H84 
# 
_audit_conform.dict_name       mmcif_pdbx.dic 
_audit_conform.dict_version    5.379 
_audit_conform.dict_location   http://mmcif.pdb.org/dictionaries/ascii/mmcif_pdbx.dic 
# 
loop_
_database_2.database_id 
_database_2.database_code 
_database_2.pdbx_database_accession 
_database_2.pdbx_DOI 
PDB   5H84         pdb_00005h84 10.2210/pdb5h84/pdb 
WWPDB D_1000216632 ?            ?                   
# 
_pdbx_database_status.status_code                     REL 
_pdbx_database_status.status_code_sf                  REL 
_pdbx_database_status.status_code_mr                  ? 
_pdbx_database_status.entry_id                        5H84 
_pdbx_database_status.recvd_initial_deposition_date   2015-12-23 
_pdbx_database_status.SG_entry                        N 
_pdbx_database_status.deposit_site                    RCSB 
_pdbx_database_status.process_site                    RCSB 
_pdbx_database_status.status_code_cs                  ? 
_pdbx_database_status.methods_development_category    ? 
_pdbx_database_status.pdb_format_compatible           Y 
_pdbx_database_status.status_code_nmr_data            ? 
# 
loop_
_audit_author.name 
_audit_author.pdbx_ordinal 
'Wolberger, C.' 1 
'Ringel, A.E.'  2 
# 
_citation.abstract                  ? 
_citation.abstract_id_CAS           ? 
_citation.book_id_ISBN              ? 
_citation.book_publisher            ? 
_citation.book_publisher_city       ? 
_citation.book_title                ? 
_citation.coordinate_linkage        ? 
_citation.country                   ? 
_citation.database_id_Medline       ? 
_citation.details                   ? 
_citation.id                        primary 
_citation.journal_abbrev            'Acta Crystallogr D Struct Biol' 
_citation.journal_id_ASTM           ? 
_citation.journal_id_CSD            ? 
_citation.journal_id_ISSN           2059-7983 
_citation.journal_full              ? 
_citation.journal_issue             ? 
_citation.journal_volume            72 
_citation.language                  ? 
_citation.page_first                841 
_citation.page_last                 848 
_citation.title                     'Structural basis for acyl-group discrimination by human Gcn5L2.' 
_citation.year                      2016 
_citation.database_id_CSD           ? 
_citation.pdbx_database_id_DOI      10.1107/S2059798316007907 
_citation.pdbx_database_id_PubMed   27377381 
_citation.unpublished_flag          ? 
# 
loop_
_citation_author.citation_id 
_citation_author.name 
_citation_author.ordinal 
_citation_author.identifier_ORCID 
primary 'Ringel, A.E.'  1 ? 
primary 'Wolberger, C.' 2 ? 
# 
_cell.angle_alpha                  90.00 
_cell.angle_alpha_esd              ? 
_cell.angle_beta                   90.00 
_cell.angle_beta_esd               ? 
_cell.angle_gamma                  120.00 
_cell.angle_gamma_esd              ? 
_cell.entry_id                     5H84 
_cell.details                      ? 
_cell.formula_units_Z              ? 
_cell.length_a                     38.087 
_cell.length_a_esd                 ? 
_cell.length_b                     38.087 
_cell.length_b_esd                 ? 
_cell.length_c                     187.057 
_cell.length_c_esd                 ? 
_cell.volume                       ? 
_cell.volume_esd                   ? 
_cell.Z_PDB                        6 
_cell.reciprocal_angle_alpha       ? 
_cell.reciprocal_angle_beta        ? 
_cell.reciprocal_angle_gamma       ? 
_cell.reciprocal_angle_alpha_esd   ? 
_cell.reciprocal_angle_beta_esd    ? 
_cell.reciprocal_angle_gamma_esd   ? 
_cell.reciprocal_length_a          ? 
_cell.reciprocal_length_b          ? 
_cell.reciprocal_length_c          ? 
_cell.reciprocal_length_a_esd      ? 
_cell.reciprocal_length_b_esd      ? 
_cell.reciprocal_length_c_esd      ? 
_cell.pdbx_unique_axis             ? 
# 
_symmetry.entry_id                         5H84 
_symmetry.cell_setting                     ? 
_symmetry.Int_Tables_number                169 
_symmetry.space_group_name_Hall            ? 
_symmetry.space_group_name_H-M             'P 61' 
_symmetry.pdbx_full_space_group_name_H-M   ? 
# 
loop_
_entity.id 
_entity.type 
_entity.src_method 
_entity.pdbx_description 
_entity.formula_weight 
_entity.pdbx_number_of_molecules 
_entity.pdbx_ec 
_entity.pdbx_mutation 
_entity.pdbx_fragment 
_entity.details 
1 polymer     man 'Histone acetyltransferase KAT2A' 19406.660 1   2.3.1.48 ? ? ? 
2 non-polymer syn 'propionyl Coenzyme A'            823.597   1   ?        ? ? ? 
3 non-polymer syn 1,2-ETHANEDIOL                    62.068    3   ?        ? ? ? 
4 non-polymer syn 'ISOPROPYL ALCOHOL'               60.095    1   ?        ? ? ? 
5 water       nat water                             18.015    105 ?        ? ? ? 
# 
_entity_name_com.entity_id   1 
_entity_name_com.name        
'General control of amino acid synthesis protein 5-like 2,Histone acetyltransferase GCN5,HsGCN5,Lysine acetyltransferase 2A,STAF97' 
# 
_entity_poly.entity_id                      1 
_entity_poly.type                           'polypeptide(L)' 
_entity_poly.nstd_linkage                   no 
_entity_poly.nstd_monomer                   no 
_entity_poly.pdbx_seq_one_letter_code       
;GSGIIEFHVIGNSLTPKANRRVLLWLVGLQNVFSHQLPRMPKEYIARLVFDPKHKTLALIKDGRVIGGICFRMFPTQGFT
EIVFCAVTSNEQVKGYGTHLMNHLKEYHIKHNILYFLTYADEYAIGYFKKQGFSKDIKVPKSRYLGYIKDYEGATLMECE
LNPRIPYT
;
_entity_poly.pdbx_seq_one_letter_code_can   
;GSGIIEFHVIGNSLTPKANRRVLLWLVGLQNVFSHQLPRMPKEYIARLVFDPKHKTLALIKDGRVIGGICFRMFPTQGFT
EIVFCAVTSNEQVKGYGTHLMNHLKEYHIKHNILYFLTYADEYAIGYFKKQGFSKDIKVPKSRYLGYIKDYEGATLMECE
LNPRIPYT
;
_entity_poly.pdbx_strand_id                 A 
_entity_poly.pdbx_target_identifier         ? 
# 
loop_
_entity_poly_seq.entity_id 
_entity_poly_seq.num 
_entity_poly_seq.mon_id 
_entity_poly_seq.hetero 
1 1   GLY n 
1 2   SER n 
1 3   GLY n 
1 4   ILE n 
1 5   ILE n 
1 6   GLU n 
1 7   PHE n 
1 8   HIS n 
1 9   VAL n 
1 10  ILE n 
1 11  GLY n 
1 12  ASN n 
1 13  SER n 
1 14  LEU n 
1 15  THR n 
1 16  PRO n 
1 17  LYS n 
1 18  ALA n 
1 19  ASN n 
1 20  ARG n 
1 21  ARG n 
1 22  VAL n 
1 23  LEU n 
1 24  LEU n 
1 25  TRP n 
1 26  LEU n 
1 27  VAL n 
1 28  GLY n 
1 29  LEU n 
1 30  GLN n 
1 31  ASN n 
1 32  VAL n 
1 33  PHE n 
1 34  SER n 
1 35  HIS n 
1 36  GLN n 
1 37  LEU n 
1 38  PRO n 
1 39  ARG n 
1 40  MET n 
1 41  PRO n 
1 42  LYS n 
1 43  GLU n 
1 44  TYR n 
1 45  ILE n 
1 46  ALA n 
1 47  ARG n 
1 48  LEU n 
1 49  VAL n 
1 50  PHE n 
1 51  ASP n 
1 52  PRO n 
1 53  LYS n 
1 54  HIS n 
1 55  LYS n 
1 56  THR n 
1 57  LEU n 
1 58  ALA n 
1 59  LEU n 
1 60  ILE n 
1 61  LYS n 
1 62  ASP n 
1 63  GLY n 
1 64  ARG n 
1 65  VAL n 
1 66  ILE n 
1 67  GLY n 
1 68  GLY n 
1 69  ILE n 
1 70  CYS n 
1 71  PHE n 
1 72  ARG n 
1 73  MET n 
1 74  PHE n 
1 75  PRO n 
1 76  THR n 
1 77  GLN n 
1 78  GLY n 
1 79  PHE n 
1 80  THR n 
1 81  GLU n 
1 82  ILE n 
1 83  VAL n 
1 84  PHE n 
1 85  CYS n 
1 86  ALA n 
1 87  VAL n 
1 88  THR n 
1 89  SER n 
1 90  ASN n 
1 91  GLU n 
1 92  GLN n 
1 93  VAL n 
1 94  LYS n 
1 95  GLY n 
1 96  TYR n 
1 97  GLY n 
1 98  THR n 
1 99  HIS n 
1 100 LEU n 
1 101 MET n 
1 102 ASN n 
1 103 HIS n 
1 104 LEU n 
1 105 LYS n 
1 106 GLU n 
1 107 TYR n 
1 108 HIS n 
1 109 ILE n 
1 110 LYS n 
1 111 HIS n 
1 112 ASN n 
1 113 ILE n 
1 114 LEU n 
1 115 TYR n 
1 116 PHE n 
1 117 LEU n 
1 118 THR n 
1 119 TYR n 
1 120 ALA n 
1 121 ASP n 
1 122 GLU n 
1 123 TYR n 
1 124 ALA n 
1 125 ILE n 
1 126 GLY n 
1 127 TYR n 
1 128 PHE n 
1 129 LYS n 
1 130 LYS n 
1 131 GLN n 
1 132 GLY n 
1 133 PHE n 
1 134 SER n 
1 135 LYS n 
1 136 ASP n 
1 137 ILE n 
1 138 LYS n 
1 139 VAL n 
1 140 PRO n 
1 141 LYS n 
1 142 SER n 
1 143 ARG n 
1 144 TYR n 
1 145 LEU n 
1 146 GLY n 
1 147 TYR n 
1 148 ILE n 
1 149 LYS n 
1 150 ASP n 
1 151 TYR n 
1 152 GLU n 
1 153 GLY n 
1 154 ALA n 
1 155 THR n 
1 156 LEU n 
1 157 MET n 
1 158 GLU n 
1 159 CYS n 
1 160 GLU n 
1 161 LEU n 
1 162 ASN n 
1 163 PRO n 
1 164 ARG n 
1 165 ILE n 
1 166 PRO n 
1 167 TYR n 
1 168 THR n 
# 
_entity_src_gen.entity_id                          1 
_entity_src_gen.pdbx_src_id                        1 
_entity_src_gen.pdbx_alt_source_flag               sample 
_entity_src_gen.pdbx_seq_type                      'Biological sequence' 
_entity_src_gen.pdbx_beg_seq_num                   1 
_entity_src_gen.pdbx_end_seq_num                   168 
_entity_src_gen.gene_src_common_name               Human 
_entity_src_gen.gene_src_genus                     ? 
_entity_src_gen.pdbx_gene_src_gene                 'KAT2A, GCN5, GCN5L2, HGCN5' 
_entity_src_gen.gene_src_species                   ? 
_entity_src_gen.gene_src_strain                    ? 
_entity_src_gen.gene_src_tissue                    ? 
_entity_src_gen.gene_src_tissue_fraction           ? 
_entity_src_gen.gene_src_details                   ? 
_entity_src_gen.pdbx_gene_src_fragment             ? 
_entity_src_gen.pdbx_gene_src_scientific_name      'Homo sapiens' 
_entity_src_gen.pdbx_gene_src_ncbi_taxonomy_id     9606 
_entity_src_gen.pdbx_gene_src_variant              ? 
_entity_src_gen.pdbx_gene_src_cell_line            ? 
_entity_src_gen.pdbx_gene_src_atcc                 ? 
_entity_src_gen.pdbx_gene_src_organ                ? 
_entity_src_gen.pdbx_gene_src_organelle            ? 
_entity_src_gen.pdbx_gene_src_cell                 ? 
_entity_src_gen.pdbx_gene_src_cellular_location    ? 
_entity_src_gen.host_org_common_name               ? 
_entity_src_gen.pdbx_host_org_scientific_name      'Escherichia coli' 
_entity_src_gen.pdbx_host_org_ncbi_taxonomy_id     562 
_entity_src_gen.host_org_genus                     ? 
_entity_src_gen.pdbx_host_org_gene                 ? 
_entity_src_gen.pdbx_host_org_organ                ? 
_entity_src_gen.host_org_species                   ? 
_entity_src_gen.pdbx_host_org_tissue               ? 
_entity_src_gen.pdbx_host_org_tissue_fraction      ? 
_entity_src_gen.pdbx_host_org_strain               ? 
_entity_src_gen.pdbx_host_org_variant              ? 
_entity_src_gen.pdbx_host_org_cell_line            ? 
_entity_src_gen.pdbx_host_org_atcc                 ? 
_entity_src_gen.pdbx_host_org_culture_collection   ? 
_entity_src_gen.pdbx_host_org_cell                 ? 
_entity_src_gen.pdbx_host_org_organelle            ? 
_entity_src_gen.pdbx_host_org_cellular_location    ? 
_entity_src_gen.pdbx_host_org_vector_type          ? 
_entity_src_gen.pdbx_host_org_vector               ? 
_entity_src_gen.host_org_details                   ? 
_entity_src_gen.expression_system_id               ? 
_entity_src_gen.plasmid_name                       ? 
_entity_src_gen.plasmid_details                    ? 
_entity_src_gen.pdbx_description                   ? 
# 
_struct_ref.id                         1 
_struct_ref.db_name                    UNP 
_struct_ref.db_code                    KAT2A_HUMAN 
_struct_ref.pdbx_db_accession          Q92830 
_struct_ref.pdbx_db_isoform            ? 
_struct_ref.entity_id                  1 
_struct_ref.pdbx_seq_one_letter_code   
;GIIEFHVIGNSLTPKANRRVLLWLVGLQNVFSHQLPRMPKEYIARLVFDPKHKTLALIKDGRVIGGICFRMFPTQGFTEI
VFCAVTSNEQVKGYGTHLMNHLKEYHIKHNILYFLTYADEYAIGYFKKQGFSKDIKVPKSRYLGYIKDYEGATLMECELN
PRIPYT
;
_struct_ref.pdbx_align_begin           497 
# 
_struct_ref_seq.align_id                      1 
_struct_ref_seq.ref_id                        1 
_struct_ref_seq.pdbx_PDB_id_code              5H84 
_struct_ref_seq.pdbx_strand_id                A 
_struct_ref_seq.seq_align_beg                 3 
_struct_ref_seq.pdbx_seq_align_beg_ins_code   ? 
_struct_ref_seq.seq_align_end                 168 
_struct_ref_seq.pdbx_seq_align_end_ins_code   ? 
_struct_ref_seq.pdbx_db_accession             Q92830 
_struct_ref_seq.db_align_beg                  497 
_struct_ref_seq.pdbx_db_align_beg_ins_code    ? 
_struct_ref_seq.db_align_end                  662 
_struct_ref_seq.pdbx_db_align_end_ins_code    ? 
_struct_ref_seq.pdbx_auth_seq_align_beg       3 
_struct_ref_seq.pdbx_auth_seq_align_end       168 
# 
loop_
_struct_ref_seq_dif.align_id 
_struct_ref_seq_dif.pdbx_pdb_id_code 
_struct_ref_seq_dif.mon_id 
_struct_ref_seq_dif.pdbx_pdb_strand_id 
_struct_ref_seq_dif.seq_num 
_struct_ref_seq_dif.pdbx_pdb_ins_code 
_struct_ref_seq_dif.pdbx_seq_db_name 
_struct_ref_seq_dif.pdbx_seq_db_accession_code 
_struct_ref_seq_dif.db_mon_id 
_struct_ref_seq_dif.pdbx_seq_db_seq_num 
_struct_ref_seq_dif.details 
_struct_ref_seq_dif.pdbx_auth_seq_num 
_struct_ref_seq_dif.pdbx_ordinal 
1 5H84 GLY A 1 ? UNP Q92830 ? ? 'expression tag' 1 1 
1 5H84 SER A 2 ? UNP Q92830 ? ? 'expression tag' 2 2 
# 
loop_
_chem_comp.id 
_chem_comp.type 
_chem_comp.mon_nstd_flag 
_chem_comp.name 
_chem_comp.pdbx_synonyms 
_chem_comp.formula 
_chem_comp.formula_weight 
1VU non-polymer         . 'propionyl Coenzyme A' ?                 'C24 H40 N7 O17 P3 S' 823.597 
ALA 'L-peptide linking' y ALANINE                ?                 'C3 H7 N O2'          89.093  
ARG 'L-peptide linking' y ARGININE               ?                 'C6 H15 N4 O2 1'      175.209 
ASN 'L-peptide linking' y ASPARAGINE             ?                 'C4 H8 N2 O3'         132.118 
ASP 'L-peptide linking' y 'ASPARTIC ACID'        ?                 'C4 H7 N O4'          133.103 
CYS 'L-peptide linking' y CYSTEINE               ?                 'C3 H7 N O2 S'        121.158 
EDO non-polymer         . 1,2-ETHANEDIOL         'ETHYLENE GLYCOL' 'C2 H6 O2'            62.068  
GLN 'L-peptide linking' y GLUTAMINE              ?                 'C5 H10 N2 O3'        146.144 
GLU 'L-peptide linking' y 'GLUTAMIC ACID'        ?                 'C5 H9 N O4'          147.129 
GLY 'peptide linking'   y GLYCINE                ?                 'C2 H5 N O2'          75.067  
HIS 'L-peptide linking' y HISTIDINE              ?                 'C6 H10 N3 O2 1'      156.162 
HOH non-polymer         . WATER                  ?                 'H2 O'                18.015  
ILE 'L-peptide linking' y ISOLEUCINE             ?                 'C6 H13 N O2'         131.173 
IPA non-polymer         . 'ISOPROPYL ALCOHOL'    2-PROPANOL        'C3 H8 O'             60.095  
LEU 'L-peptide linking' y LEUCINE                ?                 'C6 H13 N O2'         131.173 
LYS 'L-peptide linking' y LYSINE                 ?                 'C6 H15 N2 O2 1'      147.195 
MET 'L-peptide linking' y METHIONINE             ?                 'C5 H11 N O2 S'       149.211 
PHE 'L-peptide linking' y PHENYLALANINE          ?                 'C9 H11 N O2'         165.189 
PRO 'L-peptide linking' y PROLINE                ?                 'C5 H9 N O2'          115.130 
SER 'L-peptide linking' y SERINE                 ?                 'C3 H7 N O3'          105.093 
THR 'L-peptide linking' y THREONINE              ?                 'C4 H9 N O3'          119.119 
TRP 'L-peptide linking' y TRYPTOPHAN             ?                 'C11 H12 N2 O2'       204.225 
TYR 'L-peptide linking' y TYROSINE               ?                 'C9 H11 N O3'         181.189 
VAL 'L-peptide linking' y VALINE                 ?                 'C5 H11 N O2'         117.146 
# 
_exptl.absorpt_coefficient_mu     ? 
_exptl.absorpt_correction_T_max   ? 
_exptl.absorpt_correction_T_min   ? 
_exptl.absorpt_correction_type    ? 
_exptl.absorpt_process_details    ? 
_exptl.entry_id                   5H84 
_exptl.crystals_number            ? 
_exptl.details                    ? 
_exptl.method                     'X-RAY DIFFRACTION' 
_exptl.method_details             ? 
# 
_exptl_crystal.colour                      ? 
_exptl_crystal.density_diffrn              ? 
_exptl_crystal.density_Matthews            2.02 
_exptl_crystal.density_method              ? 
_exptl_crystal.density_percent_sol         39.05 
_exptl_crystal.description                 ? 
_exptl_crystal.F_000                       ? 
_exptl_crystal.id                          1 
_exptl_crystal.preparation                 ? 
_exptl_crystal.size_max                    ? 
_exptl_crystal.size_mid                    ? 
_exptl_crystal.size_min                    ? 
_exptl_crystal.size_rad                    ? 
_exptl_crystal.colour_lustre               ? 
_exptl_crystal.colour_modifier             ? 
_exptl_crystal.colour_primary              ? 
_exptl_crystal.density_meas                ? 
_exptl_crystal.density_meas_esd            ? 
_exptl_crystal.density_meas_gt             ? 
_exptl_crystal.density_meas_lt             ? 
_exptl_crystal.density_meas_temp           ? 
_exptl_crystal.density_meas_temp_esd       ? 
_exptl_crystal.density_meas_temp_gt        ? 
_exptl_crystal.density_meas_temp_lt        ? 
_exptl_crystal.pdbx_crystal_image_url      ? 
_exptl_crystal.pdbx_crystal_image_format   ? 
_exptl_crystal.pdbx_mosaicity              ? 
_exptl_crystal.pdbx_mosaicity_esd          ? 
# 
_exptl_crystal_grow.apparatus       ? 
_exptl_crystal_grow.atmosphere      ? 
_exptl_crystal_grow.crystal_id      1 
_exptl_crystal_grow.details         ? 
_exptl_crystal_grow.method          'VAPOR DIFFUSION, HANGING DROP' 
_exptl_crystal_grow.method_ref      ? 
_exptl_crystal_grow.pH              9.0 
_exptl_crystal_grow.pressure        ? 
_exptl_crystal_grow.pressure_esd    ? 
_exptl_crystal_grow.seeding         ? 
_exptl_crystal_grow.seeding_ref     ? 
_exptl_crystal_grow.temp            293 
_exptl_crystal_grow.temp_details    ? 
_exptl_crystal_grow.temp_esd        ? 
_exptl_crystal_grow.time            ? 
_exptl_crystal_grow.pdbx_details    '20% (v/v) ethanol, 100 mM Tris, pH 9.0' 
_exptl_crystal_grow.pdbx_pH_range   ? 
# 
_diffrn.ambient_environment    ? 
_diffrn.ambient_temp           100 
_diffrn.ambient_temp_details   ? 
_diffrn.ambient_temp_esd       ? 
_diffrn.crystal_id             1 
_diffrn.crystal_support        ? 
_diffrn.crystal_treatment      ? 
_diffrn.details                ? 
_diffrn.id                     1 
_diffrn.ambient_pressure       ? 
_diffrn.ambient_pressure_esd   ? 
_diffrn.ambient_pressure_gt    ? 
_diffrn.ambient_pressure_lt    ? 
_diffrn.ambient_temp_gt        ? 
_diffrn.ambient_temp_lt        ? 
# 
_diffrn_detector.details                      ? 
_diffrn_detector.detector                     CCD 
_diffrn_detector.diffrn_id                    1 
_diffrn_detector.type                         'RIGAKU SATURN 944+' 
_diffrn_detector.area_resol_mean              ? 
_diffrn_detector.dtime                        ? 
_diffrn_detector.pdbx_frames_total            ? 
_diffrn_detector.pdbx_collection_time_total   ? 
_diffrn_detector.pdbx_collection_date         2014-07-22 
# 
_diffrn_radiation.collimation                      ? 
_diffrn_radiation.diffrn_id                        1 
_diffrn_radiation.filter_edge                      ? 
_diffrn_radiation.inhomogeneity                    ? 
_diffrn_radiation.monochromator                    ? 
_diffrn_radiation.polarisn_norm                    ? 
_diffrn_radiation.polarisn_ratio                   ? 
_diffrn_radiation.probe                            ? 
_diffrn_radiation.type                             ? 
_diffrn_radiation.xray_symbol                      ? 
_diffrn_radiation.wavelength_id                    1 
_diffrn_radiation.pdbx_monochromatic_or_laue_m_l   M 
_diffrn_radiation.pdbx_wavelength_list             ? 
_diffrn_radiation.pdbx_wavelength                  ? 
_diffrn_radiation.pdbx_diffrn_protocol             'SINGLE WAVELENGTH' 
_diffrn_radiation.pdbx_analyzer                    ? 
_diffrn_radiation.pdbx_scattering_type             x-ray 
# 
_diffrn_radiation_wavelength.id           1 
_diffrn_radiation_wavelength.wavelength   1.54 
_diffrn_radiation_wavelength.wt           1.0 
# 
_diffrn_source.current                     ? 
_diffrn_source.details                     ? 
_diffrn_source.diffrn_id                   1 
_diffrn_source.power                       ? 
_diffrn_source.size                        ? 
_diffrn_source.source                      'ROTATING ANODE' 
_diffrn_source.target                      ? 
_diffrn_source.type                        'RIGAKU FR-E SUPERBRIGHT' 
_diffrn_source.voltage                     ? 
_diffrn_source.take-off_angle              ? 
_diffrn_source.pdbx_wavelength_list        1.54 
_diffrn_source.pdbx_wavelength             ? 
_diffrn_source.pdbx_synchrotron_beamline   ? 
_diffrn_source.pdbx_synchrotron_site       ? 
# 
_reflns.B_iso_Wilson_estimate            ? 
_reflns.entry_id                         5H84 
_reflns.data_reduction_details           ? 
_reflns.data_reduction_method            ? 
_reflns.d_resolution_high                2.0 
_reflns.d_resolution_low                 29.17 
_reflns.details                          ? 
_reflns.limit_h_max                      ? 
_reflns.limit_h_min                      ? 
_reflns.limit_k_max                      ? 
_reflns.limit_k_min                      ? 
_reflns.limit_l_max                      ? 
_reflns.limit_l_min                      ? 
_reflns.number_all                       ? 
_reflns.number_obs                       10102 
_reflns.observed_criterion               ? 
_reflns.observed_criterion_F_max         ? 
_reflns.observed_criterion_F_min         ? 
_reflns.observed_criterion_I_max         ? 
_reflns.observed_criterion_I_min         ? 
_reflns.observed_criterion_sigma_F       ? 
_reflns.observed_criterion_sigma_I       ? 
_reflns.percent_possible_obs             97.98 
_reflns.R_free_details                   ? 
_reflns.Rmerge_F_all                     ? 
_reflns.Rmerge_F_obs                     ? 
_reflns.Friedel_coverage                 ? 
_reflns.number_gt                        ? 
_reflns.threshold_expression             ? 
_reflns.pdbx_redundancy                  5.1 
_reflns.pdbx_Rmerge_I_obs                0.08675 
_reflns.pdbx_Rmerge_I_all                ? 
_reflns.pdbx_Rsym_value                  ? 
_reflns.pdbx_netI_over_av_sigmaI         ? 
_reflns.pdbx_netI_over_sigmaI            13.91 
_reflns.pdbx_res_netI_over_av_sigmaI_2   ? 
_reflns.pdbx_res_netI_over_sigmaI_2      ? 
_reflns.pdbx_chi_squared                 ? 
_reflns.pdbx_scaling_rejects             ? 
_reflns.pdbx_d_res_high_opt              ? 
_reflns.pdbx_d_res_low_opt               ? 
_reflns.pdbx_d_res_opt_method            ? 
_reflns.phase_calculation_details        ? 
_reflns.pdbx_Rrim_I_all                  ? 
_reflns.pdbx_Rpim_I_all                  ? 
_reflns.pdbx_d_opt                       ? 
_reflns.pdbx_number_measured_all         ? 
_reflns.pdbx_diffrn_id                   1 
_reflns.pdbx_ordinal                     1 
_reflns.pdbx_CC_half                     ? 
_reflns.pdbx_R_split                     ? 
# 
_reflns_shell.d_res_high                  2.0 
_reflns_shell.d_res_low                   2.071 
_reflns_shell.meanI_over_sigI_all         ? 
_reflns_shell.meanI_over_sigI_obs         5.68 
_reflns_shell.number_measured_all         ? 
_reflns_shell.number_measured_obs         ? 
_reflns_shell.number_possible             ? 
_reflns_shell.number_unique_all           ? 
_reflns_shell.number_unique_obs           ? 
_reflns_shell.percent_possible_all        92.71 
_reflns_shell.percent_possible_obs        ? 
_reflns_shell.Rmerge_F_all                ? 
_reflns_shell.Rmerge_F_obs                ? 
_reflns_shell.Rmerge_I_all                ? 
_reflns_shell.Rmerge_I_obs                0.3129 
_reflns_shell.meanI_over_sigI_gt          ? 
_reflns_shell.meanI_over_uI_all           ? 
_reflns_shell.meanI_over_uI_gt            ? 
_reflns_shell.number_measured_gt          ? 
_reflns_shell.number_unique_gt            ? 
_reflns_shell.percent_possible_gt         ? 
_reflns_shell.Rmerge_F_gt                 ? 
_reflns_shell.Rmerge_I_gt                 ? 
_reflns_shell.pdbx_redundancy             3.9 
_reflns_shell.pdbx_Rsym_value             ? 
_reflns_shell.pdbx_chi_squared            ? 
_reflns_shell.pdbx_netI_over_sigmaI_all   ? 
_reflns_shell.pdbx_netI_over_sigmaI_obs   ? 
_reflns_shell.pdbx_Rrim_I_all             ? 
_reflns_shell.pdbx_Rpim_I_all             ? 
_reflns_shell.pdbx_rejects                ? 
_reflns_shell.pdbx_ordinal                1 
_reflns_shell.pdbx_diffrn_id              1 
_reflns_shell.pdbx_CC_half                ? 
_reflns_shell.pdbx_R_split                ? 
# 
_refine.aniso_B[1][1]                            0.21 
_refine.aniso_B[1][2]                            0.21 
_refine.aniso_B[1][3]                            0.00 
_refine.aniso_B[2][2]                            0.21 
_refine.aniso_B[2][3]                            0.00 
_refine.aniso_B[3][3]                            -0.69 
_refine.B_iso_max                                ? 
_refine.B_iso_mean                               19.664 
_refine.B_iso_min                                ? 
_refine.correlation_coeff_Fo_to_Fc               0.957 
_refine.correlation_coeff_Fo_to_Fc_free          0.942 
_refine.details                                  'HYDROGENS HAVE BEEN ADDED IN THE RIDING POSITIONS' 
_refine.diff_density_max                         ? 
_refine.diff_density_max_esd                     ? 
_refine.diff_density_min                         ? 
_refine.diff_density_min_esd                     ? 
_refine.diff_density_rms                         ? 
_refine.diff_density_rms_esd                     ? 
_refine.entry_id                                 5H84 
_refine.pdbx_refine_id                           'X-RAY DIFFRACTION' 
_refine.ls_abs_structure_details                 ? 
_refine.ls_abs_structure_Flack                   ? 
_refine.ls_abs_structure_Flack_esd               ? 
_refine.ls_abs_structure_Rogers                  ? 
_refine.ls_abs_structure_Rogers_esd              ? 
_refine.ls_d_res_high                            2.00 
_refine.ls_d_res_low                             29.17 
_refine.ls_extinction_coef                       ? 
_refine.ls_extinction_coef_esd                   ? 
_refine.ls_extinction_expression                 ? 
_refine.ls_extinction_method                     ? 
_refine.ls_goodness_of_fit_all                   ? 
_refine.ls_goodness_of_fit_all_esd               ? 
_refine.ls_goodness_of_fit_obs                   ? 
_refine.ls_goodness_of_fit_obs_esd               ? 
_refine.ls_hydrogen_treatment                    ? 
_refine.ls_matrix_type                           ? 
_refine.ls_number_constraints                    ? 
_refine.ls_number_parameters                     ? 
_refine.ls_number_reflns_all                     ? 
_refine.ls_number_reflns_obs                     9613 
_refine.ls_number_reflns_R_free                  489 
_refine.ls_number_reflns_R_work                  ? 
_refine.ls_number_restraints                     ? 
_refine.ls_percent_reflns_obs                    97.94 
_refine.ls_percent_reflns_R_free                 4.8 
_refine.ls_R_factor_all                          ? 
_refine.ls_R_factor_obs                          0.16520 
_refine.ls_R_factor_R_free                       0.19534 
_refine.ls_R_factor_R_free_error                 ? 
_refine.ls_R_factor_R_free_error_details         ? 
_refine.ls_R_factor_R_work                       0.16370 
_refine.ls_R_Fsqd_factor_obs                     ? 
_refine.ls_R_I_factor_obs                        ? 
_refine.ls_redundancy_reflns_all                 ? 
_refine.ls_redundancy_reflns_obs                 ? 
_refine.ls_restrained_S_all                      ? 
_refine.ls_restrained_S_obs                      ? 
_refine.ls_shift_over_esd_max                    ? 
_refine.ls_shift_over_esd_mean                   ? 
_refine.ls_structure_factor_coef                 ? 
_refine.ls_weighting_details                     ? 
_refine.ls_weighting_scheme                      ? 
_refine.ls_wR_factor_all                         ? 
_refine.ls_wR_factor_obs                         ? 
_refine.ls_wR_factor_R_free                      ? 
_refine.ls_wR_factor_R_work                      ? 
_refine.occupancy_max                            ? 
_refine.occupancy_min                            ? 
_refine.solvent_model_details                    MASK 
_refine.solvent_model_param_bsol                 ? 
_refine.solvent_model_param_ksol                 ? 
_refine.ls_R_factor_gt                           ? 
_refine.ls_goodness_of_fit_gt                    ? 
_refine.ls_goodness_of_fit_ref                   ? 
_refine.ls_shift_over_su_max                     ? 
_refine.ls_shift_over_su_max_lt                  ? 
_refine.ls_shift_over_su_mean                    ? 
_refine.ls_shift_over_su_mean_lt                 ? 
_refine.pdbx_ls_sigma_I                          ? 
_refine.pdbx_ls_sigma_F                          ? 
_refine.pdbx_ls_sigma_Fsqd                       ? 
_refine.pdbx_data_cutoff_high_absF               ? 
_refine.pdbx_data_cutoff_high_rms_absF           ? 
_refine.pdbx_data_cutoff_low_absF                ? 
_refine.pdbx_isotropic_thermal_model             ? 
_refine.pdbx_ls_cross_valid_method               THROUGHOUT 
_refine.pdbx_method_to_determine_struct          'MOLECULAR REPLACEMENT' 
_refine.pdbx_starting_model                      1Z4R 
_refine.pdbx_stereochemistry_target_values       'MAXIMUM LIKELIHOOD' 
_refine.pdbx_R_Free_selection_details            RANDOM 
_refine.pdbx_stereochem_target_val_spec_case     ? 
_refine.pdbx_overall_ESU_R                       0.218 
_refine.pdbx_overall_ESU_R_Free                  0.158 
_refine.pdbx_solvent_vdw_probe_radii             1.20 
_refine.pdbx_solvent_ion_probe_radii             0.80 
_refine.pdbx_solvent_shrinkage_radii             0.80 
_refine.pdbx_real_space_R                        ? 
_refine.pdbx_density_correlation                 ? 
_refine.pdbx_pd_number_of_powder_patterns        ? 
_refine.pdbx_pd_number_of_points                 ? 
_refine.pdbx_pd_meas_number_of_points            ? 
_refine.pdbx_pd_proc_ls_prof_R_factor            ? 
_refine.pdbx_pd_proc_ls_prof_wR_factor           ? 
_refine.pdbx_pd_Marquardt_correlation_coeff      ? 
_refine.pdbx_pd_Fsqrd_R_factor                   ? 
_refine.pdbx_pd_ls_matrix_band_width             ? 
_refine.pdbx_overall_phase_error                 ? 
_refine.pdbx_overall_SU_R_free_Cruickshank_DPI   ? 
_refine.pdbx_overall_SU_R_free_Blow_DPI          ? 
_refine.pdbx_overall_SU_R_Blow_DPI               ? 
_refine.pdbx_TLS_residual_ADP_flag               ? 
_refine.pdbx_diffrn_id                           1 
_refine.overall_SU_B                             3.691 
_refine.overall_SU_ML                            0.104 
_refine.overall_SU_R_Cruickshank_DPI             ? 
_refine.overall_SU_R_free                        ? 
_refine.overall_FOM_free_R_set                   ? 
_refine.overall_FOM_work_R_set                   ? 
_refine.pdbx_average_fsc_overall                 ? 
_refine.pdbx_average_fsc_work                    ? 
_refine.pdbx_average_fsc_free                    ? 
# 
_refine_hist.pdbx_refine_id                   'X-RAY DIFFRACTION' 
_refine_hist.cycle_id                         1 
_refine_hist.pdbx_number_atoms_protein        1321 
_refine_hist.pdbx_number_atoms_nucleic_acid   0 
_refine_hist.pdbx_number_atoms_ligand         68 
_refine_hist.number_atoms_solvent             105 
_refine_hist.number_atoms_total               1494 
_refine_hist.d_res_high                       2.00 
_refine_hist.d_res_low                        29.17 
# 
loop_
_refine_ls_restr.pdbx_refine_id 
_refine_ls_restr.criterion 
_refine_ls_restr.dev_ideal 
_refine_ls_restr.dev_ideal_target 
_refine_ls_restr.number 
_refine_ls_restr.rejects 
_refine_ls_restr.type 
_refine_ls_restr.weight 
_refine_ls_restr.pdbx_restraint_function 
'X-RAY DIFFRACTION' ? 0.005  0.019  1431 ? r_bond_refined_d             ? ? 
'X-RAY DIFFRACTION' ? 0.001  0.020  1361 ? r_bond_other_d               ? ? 
'X-RAY DIFFRACTION' ? 1.070  2.002  1938 ? r_angle_refined_deg          ? ? 
'X-RAY DIFFRACTION' ? 0.675  3.000  3126 ? r_angle_other_deg            ? ? 
'X-RAY DIFFRACTION' ? 5.187  5.000  167  ? r_dihedral_angle_1_deg       ? ? 
'X-RAY DIFFRACTION' ? 37.190 23.333 60   ? r_dihedral_angle_2_deg       ? ? 
'X-RAY DIFFRACTION' ? 11.726 15.000 233  ? r_dihedral_angle_3_deg       ? ? 
'X-RAY DIFFRACTION' ? 10.021 15.000 6    ? r_dihedral_angle_4_deg       ? ? 
'X-RAY DIFFRACTION' ? 0.063  0.200  207  ? r_chiral_restr               ? ? 
'X-RAY DIFFRACTION' ? 0.004  0.021  1563 ? r_gen_planes_refined         ? ? 
'X-RAY DIFFRACTION' ? 0.001  0.020  338  ? r_gen_planes_other           ? ? 
'X-RAY DIFFRACTION' ? ?      ?      ?    ? r_nbd_refined                ? ? 
'X-RAY DIFFRACTION' ? ?      ?      ?    ? r_nbd_other                  ? ? 
'X-RAY DIFFRACTION' ? ?      ?      ?    ? r_nbtor_refined              ? ? 
'X-RAY DIFFRACTION' ? ?      ?      ?    ? r_nbtor_other                ? ? 
'X-RAY DIFFRACTION' ? ?      ?      ?    ? r_xyhbond_nbd_refined        ? ? 
'X-RAY DIFFRACTION' ? ?      ?      ?    ? r_xyhbond_nbd_other          ? ? 
'X-RAY DIFFRACTION' ? ?      ?      ?    ? r_metal_ion_refined          ? ? 
'X-RAY DIFFRACTION' ? ?      ?      ?    ? r_metal_ion_other            ? ? 
'X-RAY DIFFRACTION' ? ?      ?      ?    ? r_symmetry_vdw_refined       ? ? 
'X-RAY DIFFRACTION' ? ?      ?      ?    ? r_symmetry_vdw_other         ? ? 
'X-RAY DIFFRACTION' ? ?      ?      ?    ? r_symmetry_hbond_refined     ? ? 
'X-RAY DIFFRACTION' ? ?      ?      ?    ? r_symmetry_hbond_other       ? ? 
'X-RAY DIFFRACTION' ? ?      ?      ?    ? r_symmetry_metal_ion_refined ? ? 
'X-RAY DIFFRACTION' ? ?      ?      ?    ? r_symmetry_metal_ion_other   ? ? 
'X-RAY DIFFRACTION' ? ?      ?      ?    ? r_mcbond_it                  ? ? 
'X-RAY DIFFRACTION' ? ?      ?      ?    ? r_mcbond_other               ? ? 
'X-RAY DIFFRACTION' ? ?      ?      ?    ? r_mcangle_it                 ? ? 
'X-RAY DIFFRACTION' ? ?      ?      ?    ? r_mcangle_other              ? ? 
'X-RAY DIFFRACTION' ? ?      ?      ?    ? r_scbond_it                  ? ? 
'X-RAY DIFFRACTION' ? ?      ?      ?    ? r_scbond_other               ? ? 
'X-RAY DIFFRACTION' ? ?      ?      ?    ? r_scangle_it                 ? ? 
'X-RAY DIFFRACTION' ? ?      ?      ?    ? r_scangle_other              ? ? 
'X-RAY DIFFRACTION' ? ?      ?      ?    ? r_long_range_B_refined       ? ? 
'X-RAY DIFFRACTION' ? ?      ?      ?    ? r_long_range_B_other         ? ? 
'X-RAY DIFFRACTION' ? ?      ?      ?    ? r_rigid_bond_restr           ? ? 
'X-RAY DIFFRACTION' ? ?      ?      ?    ? r_sphericity_free            ? ? 
'X-RAY DIFFRACTION' ? ?      ?      ?    ? r_sphericity_bonded          ? ? 
# 
_refine_ls_shell.pdbx_refine_id                   'X-RAY DIFFRACTION' 
_refine_ls_shell.d_res_high                       2.000 
_refine_ls_shell.d_res_low                        2.052 
_refine_ls_shell.number_reflns_all                ? 
_refine_ls_shell.number_reflns_obs                ? 
_refine_ls_shell.number_reflns_R_free             36 
_refine_ls_shell.number_reflns_R_work             653 
_refine_ls_shell.percent_reflns_obs               92.61 
_refine_ls_shell.percent_reflns_R_free            ? 
_refine_ls_shell.R_factor_all                     ? 
_refine_ls_shell.R_factor_obs                     ? 
_refine_ls_shell.R_factor_R_free                  0.280 
_refine_ls_shell.R_factor_R_free_error            ? 
_refine_ls_shell.R_factor_R_work                  0.191 
_refine_ls_shell.redundancy_reflns_all            ? 
_refine_ls_shell.redundancy_reflns_obs            ? 
_refine_ls_shell.wR_factor_all                    ? 
_refine_ls_shell.wR_factor_obs                    ? 
_refine_ls_shell.wR_factor_R_free                 ? 
_refine_ls_shell.wR_factor_R_work                 ? 
_refine_ls_shell.pdbx_total_number_of_bins_used   20 
_refine_ls_shell.pdbx_phase_error                 ? 
_refine_ls_shell.pdbx_fsc_work                    ? 
_refine_ls_shell.pdbx_fsc_free                    ? 
# 
_struct.entry_id                     5H84 
_struct.title                        'Human Gcn5 bound to propionyl-CoA' 
_struct.pdbx_model_details           ? 
_struct.pdbx_formula_weight          ? 
_struct.pdbx_formula_weight_method   ? 
_struct.pdbx_model_type_details      ? 
_struct.pdbx_CASP_flag               ? 
# 
_struct_keywords.entry_id        5H84 
_struct_keywords.text            'Gcn5, Coenzyme A, transferase' 
_struct_keywords.pdbx_keywords   TRANSFERASE 
# 
loop_
_struct_asym.id 
_struct_asym.pdbx_blank_PDB_chainid_flag 
_struct_asym.pdbx_modified 
_struct_asym.entity_id 
_struct_asym.details 
A N N 1 ? 
B N N 2 ? 
C N N 3 ? 
D N N 3 ? 
E N N 3 ? 
F N N 4 ? 
G N N 5 ? 
# 
loop_
_struct_conf.conf_type_id 
_struct_conf.id 
_struct_conf.pdbx_PDB_helix_id 
_struct_conf.beg_label_comp_id 
_struct_conf.beg_label_asym_id 
_struct_conf.beg_label_seq_id 
_struct_conf.pdbx_beg_PDB_ins_code 
_struct_conf.end_label_comp_id 
_struct_conf.end_label_asym_id 
_struct_conf.end_label_seq_id 
_struct_conf.pdbx_end_PDB_ins_code 
_struct_conf.beg_auth_comp_id 
_struct_conf.beg_auth_asym_id 
_struct_conf.beg_auth_seq_id 
_struct_conf.end_auth_comp_id 
_struct_conf.end_auth_asym_id 
_struct_conf.end_auth_seq_id 
_struct_conf.pdbx_PDB_helix_class 
_struct_conf.details 
_struct_conf.pdbx_PDB_helix_length 
HELX_P HELX_P1 AA1 ASN A 19  ? LEU A 37  ? ASN A 19  LEU A 37  1 ? 19 
HELX_P HELX_P2 AA2 PRO A 41  ? PHE A 50  ? PRO A 41  PHE A 50  1 ? 10 
HELX_P HELX_P3 AA3 SER A 89  ? GLN A 92  ? SER A 89  GLN A 92  5 ? 4  
HELX_P HELX_P4 AA4 GLY A 95  ? HIS A 111 ? GLY A 95  HIS A 111 1 ? 17 
HELX_P HELX_P5 AA5 ASP A 121 ? TYR A 123 ? ASP A 121 TYR A 123 5 ? 3  
HELX_P HELX_P6 AA6 ALA A 124 ? GLN A 131 ? ALA A 124 GLN A 131 1 ? 8  
HELX_P HELX_P7 AA7 PRO A 140 ? LEU A 145 ? PRO A 140 LEU A 145 1 ? 6  
# 
_struct_conf_type.id          HELX_P 
_struct_conf_type.criteria    ? 
_struct_conf_type.reference   ? 
# 
_struct_sheet.id               AA1 
_struct_sheet.type             ? 
_struct_sheet.number_strands   7 
_struct_sheet.details          ? 
# 
loop_
_struct_sheet_order.sheet_id 
_struct_sheet_order.range_id_1 
_struct_sheet_order.range_id_2 
_struct_sheet_order.offset 
_struct_sheet_order.sense 
AA1 1 2 ? anti-parallel 
AA1 2 3 ? anti-parallel 
AA1 3 4 ? anti-parallel 
AA1 4 5 ? parallel      
AA1 5 6 ? anti-parallel 
AA1 6 7 ? anti-parallel 
# 
loop_
_struct_sheet_range.sheet_id 
_struct_sheet_range.id 
_struct_sheet_range.beg_label_comp_id 
_struct_sheet_range.beg_label_asym_id 
_struct_sheet_range.beg_label_seq_id 
_struct_sheet_range.pdbx_beg_PDB_ins_code 
_struct_sheet_range.end_label_comp_id 
_struct_sheet_range.end_label_asym_id 
_struct_sheet_range.end_label_seq_id 
_struct_sheet_range.pdbx_end_PDB_ins_code 
_struct_sheet_range.beg_auth_comp_id 
_struct_sheet_range.beg_auth_asym_id 
_struct_sheet_range.beg_auth_seq_id 
_struct_sheet_range.end_auth_comp_id 
_struct_sheet_range.end_auth_asym_id 
_struct_sheet_range.end_auth_seq_id 
AA1 1 GLU A 6   ? GLY A 11  ? GLU A 6   GLY A 11  
AA1 2 LYS A 55  ? LYS A 61  ? LYS A 55  LYS A 61  
AA1 3 ARG A 64  ? PHE A 74  ? ARG A 64  PHE A 74  
AA1 4 PHE A 79  ? VAL A 87  ? PHE A 79  VAL A 87  
AA1 5 TYR A 115 ? ALA A 120 ? TYR A 115 ALA A 120 
AA1 6 THR A 155 ? GLU A 160 ? THR A 155 GLU A 160 
AA1 7 PHE A 133 ? SER A 134 ? PHE A 133 SER A 134 
# 
loop_
_pdbx_struct_sheet_hbond.sheet_id 
_pdbx_struct_sheet_hbond.range_id_1 
_pdbx_struct_sheet_hbond.range_id_2 
_pdbx_struct_sheet_hbond.range_1_label_atom_id 
_pdbx_struct_sheet_hbond.range_1_label_comp_id 
_pdbx_struct_sheet_hbond.range_1_label_asym_id 
_pdbx_struct_sheet_hbond.range_1_label_seq_id 
_pdbx_struct_sheet_hbond.range_1_PDB_ins_code 
_pdbx_struct_sheet_hbond.range_1_auth_atom_id 
_pdbx_struct_sheet_hbond.range_1_auth_comp_id 
_pdbx_struct_sheet_hbond.range_1_auth_asym_id 
_pdbx_struct_sheet_hbond.range_1_auth_seq_id 
_pdbx_struct_sheet_hbond.range_2_label_atom_id 
_pdbx_struct_sheet_hbond.range_2_label_comp_id 
_pdbx_struct_sheet_hbond.range_2_label_asym_id 
_pdbx_struct_sheet_hbond.range_2_label_seq_id 
_pdbx_struct_sheet_hbond.range_2_PDB_ins_code 
_pdbx_struct_sheet_hbond.range_2_auth_atom_id 
_pdbx_struct_sheet_hbond.range_2_auth_comp_id 
_pdbx_struct_sheet_hbond.range_2_auth_asym_id 
_pdbx_struct_sheet_hbond.range_2_auth_seq_id 
AA1 1 2 N HIS A 8   ? N HIS A 8   O ALA A 58  ? O ALA A 58  
AA1 2 3 N LYS A 55  ? N LYS A 55  O PHE A 71  ? O PHE A 71  
AA1 3 4 N ARG A 72  ? N ARG A 72  O GLU A 81  ? O GLU A 81  
AA1 4 5 N ILE A 82  ? N ILE A 82  O LEU A 117 ? O LEU A 117 
AA1 5 6 N ALA A 120 ? N ALA A 120 O THR A 155 ? O THR A 155 
AA1 6 7 O GLU A 158 ? O GLU A 158 N SER A 134 ? N SER A 134 
# 
loop_
_struct_site.id 
_struct_site.pdbx_evidence_code 
_struct_site.pdbx_auth_asym_id 
_struct_site.pdbx_auth_comp_id 
_struct_site.pdbx_auth_seq_id 
_struct_site.pdbx_auth_ins_code 
_struct_site.pdbx_num_residues 
_struct_site.details 
AC1 Software A 1VU 201 ? 31 'binding site for residue 1VU A 201' 
AC2 Software A EDO 202 ? 5  'binding site for residue EDO A 202' 
AC3 Software A EDO 203 ? 5  'binding site for residue EDO A 203' 
AC4 Software A EDO 204 ? 5  'binding site for residue EDO A 204' 
AC5 Software A IPA 205 ? 7  'binding site for residue IPA A 205' 
# 
loop_
_struct_site_gen.id 
_struct_site_gen.site_id 
_struct_site_gen.pdbx_num_res 
_struct_site_gen.label_comp_id 
_struct_site_gen.label_asym_id 
_struct_site_gen.label_seq_id 
_struct_site_gen.pdbx_auth_ins_code 
_struct_site_gen.auth_comp_id 
_struct_site_gen.auth_asym_id 
_struct_site_gen.auth_seq_id 
_struct_site_gen.label_atom_id 
_struct_site_gen.label_alt_id 
_struct_site_gen.symmetry 
_struct_site_gen.details 
1  AC1 31 HIS A 8   ? HIS A 8   . ? 5_554 ? 
2  AC1 31 ALA A 18  ? ALA A 18  . ? 5_554 ? 
3  AC1 31 ASN A 19  ? ASN A 19  . ? 5_554 ? 
4  AC1 31 ARG A 21  ? ARG A 21  . ? 5_554 ? 
5  AC1 31 TRP A 25  ? TRP A 25  . ? 5_554 ? 
6  AC1 31 GLN A 36  ? GLN A 36  . ? 1_555 ? 
7  AC1 31 LEU A 37  ? LEU A 37  . ? 1_555 ? 
8  AC1 31 VAL A 83  ? VAL A 83  . ? 1_555 ? 
9  AC1 31 CYS A 85  ? CYS A 85  . ? 1_555 ? 
10 AC1 31 ALA A 86  ? ALA A 86  . ? 1_555 ? 
11 AC1 31 VAL A 87  ? VAL A 87  . ? 1_555 ? 
12 AC1 31 GLN A 92  ? GLN A 92  . ? 1_555 ? 
13 AC1 31 VAL A 93  ? VAL A 93  . ? 1_555 ? 
14 AC1 31 LYS A 94  ? LYS A 94  . ? 1_555 ? 
15 AC1 31 GLY A 95  ? GLY A 95  . ? 1_555 ? 
16 AC1 31 GLY A 97  ? GLY A 97  . ? 1_555 ? 
17 AC1 31 THR A 98  ? THR A 98  . ? 1_555 ? 
18 AC1 31 THR A 118 ? THR A 118 . ? 1_555 ? 
19 AC1 31 TYR A 119 ? TYR A 119 . ? 1_555 ? 
20 AC1 31 TYR A 123 ? TYR A 123 . ? 1_555 ? 
21 AC1 31 ALA A 124 ? ALA A 124 . ? 1_555 ? 
22 AC1 31 GLY A 126 ? GLY A 126 . ? 1_555 ? 
23 AC1 31 TYR A 127 ? TYR A 127 . ? 1_555 ? 
24 AC1 31 PHE A 128 ? PHE A 128 . ? 1_555 ? 
25 AC1 31 LYS A 130 ? LYS A 130 . ? 1_555 ? 
26 AC1 31 HOH G .   ? HOH A 313 . ? 1_555 ? 
27 AC1 31 HOH G .   ? HOH A 316 . ? 1_555 ? 
28 AC1 31 HOH G .   ? HOH A 338 . ? 1_555 ? 
29 AC1 31 HOH G .   ? HOH A 348 . ? 5_554 ? 
30 AC1 31 HOH G .   ? HOH A 364 . ? 5_554 ? 
31 AC1 31 HOH G .   ? HOH A 373 . ? 1_555 ? 
32 AC2 5  GLY A 3   ? GLY A 3   . ? 1_665 ? 
33 AC2 5  ASP A 51  ? ASP A 51  . ? 1_555 ? 
34 AC2 5  LYS A 53  ? LYS A 53  . ? 1_555 ? 
35 AC2 5  ARG A 72  ? ARG A 72  . ? 1_555 ? 
36 AC2 5  LYS A 149 ? LYS A 149 . ? 1_555 ? 
37 AC3 5  THR A 88  ? THR A 88  . ? 1_555 ? 
38 AC3 5  SER A 89  ? SER A 89  . ? 1_555 ? 
39 AC3 5  ASN A 90  ? ASN A 90  . ? 1_555 ? 
40 AC3 5  LEU A 114 ? LEU A 114 . ? 1_545 ? 
41 AC3 5  TYR A 115 ? TYR A 115 . ? 1_545 ? 
42 AC4 5  THR A 98  ? THR A 98  . ? 1_555 ? 
43 AC4 5  ASN A 102 ? ASN A 102 . ? 1_555 ? 
44 AC4 5  LYS A 105 ? LYS A 105 . ? 1_555 ? 
45 AC4 5  LYS A 130 ? LYS A 130 . ? 1_555 ? 
46 AC4 5  GLN A 131 ? GLN A 131 . ? 1_555 ? 
47 AC5 7  LYS A 17  ? LYS A 17  . ? 5_554 ? 
48 AC5 7  GLN A 77  ? GLN A 77  . ? 1_545 ? 
49 AC5 7  TYR A 115 ? TYR A 115 . ? 1_545 ? 
50 AC5 7  VAL A 139 ? VAL A 139 . ? 1_545 ? 
51 AC5 7  PRO A 140 ? PRO A 140 . ? 1_545 ? 
52 AC5 7  ARG A 143 ? ARG A 143 . ? 1_545 ? 
53 AC5 7  HOH G .   ? HOH A 310 . ? 1_555 ? 
# 
_atom_sites.entry_id                    5H84 
_atom_sites.fract_transf_matrix[1][1]   -0.02622436 
_atom_sites.fract_transf_matrix[1][2]   -0.01516730 
_atom_sites.fract_transf_matrix[1][3]   -0.00118701 
_atom_sites.fract_transf_matrix[2][1]   -0.01238934 
_atom_sites.fract_transf_matrix[2][2]   -0.00677968 
_atom_sites.fract_transf_matrix[2][3]   -0.02682649 
_atom_sites.fract_transf_matrix[3][1]   0.00267862 
_atom_sites.fract_transf_matrix[3][2]   -0.00462603 
_atom_sites.fract_transf_matrix[3][3]   -0.00006797 
_atom_sites.fract_transf_vector[1]      0.159989 
_atom_sites.fract_transf_vector[2]      0.348738 
_atom_sites.fract_transf_vector[3]      -0.000597 
# 
loop_
_atom_type.symbol 
C 
N 
O 
P 
S 
# 
loop_
_atom_site.group_PDB 
_atom_site.id 
_atom_site.type_symbol 
_atom_site.label_atom_id 
_atom_site.label_alt_id 
_atom_site.label_comp_id 
_atom_site.label_asym_id 
_atom_site.label_entity_id 
_atom_site.label_seq_id 
_atom_site.pdbx_PDB_ins_code 
_atom_site.Cartn_x 
_atom_site.Cartn_y 
_atom_site.Cartn_z 
_atom_site.occupancy 
_atom_site.B_iso_or_equiv 
_atom_site.pdbx_formal_charge 
_atom_site.auth_seq_id 
_atom_site.auth_comp_id 
_atom_site.auth_asym_id 
_atom_site.auth_atom_id 
_atom_site.pdbx_PDB_model_num 
ATOM   1    N N   . SER A 1 2   ? 21.935  -0.938  12.561  1.00 41.89 ?  2   SER A N   1 
ATOM   2    C CA  . SER A 1 2   ? 21.389  -0.056  11.479  1.00 40.99 ?  2   SER A CA  1 
ATOM   3    C C   . SER A 1 2   ? 21.154  1.366   11.990  1.00 39.29 ?  2   SER A C   1 
ATOM   4    O O   . SER A 1 2   ? 21.888  2.289   11.632  1.00 38.01 ?  2   SER A O   1 
ATOM   5    C CB  . SER A 1 2   ? 20.085  -0.640  10.940  1.00 42.03 ?  2   SER A CB  1 
ATOM   6    O OG  . SER A 1 2   ? 19.213  -0.962  12.012  1.00 43.30 ?  2   SER A OG  1 
ATOM   7    N N   . GLY A 1 3   ? 20.125  1.528   12.824  1.00 37.53 ?  3   GLY A N   1 
ATOM   8    C CA  . GLY A 1 3   ? 19.808  2.811   13.453  1.00 35.72 ?  3   GLY A CA  1 
ATOM   9    C C   . GLY A 1 3   ? 19.121  3.835   12.560  1.00 33.89 ?  3   GLY A C   1 
ATOM   10   O O   . GLY A 1 3   ? 18.920  4.978   12.972  1.00 34.18 ?  3   GLY A O   1 
ATOM   11   N N   . ILE A 1 4   ? 18.766  3.435   11.342  1.00 30.80 ?  4   ILE A N   1 
ATOM   12   C CA  . ILE A 1 4   ? 18.075  4.317   10.409  1.00 28.72 ?  4   ILE A CA  1 
ATOM   13   C C   . ILE A 1 4   ? 16.856  3.608   9.826   1.00 26.48 ?  4   ILE A C   1 
ATOM   14   O O   . ILE A 1 4   ? 16.790  2.374   9.827   1.00 24.86 ?  4   ILE A O   1 
ATOM   15   C CB  . ILE A 1 4   ? 19.005  4.768   9.266   1.00 29.86 ?  4   ILE A CB  1 
ATOM   16   C CG1 . ILE A 1 4   ? 19.506  3.567   8.455   1.00 30.70 ?  4   ILE A CG1 1 
ATOM   17   C CG2 . ILE A 1 4   ? 20.194  5.552   9.817   1.00 30.81 ?  4   ILE A CG2 1 
ATOM   18   C CD1 . ILE A 1 4   ? 20.250  3.951   7.196   1.00 31.17 ?  4   ILE A CD1 1 
ATOM   19   N N   . ILE A 1 5   ? 15.901  4.387   9.317   1.00 23.55 ?  5   ILE A N   1 
ATOM   20   C CA  . ILE A 1 5   ? 14.737  3.809   8.641   1.00 22.06 ?  5   ILE A CA  1 
ATOM   21   C C   . ILE A 1 5   ? 15.175  2.995   7.431   1.00 20.73 ?  5   ILE A C   1 
ATOM   22   O O   . ILE A 1 5   ? 16.173  3.310   6.782   1.00 20.53 ?  5   ILE A O   1 
ATOM   23   C CB  . ILE A 1 5   ? 13.715  4.865   8.171   1.00 22.03 ?  5   ILE A CB  1 
ATOM   24   C CG1 . ILE A 1 5   ? 14.357  5.862   7.192   1.00 22.18 ?  5   ILE A CG1 1 
ATOM   25   C CG2 . ILE A 1 5   ? 13.087  5.552   9.370   1.00 21.90 ?  5   ILE A CG2 1 
ATOM   26   C CD1 . ILE A 1 5   ? 13.358  6.592   6.322   1.00 22.16 ?  5   ILE A CD1 1 
ATOM   27   N N   . GLU A 1 6   ? 14.431  1.931   7.158   1.00 19.45 ?  6   GLU A N   1 
ATOM   28   C CA  . GLU A 1 6   ? 14.688  1.082   6.014   1.00 18.78 ?  6   GLU A CA  1 
ATOM   29   C C   . GLU A 1 6   ? 13.375  0.753   5.323   1.00 17.70 ?  6   GLU A C   1 
ATOM   30   O O   . GLU A 1 6   ? 12.349  0.567   5.982   1.00 16.95 ?  6   GLU A O   1 
ATOM   31   C CB  . GLU A 1 6   ? 15.366  -0.206  6.460   1.00 19.18 ?  6   GLU A CB  1 
ATOM   32   C CG  . GLU A 1 6   ? 16.767  0.011   7.015   1.00 19.61 ?  6   GLU A CG  1 
ATOM   33   C CD  . GLU A 1 6   ? 17.437  -1.284  7.434   1.00 19.92 ?  6   GLU A CD  1 
ATOM   34   O OE1 . GLU A 1 6   ? 16.825  -2.359  7.278   1.00 19.98 ?  6   GLU A OE1 1 
ATOM   35   O OE2 . GLU A 1 6   ? 18.579  -1.219  7.929   1.00 20.69 ?  6   GLU A OE2 1 
ATOM   36   N N   . PHE A 1 7   ? 13.426  0.701   3.996   1.00 17.02 ?  7   PHE A N   1 
ATOM   37   C CA  . PHE A 1 7   ? 12.308  0.265   3.173   1.00 16.80 ?  7   PHE A CA  1 
ATOM   38   C C   . PHE A 1 7   ? 12.541  -1.162  2.722   1.00 16.46 ?  7   PHE A C   1 
ATOM   39   O O   . PHE A 1 7   ? 13.573  -1.464  2.125   1.00 16.11 ?  7   PHE A O   1 
ATOM   40   C CB  . PHE A 1 7   ? 12.160  1.149   1.937   1.00 16.80 ?  7   PHE A CB  1 
ATOM   41   C CG  . PHE A 1 7   ? 11.680  2.539   2.238   1.00 17.03 ?  7   PHE A CG  1 
ATOM   42   C CD1 . PHE A 1 7   ? 10.341  2.778   2.489   1.00 17.15 ?  7   PHE A CD1 1 
ATOM   43   C CD2 . PHE A 1 7   ? 12.566  3.607   2.261   1.00 17.30 ?  7   PHE A CD2 1 
ATOM   44   C CE1 . PHE A 1 7   ? 9.888   4.054   2.760   1.00 17.34 ?  7   PHE A CE1 1 
ATOM   45   C CE2 . PHE A 1 7   ? 12.117  4.890   2.528   1.00 17.55 ?  7   PHE A CE2 1 
ATOM   46   C CZ  . PHE A 1 7   ? 10.774  5.113   2.773   1.00 17.39 ?  7   PHE A CZ  1 
ATOM   47   N N   . HIS A 1 8   ? 11.574  -2.027  3.006   1.00 15.78 ?  8   HIS A N   1 
ATOM   48   C CA  . HIS A 1 8   ? 11.625  -3.420  2.594   1.00 15.68 ?  8   HIS A CA  1 
ATOM   49   C C   . HIS A 1 8   ? 10.311  -3.784  1.918   1.00 15.15 ?  8   HIS A C   1 
ATOM   50   O O   . HIS A 1 8   ? 9.246   -3.601  2.506   1.00 14.66 ?  8   HIS A O   1 
ATOM   51   C CB  . HIS A 1 8   ? 11.829  -4.323  3.804   1.00 16.20 ?  8   HIS A CB  1 
ATOM   52   C CG  . HIS A 1 8   ? 13.140  -4.127  4.497   1.00 16.74 ?  8   HIS A CG  1 
ATOM   53   N ND1 . HIS A 1 8   ? 14.257  -4.875  4.198   1.00 17.16 ?  8   HIS A ND1 1 
ATOM   54   C CD2 . HIS A 1 8   ? 13.508  -3.274  5.482   1.00 16.88 ?  8   HIS A CD2 1 
ATOM   55   C CE1 . HIS A 1 8   ? 15.258  -4.489  4.972   1.00 17.33 ?  8   HIS A CE1 1 
ATOM   56   N NE2 . HIS A 1 8   ? 14.830  -3.519  5.758   1.00 16.92 ?  8   HIS A NE2 1 
ATOM   57   N N   . VAL A 1 9   ? 10.391  -4.264  0.679   1.00 14.69 ?  9   VAL A N   1 
ATOM   58   C CA  . VAL A 1 9   ? 9.234   -4.829  -0.005  1.00 14.64 ?  9   VAL A CA  1 
ATOM   59   C C   . VAL A 1 9   ? 9.169   -6.293  0.379   1.00 14.35 ?  9   VAL A C   1 
ATOM   60   O O   . VAL A 1 9   ? 10.058  -7.078  0.027   1.00 14.02 ?  9   VAL A O   1 
ATOM   61   C CB  . VAL A 1 9   ? 9.323   -4.699  -1.539  1.00 14.67 ?  9   VAL A CB  1 
ATOM   62   C CG1 . VAL A 1 9   ? 8.162   -5.430  -2.207  1.00 14.91 ?  9   VAL A CG1 1 
ATOM   63   C CG2 . VAL A 1 9   ? 9.314   -3.236  -1.942  1.00 14.71 ?  9   VAL A CG2 1 
ATOM   64   N N   . ILE A 1 10  ? 8.118   -6.655  1.103   1.00 14.25 ?  10  ILE A N   1 
ATOM   65   C CA  . ILE A 1 10  ? 7.989   -8.006  1.630   1.00 14.28 ?  10  ILE A CA  1 
ATOM   66   C C   . ILE A 1 10  ? 6.604   -8.584  1.375   1.00 14.51 ?  10  ILE A C   1 
ATOM   67   O O   . ILE A 1 10  ? 5.720   -7.910  0.853   1.00 14.36 ?  10  ILE A O   1 
ATOM   68   C CB  . ILE A 1 10  ? 8.337   -8.049  3.136   1.00 14.18 ?  10  ILE A CB  1 
ATOM   69   C CG1 . ILE A 1 10  ? 7.525   -7.014  3.924   1.00 14.27 ?  10  ILE A CG1 1 
ATOM   70   C CG2 . ILE A 1 10  ? 9.826   -7.803  3.323   1.00 14.02 ?  10  ILE A CG2 1 
ATOM   71   C CD1 . ILE A 1 10  ? 7.558   -7.215  5.422   1.00 14.36 ?  10  ILE A CD1 1 
ATOM   72   N N   . GLY A 1 11  ? 6.447   -9.856  1.714   1.00 14.61 ?  11  GLY A N   1 
ATOM   73   C CA  . GLY A 1 11  ? 5.186   -10.542 1.563   1.00 15.20 ?  11  GLY A CA  1 
ATOM   74   C C   . GLY A 1 11  ? 5.350   -12.021 1.849   1.00 15.98 ?  11  GLY A C   1 
ATOM   75   O O   . GLY A 1 11  ? 6.390   -12.462 2.353   1.00 15.37 ?  11  GLY A O   1 
ATOM   76   N N   . ASN A 1 12  ? 4.317   -12.765 1.533   1.00 16.73 ?  12  ASN A N   1 
ATOM   77   C CA  . ASN A 1 12  ? 4.258   -14.205 1.640   1.00 17.63 ?  12  ASN A CA  1 
ATOM   78   C C   . ASN A 1 12  ? 4.274   -14.813 0.254   1.00 18.71 ?  12  ASN A C   1 
ATOM   79   O O   . ASN A 1 12  ? 3.324   -14.723 -0.439  1.00 18.53 ?  12  ASN A O   1 
ATOM   80   C CB  . ASN A 1 12  ? 3.000   -14.632 2.368   1.00 18.11 ?  12  ASN A CB  1 
ATOM   81   C CG  . ASN A 1 12  ? 2.775   -16.138 2.343   1.00 18.54 ?  12  ASN A CG  1 
ATOM   82   O OD1 . ASN A 1 12  ? 3.713   -16.890 2.341   1.00 18.70 ?  12  ASN A OD1 1 
ATOM   83   N ND2 . ASN A 1 12  ? 1.552   -16.546 2.378   1.00 18.45 ?  12  ASN A ND2 1 
ATOM   84   N N   . SER A 1 13  ? 5.383   -15.417 -0.124  1.00 19.91 ?  13  SER A N   1 
ATOM   85   C CA  . SER A 1 13  ? 5.521   -15.965 -1.465  1.00 20.79 ?  13  SER A CA  1 
ATOM   86   C C   . SER A 1 13  ? 4.843   -17.337 -1.654  1.00 20.63 ?  13  SER A C   1 
ATOM   87   O O   . SER A 1 13  ? 4.546   -17.714 -2.733  1.00 20.87 ?  13  SER A O   1 
ATOM   88   C CB  . SER A 1 13  ? 6.979   -16.009 -1.899  1.00 21.41 ?  13  SER A CB  1 
ATOM   89   O OG  . SER A 1 13  ? 7.695   -16.994 -1.229  1.00 23.03 ?  13  SER A OG  1 
ATOM   90   N N   . LEU A 1 14  ? 4.631   -18.050 -0.574  1.00 20.64 ?  14  LEU A N   1 
ATOM   91   C CA  . LEU A 1 14  ? 3.942   -19.324 -0.605  1.00 20.78 ?  14  LEU A CA  1 
ATOM   92   C C   . LEU A 1 14  ? 3.495   -19.650 0.786   1.00 20.90 ?  14  LEU A C   1 
ATOM   93   O O   . LEU A 1 14  ? 2.325   -19.768 1.023   1.00 20.41 ?  14  LEU A O   1 
ATOM   94   C CB  . LEU A 1 14  ? 4.820   -20.438 -1.129  1.00 20.93 ?  14  LEU A CB  1 
ATOM   95   C CG  . LEU A 1 14  ? 4.190   -21.813 -1.291  1.00 21.32 ?  14  LEU A CG  1 
ATOM   96   C CD1 . LEU A 1 14  ? 2.967   -21.866 -2.188  1.00 21.42 ?  14  LEU A CD1 1 
ATOM   97   C CD2 . LEU A 1 14  ? 5.233   -22.782 -1.714  1.00 21.49 ?  14  LEU A CD2 1 
ATOM   98   N N   . THR A 1 15  ? 4.478   -19.734 1.678   1.00 20.82 ?  15  THR A N   1 
ATOM   99   C CA  . THR A 1 15  ? 4.281   -19.898 3.108   1.00 21.02 ?  15  THR A CA  1 
ATOM   100  C C   . THR A 1 15  ? 5.152   -18.965 3.901   1.00 21.44 ?  15  THR A C   1 
ATOM   101  O O   . THR A 1 15  ? 6.291   -18.776 3.627   1.00 20.93 ?  15  THR A O   1 
ATOM   102  C CB  . THR A 1 15  ? 4.567   -21.348 3.616   1.00 20.45 ?  15  THR A CB  1 
ATOM   103  O OG1 . THR A 1 15  ? 4.164   -21.485 4.949   1.00 20.14 ?  15  THR A OG1 1 
ATOM   104  C CG2 . THR A 1 15  ? 6.017   -21.651 3.547   1.00 20.49 ?  15  THR A CG2 1 
ATOM   105  N N   . PRO A 1 16  ? 4.556   -18.424 4.929   1.00 22.40 ?  16  PRO A N   1 
ATOM   106  C CA  . PRO A 1 16  ? 5.221   -17.421 5.758   1.00 23.22 ?  16  PRO A CA  1 
ATOM   107  C C   . PRO A 1 16  ? 6.259   -17.993 6.740   1.00 23.26 ?  16  PRO A C   1 
ATOM   108  O O   . PRO A 1 16  ? 6.959   -17.266 7.302   1.00 24.01 ?  16  PRO A O   1 
ATOM   109  C CB  . PRO A 1 16  ? 4.056   -16.747 6.487   1.00 23.28 ?  16  PRO A CB  1 
ATOM   110  C CG  . PRO A 1 16  ? 2.975   -17.738 6.465   1.00 22.81 ?  16  PRO A CG  1 
ATOM   111  C CD  . PRO A 1 16  ? 3.130   -18.548 5.227   1.00 22.51 ?  16  PRO A CD  1 
ATOM   112  N N   . LYS A 1 17  ? 6.345   -19.285 6.908   1.00 23.92 ?  17  LYS A N   1 
ATOM   113  C CA  . LYS A 1 17  ? 7.241   -19.906 7.889   1.00 24.61 ?  17  LYS A CA  1 
ATOM   114  C C   . LYS A 1 17  ? 8.717   -19.888 7.485   1.00 23.75 ?  17  LYS A C   1 
ATOM   115  O O   . LYS A 1 17  ? 9.591   -20.017 8.339   1.00 25.49 ?  17  LYS A O   1 
ATOM   116  C CB  . LYS A 1 17  ? 6.819   -21.351 8.164   1.00 26.14 ?  17  LYS A CB  1 
ATOM   117  C CG  . LYS A 1 17  ? 7.100   -22.328 7.032   1.00 27.85 ?  17  LYS A CG  1 
ATOM   118  C CD  . LYS A 1 17  ? 7.013   -23.765 7.517   1.00 29.34 ?  17  LYS A CD  1 
ATOM   119  C CE  . LYS A 1 17  ? 8.276   -24.156 8.274   1.00 30.45 ?  17  LYS A CE  1 
ATOM   120  N NZ  . LYS A 1 17  ? 9.441   -24.343 7.362   1.00 31.76 ?  17  LYS A NZ  1 
ATOM   121  N N   . ALA A 1 18  ? 8.983   -19.751 6.189   1.00 22.22 ?  18  ALA A N   1 
ATOM   122  C CA  . ALA A 1 18  ? 10.341  -19.873 5.658   1.00 21.66 ?  18  ALA A CA  1 
ATOM   123  C C   . ALA A 1 18  ? 11.284  -18.782 6.179   1.00 20.80 ?  18  ALA A C   1 
ATOM   124  O O   . ALA A 1 18  ? 12.438  -19.061 6.520   1.00 20.58 ?  18  ALA A O   1 
ATOM   125  C CB  . ALA A 1 18  ? 10.306  -19.863 4.141   1.00 21.73 ?  18  ALA A CB  1 
ATOM   126  N N   . ASN A 1 19  ? 10.781  -17.548 6.247   1.00 19.02 ?  19  ASN A N   1 
ATOM   127  C CA  . ASN A 1 19  ? 11.561  -16.412 6.728   1.00 18.13 ?  19  ASN A CA  1 
ATOM   128  C C   . ASN A 1 19  ? 10.884  -15.762 7.942   1.00 18.55 ?  19  ASN A C   1 
ATOM   129  O O   . ASN A 1 19  ? 9.930   -14.999 7.802   1.00 17.46 ?  19  ASN A O   1 
ATOM   130  C CB  . ASN A 1 19  ? 11.768  -15.408 5.586   1.00 17.07 ?  19  ASN A CB  1 
ATOM   131  C CG  . ASN A 1 19  ? 12.717  -14.279 5.953   1.00 16.25 ?  19  ASN A CG  1 
ATOM   132  O OD1 . ASN A 1 19  ? 12.766  -13.836 7.103   1.00 15.38 ?  19  ASN A OD1 1 
ATOM   133  N ND2 . ASN A 1 19  ? 13.470  -13.798 4.967   1.00 15.39 ?  19  ASN A ND2 1 
ATOM   134  N N   . ARG A 1 20  ? 11.394  -16.081 9.135   1.00 19.93 ?  20  ARG A N   1 
ATOM   135  C CA  . ARG A 1 20  ? 10.820  -15.608 10.405  1.00 21.26 ?  20  ARG A CA  1 
ATOM   136  C C   . ARG A 1 20  ? 10.879  -14.097 10.582  1.00 20.24 ?  20  ARG A C   1 
ATOM   137  O O   . ARG A 1 20  ? 9.967   -13.510 11.153  1.00 20.02 ?  20  ARG A O   1 
ATOM   138  C CB  . ARG A 1 20  ? 11.534  -16.250 11.593  1.00 23.02 ?  20  ARG A CB  1 
ATOM   139  C CG  . ARG A 1 20  ? 11.236  -17.723 11.750  1.00 25.72 ?  20  ARG A CG  1 
ATOM   140  C CD  . ARG A 1 20  ? 9.886   -17.932 12.413  1.00 28.11 ?  20  ARG A CD  1 
ATOM   141  N NE  . ARG A 1 20  ? 9.094   -18.921 11.700  1.00 30.98 ?  20  ARG A NE  1 
ATOM   142  C CZ  . ARG A 1 20  ? 7.871   -19.298 12.054  1.00 31.85 ?  20  ARG A CZ  1 
ATOM   143  N NH1 . ARG A 1 20  ? 7.271   -18.781 13.127  1.00 32.60 ?  20  ARG A NH1 1 
ATOM   144  N NH2 . ARG A 1 20  ? 7.252   -20.206 11.325  1.00 32.33 ?  20  ARG A NH2 1 
ATOM   145  N N   . ARG A 1 21  ? 11.964  -13.478 10.125  1.00 19.67 ?  21  ARG A N   1 
ATOM   146  C CA  . ARG A 1 21  ? 12.092  -12.021 10.188  1.00 19.23 ?  21  ARG A CA  1 
ATOM   147  C C   . ARG A 1 21  ? 10.966  -11.357 9.396   1.00 17.53 ?  21  ARG A C   1 
ATOM   148  O O   . ARG A 1 21  ? 10.297  -10.450 9.890   1.00 17.02 ?  21  ARG A O   1 
ATOM   149  C CB  . ARG A 1 21  ? 13.451  -11.578 9.646   1.00 20.53 ?  21  ARG A CB  1 
ATOM   150  C CG  . ARG A 1 21  ? 13.744  -10.087 9.779   1.00 22.33 ?  21  ARG A CG  1 
ATOM   151  C CD  . ARG A 1 21  ? 13.750  -9.617  11.233  1.00 23.84 ?  21  ARG A CD  1 
ATOM   152  N NE  . ARG A 1 21  ? 12.406  -9.263  11.706  1.00 26.54 ?  21  ARG A NE  1 
ATOM   153  C CZ  . ARG A 1 21  ? 12.135  -8.776  12.916  1.00 28.89 ?  21  ARG A CZ  1 
ATOM   154  N NH1 . ARG A 1 21  ? 13.108  -8.569  13.801  1.00 30.13 ?  21  ARG A NH1 1 
ATOM   155  N NH2 . ARG A 1 21  ? 10.879  -8.483  13.243  1.00 30.77 ?  21  ARG A NH2 1 
ATOM   156  N N   . VAL A 1 22  ? 10.761  -11.823 8.169   1.00 16.09 ?  22  VAL A N   1 
ATOM   157  C CA  . VAL A 1 22  ? 9.679   -11.322 7.325   1.00 15.16 ?  22  VAL A CA  1 
ATOM   158  C C   . VAL A 1 22  ? 8.306   -11.601 7.957   1.00 15.05 ?  22  VAL A C   1 
ATOM   159  O O   . VAL A 1 22  ? 7.443   -10.726 7.972   1.00 14.47 ?  22  VAL A O   1 
ATOM   160  C CB  . VAL A 1 22  ? 9.766   -11.913 5.903   1.00 14.74 ?  22  VAL A CB  1 
ATOM   161  C CG1 . VAL A 1 22  ? 8.518   -11.600 5.089   1.00 14.45 ?  22  VAL A CG1 1 
ATOM   162  C CG2 . VAL A 1 22  ? 11.013  -11.383 5.200   1.00 14.84 ?  22  VAL A CG2 1 
ATOM   163  N N   . LEU A 1 23  ? 8.113   -12.814 8.476   1.00 15.08 ?  23  LEU A N   1 
ATOM   164  C CA  . LEU A 1 23  ? 6.879   -13.160 9.183   1.00 15.40 ?  23  LEU A CA  1 
ATOM   165  C C   . LEU A 1 23  ? 6.591   -12.165 10.300  1.00 15.55 ?  23  LEU A C   1 
ATOM   166  O O   . LEU A 1 23  ? 5.464   -11.676 10.437  1.00 15.71 ?  23  LEU A O   1 
ATOM   167  C CB  . LEU A 1 23  ? 6.950   -14.578 9.765   1.00 15.60 ?  23  LEU A CB  1 
ATOM   168  C CG  . LEU A 1 23  ? 5.814   -14.995 10.709  1.00 15.99 ?  23  LEU A CG  1 
ATOM   169  C CD1 . LEU A 1 23  ? 4.455   -14.807 10.055  1.00 16.27 ?  23  LEU A CD1 1 
ATOM   170  C CD2 . LEU A 1 23  ? 5.995   -16.443 11.144  1.00 16.35 ?  23  LEU A CD2 1 
ATOM   171  N N   . LEU A 1 24  ? 7.608   -11.872 11.099  1.00 15.90 ?  24  LEU A N   1 
ATOM   172  C CA  . LEU A 1 24  ? 7.458   -10.930 12.210  1.00 16.03 ?  24  LEU A CA  1 
ATOM   173  C C   . LEU A 1 24  ? 7.092   -9.534  11.718  1.00 15.49 ?  24  LEU A C   1 
ATOM   174  O O   . LEU A 1 24  ? 6.258   -8.853  12.316  1.00 14.99 ?  24  LEU A O   1 
ATOM   175  C CB  . LEU A 1 24  ? 8.738   -10.878 13.044  1.00 16.60 ?  24  LEU A CB  1 
ATOM   176  C CG  . LEU A 1 24  ? 9.014   -12.116 13.908  1.00 17.28 ?  24  LEU A CG  1 
ATOM   177  C CD1 . LEU A 1 24  ? 10.447  -12.077 14.415  1.00 17.23 ?  24  LEU A CD1 1 
ATOM   178  C CD2 . LEU A 1 24  ? 8.030   -12.223 15.065  1.00 17.31 ?  24  LEU A CD2 1 
ATOM   179  N N   . TRP A 1 25  ? 7.717   -9.105  10.629  1.00 15.31 ?  25  TRP A N   1 
ATOM   180  C CA  . TRP A 1 25  ? 7.354   -7.829  10.016  1.00 15.26 ?  25  TRP A CA  1 
ATOM   181  C C   . TRP A 1 25  ? 5.927   -7.835  9.455   1.00 14.79 ?  25  TRP A C   1 
ATOM   182  O O   . TRP A 1 25  ? 5.215   -6.843  9.585   1.00 14.57 ?  25  TRP A O   1 
ATOM   183  C CB  . TRP A 1 25  ? 8.363   -7.433  8.939   1.00 15.69 ?  25  TRP A CB  1 
ATOM   184  C CG  . TRP A 1 25  ? 9.704   -7.050  9.491   1.00 16.52 ?  25  TRP A CG  1 
ATOM   185  C CD1 . TRP A 1 25  ? 9.982   -6.602  10.758  1.00 16.93 ?  25  TRP A CD1 1 
ATOM   186  C CD2 . TRP A 1 25  ? 10.947  -7.030  8.781   1.00 17.30 ?  25  TRP A CD2 1 
ATOM   187  N NE1 . TRP A 1 25  ? 11.321  -6.330  10.880  1.00 17.53 ?  25  TRP A NE1 1 
ATOM   188  C CE2 . TRP A 1 25  ? 11.936  -6.580  9.683   1.00 17.57 ?  25  TRP A CE2 1 
ATOM   189  C CE3 . TRP A 1 25  ? 11.321  -7.356  7.472   1.00 17.87 ?  25  TRP A CE3 1 
ATOM   190  C CZ2 . TRP A 1 25  ? 13.277  -6.454  9.320   1.00 18.19 ?  25  TRP A CZ2 1 
ATOM   191  C CZ3 . TRP A 1 25  ? 12.658  -7.227  7.108   1.00 18.17 ?  25  TRP A CZ3 1 
ATOM   192  C CH2 . TRP A 1 25  ? 13.617  -6.775  8.030   1.00 18.21 ?  25  TRP A CH2 1 
ATOM   193  N N   . LEU A 1 26  ? 5.500   -8.946  8.852   1.00 14.40 ?  26  LEU A N   1 
ATOM   194  C CA  . LEU A 1 26  ? 4.137   -9.035  8.311   1.00 14.27 ?  26  LEU A CA  1 
ATOM   195  C C   . LEU A 1 26  ? 3.094   -8.974  9.435   1.00 14.13 ?  26  LEU A C   1 
ATOM   196  O O   . LEU A 1 26  ? 2.060   -8.317  9.290   1.00 13.44 ?  26  LEU A O   1 
ATOM   197  C CB  . LEU A 1 26  ? 3.955   -10.302 7.460   1.00 14.35 ?  26  LEU A CB  1 
ATOM   198  C CG  . LEU A 1 26  ? 4.776   -10.357 6.163   1.00 14.42 ?  26  LEU A CG  1 
ATOM   199  C CD1 . LEU A 1 26  ? 4.769   -11.763 5.582   1.00 14.77 ?  26  LEU A CD1 1 
ATOM   200  C CD2 . LEU A 1 26  ? 4.284   -9.358  5.129   1.00 14.67 ?  26  LEU A CD2 1 
ATOM   201  N N   . VAL A 1 27  ? 3.378   -9.639  10.557  1.00 14.28 ?  27  VAL A N   1 
ATOM   202  C CA  . VAL A 1 27  ? 2.519   -9.551  11.736  1.00 14.65 ?  27  VAL A CA  1 
ATOM   203  C C   . VAL A 1 27  ? 2.512   -8.119  12.282  1.00 14.74 ?  27  VAL A C   1 
ATOM   204  O O   . VAL A 1 27  ? 1.455   -7.595  12.642  1.00 14.58 ?  27  VAL A O   1 
ATOM   205  C CB  . VAL A 1 27  ? 2.940   -10.563 12.827  1.00 15.06 ?  27  VAL A CB  1 
ATOM   206  C CG1 . VAL A 1 27  ? 2.198   -10.305 14.130  1.00 15.38 ?  27  VAL A CG1 1 
ATOM   207  C CG2 . VAL A 1 27  ? 2.688   -11.990 12.344  1.00 15.22 ?  27  VAL A CG2 1 
ATOM   208  N N   . GLY A 1 28  ? 3.682   -7.484  12.308  1.00 15.15 ?  28  GLY A N   1 
ATOM   209  C CA  . GLY A 1 28  ? 3.815   -6.090  12.686  1.00 15.41 ?  28  GLY A CA  1 
ATOM   210  C C   . GLY A 1 28  ? 2.957   -5.176  11.819  1.00 15.54 ?  28  GLY A C   1 
ATOM   211  O O   . GLY A 1 28  ? 2.284   -4.301  12.319  1.00 15.75 ?  28  GLY A O   1 
ATOM   212  N N   . LEU A 1 29  ? 2.991   -5.403  10.512  1.00 15.89 ?  29  LEU A N   1 
ATOM   213  C CA  . LEU A 1 29  ? 2.191   -4.673  9.537   1.00 15.87 ?  29  LEU A CA  1 
ATOM   214  C C   . LEU A 1 29  ? 0.696   -4.904  9.722   1.00 16.23 ?  29  LEU A C   1 
ATOM   215  O O   . LEU A 1 29  ? -0.096  -3.997  9.712   1.00 15.85 ?  29  LEU A O   1 
ATOM   216  C CB  . LEU A 1 29  ? 2.582   -5.092  8.125   1.00 15.76 ?  29  LEU A CB  1 
ATOM   217  C CG  . LEU A 1 29  ? 3.862   -4.488  7.553   1.00 15.50 ?  29  LEU A CG  1 
ATOM   218  C CD1 . LEU A 1 29  ? 4.328   -5.248  6.329   1.00 15.35 ?  29  LEU A CD1 1 
ATOM   219  C CD2 . LEU A 1 29  ? 3.702   -3.009  7.257   1.00 15.65 ?  29  LEU A CD2 1 
ATOM   220  N N   . GLN A 1 30  ? 0.337   -6.158  9.874   1.00 16.80 ?  30  GLN A N   1 
ATOM   221  C CA  . GLN A 1 30  ? -1.041  -6.525  10.137  1.00 17.70 ?  30  GLN A CA  1 
ATOM   222  C C   . GLN A 1 30  ? -1.570  -5.759  11.344  1.00 17.55 ?  30  GLN A C   1 
ATOM   223  O O   . GLN A 1 30  ? -2.706  -5.283  11.336  1.00 17.48 ?  30  GLN A O   1 
ATOM   224  C CB  . GLN A 1 30  ? -1.138  -8.024  10.393  1.00 18.46 ?  30  GLN A CB  1 
ATOM   225  C CG  . GLN A 1 30  ? -2.433  -8.471  11.041  1.00 19.65 ?  30  GLN A CG  1 
ATOM   226  C CD  . GLN A 1 30  ? -2.508  -9.976  11.190  1.00 20.86 ?  30  GLN A CD  1 
ATOM   227  O OE1 . GLN A 1 30  ? -1.793  -10.717 10.514  1.00 21.12 ?  30  GLN A OE1 1 
ATOM   228  N NE2 . GLN A 1 30  ? -3.392  -10.438 12.068  1.00 22.24 ?  30  GLN A NE2 1 
ATOM   229  N N   . ASN A 1 31  ? -0.743  -5.662  12.378  1.00 17.35 ?  31  ASN A N   1 
ATOM   230  C CA  . ASN A 1 31  ? -1.123  -4.959  13.602  1.00 17.66 ?  31  ASN A CA  1 
ATOM   231  C C   . ASN A 1 31  ? -1.204  -3.446  13.389  1.00 16.92 ?  31  ASN A C   1 
ATOM   232  O O   . ASN A 1 31  ? -2.152  -2.812  13.849  1.00 17.17 ?  31  ASN A O   1 
ATOM   233  C CB  . ASN A 1 31  ? -0.160  -5.304  14.744  1.00 18.17 ?  31  ASN A CB  1 
ATOM   234  C CG  . ASN A 1 31  ? -0.301  -6.744  15.213  1.00 18.97 ?  31  ASN A CG  1 
ATOM   235  O OD1 . ASN A 1 31  ? -1.262  -7.435  14.873  1.00 20.21 ?  31  ASN A OD1 1 
ATOM   236  N ND2 . ASN A 1 31  ? 0.660   -7.203  15.991  1.00 19.35 ?  31  ASN A ND2 1 
ATOM   237  N N   . VAL A 1 32  ? -0.232  -2.873  12.679  1.00 16.31 ?  32  VAL A N   1 
ATOM   238  C CA  . VAL A 1 32  ? -0.267  -1.431  12.372  1.00 16.05 ?  32  VAL A CA  1 
ATOM   239  C C   . VAL A 1 32  ? -1.476  -1.096  11.494  1.00 15.58 ?  32  VAL A C   1 
ATOM   240  O O   . VAL A 1 32  ? -2.212  -0.170  11.802  1.00 15.51 ?  32  VAL A O   1 
ATOM   241  C CB  . VAL A 1 32  ? 1.047   -0.927  11.730  1.00 16.03 ?  32  VAL A CB  1 
ATOM   242  C CG1 . VAL A 1 32  ? 0.885   0.478   11.173  1.00 16.18 ?  32  VAL A CG1 1 
ATOM   243  C CG2 . VAL A 1 32  ? 2.176   -0.942  12.747  1.00 16.55 ?  32  VAL A CG2 1 
ATOM   244  N N   . PHE A 1 33  ? -1.695  -1.854  10.421  1.00 15.30 ?  33  PHE A N   1 
ATOM   245  C CA  . PHE A 1 33  ? -2.884  -1.656  9.582   1.00 15.54 ?  33  PHE A CA  1 
ATOM   246  C C   . PHE A 1 33  ? -4.176  -1.780  10.393  1.00 16.13 ?  33  PHE A C   1 
ATOM   247  O O   . PHE A 1 33  ? -5.085  -0.968  10.249  1.00 15.56 ?  33  PHE A O   1 
ATOM   248  C CB  . PHE A 1 33  ? -2.921  -2.643  8.400   1.00 15.15 ?  33  PHE A CB  1 
ATOM   249  C CG  . PHE A 1 33  ? -1.866  -2.398  7.348   1.00 14.92 ?  33  PHE A CG  1 
ATOM   250  C CD1 . PHE A 1 33  ? -1.480  -1.112  6.997   1.00 14.71 ?  33  PHE A CD1 1 
ATOM   251  C CD2 . PHE A 1 33  ? -1.278  -3.470  6.682   1.00 14.76 ?  33  PHE A CD2 1 
ATOM   252  C CE1 . PHE A 1 33  ? -0.514  -0.902  6.027   1.00 14.54 ?  33  PHE A CE1 1 
ATOM   253  C CE2 . PHE A 1 33  ? -0.320  -3.263  5.706   1.00 14.49 ?  33  PHE A CE2 1 
ATOM   254  C CZ  . PHE A 1 33  ? 0.064   -1.976  5.378   1.00 14.41 ?  33  PHE A CZ  1 
ATOM   255  N N   . SER A 1 34  ? -4.252  -2.789  11.254  1.00 17.36 ?  34  SER A N   1 
ATOM   256  C CA  . SER A 1 34  ? -5.438  -2.987  12.081  1.00 18.64 ?  34  SER A CA  1 
ATOM   257  C C   . SER A 1 34  ? -5.702  -1.802  13.019  1.00 18.99 ?  34  SER A C   1 
ATOM   258  O O   . SER A 1 34  ? -6.848  -1.378  13.180  1.00 19.40 ?  34  SER A O   1 
ATOM   259  C CB  . SER A 1 34  ? -5.315  -4.279  12.888  1.00 19.64 ?  34  SER A CB  1 
ATOM   260  O OG  . SER A 1 34  ? -6.551  -4.579  13.493  1.00 22.55 ?  34  SER A OG  1 
ATOM   261  N N   . HIS A 1 35  ? -4.642  -1.266  13.619  1.00 19.43 ?  35  HIS A N   1 
ATOM   262  C CA  . HIS A 1 35  ? -4.760  -0.159  14.569  1.00 19.96 ?  35  HIS A CA  1 
ATOM   263  C C   . HIS A 1 35  ? -5.133  1.152   13.896  1.00 19.99 ?  35  HIS A C   1 
ATOM   264  O O   . HIS A 1 35  ? -5.912  1.938   14.445  1.00 19.42 ?  35  HIS A O   1 
ATOM   265  C CB  . HIS A 1 35  ? -3.444  0.055   15.334  1.00 20.85 ?  35  HIS A CB  1 
ATOM   266  C CG  . HIS A 1 35  ? -3.054  -1.082  16.226  1.00 21.39 ?  35  HIS A CG  1 
ATOM   267  N ND1 . HIS A 1 35  ? -3.947  -2.039  16.663  1.00 22.41 ?  35  HIS A ND1 1 
ATOM   268  C CD2 . HIS A 1 35  ? -1.862  -1.399  16.784  1.00 22.11 ?  35  HIS A CD2 1 
ATOM   269  C CE1 . HIS A 1 35  ? -3.318  -2.901  17.443  1.00 22.70 ?  35  HIS A CE1 1 
ATOM   270  N NE2 . HIS A 1 35  ? -2.053  -2.534  17.532  1.00 22.64 ?  35  HIS A NE2 1 
ATOM   271  N N   . GLN A 1 36  ? -4.569  1.385   12.713  1.00 19.96 ?  36  GLN A N   1 
ATOM   272  C CA  . GLN A 1 36  ? -4.771  2.635   11.989  1.00 20.28 ?  36  GLN A CA  1 
ATOM   273  C C   . GLN A 1 36  ? -5.970  2.578   11.027  1.00 20.21 ?  36  GLN A C   1 
ATOM   274  O O   . GLN A 1 36  ? -6.390  3.612   10.509  1.00 19.65 ?  36  GLN A O   1 
ATOM   275  C CB  . GLN A 1 36  ? -3.503  3.014   11.213  1.00 20.89 ?  36  GLN A CB  1 
ATOM   276  C CG  . GLN A 1 36  ? -2.206  2.966   12.018  1.00 21.15 ?  36  GLN A CG  1 
ATOM   277  C CD  . GLN A 1 36  ? -2.220  3.855   13.245  1.00 21.42 ?  36  GLN A CD  1 
ATOM   278  O OE1 . GLN A 1 36  ? -2.873  4.902   13.270  1.00 22.25 ?  36  GLN A OE1 1 
ATOM   279  N NE2 . GLN A 1 36  ? -1.499  3.440   14.275  1.00 21.10 ?  36  GLN A NE2 1 
ATOM   280  N N   . LEU A 1 37  ? -6.490  1.376   10.778  1.00 19.91 ?  37  LEU A N   1 
ATOM   281  C CA  . LEU A 1 37  ? -7.699  1.178   9.969   1.00 20.54 ?  37  LEU A CA  1 
ATOM   282  C C   . LEU A 1 37  ? -8.724  0.394   10.788  1.00 20.91 ?  37  LEU A C   1 
ATOM   283  O O   . LEU A 1 37  ? -9.079  -0.730  10.448  1.00 20.57 ?  37  LEU A O   1 
ATOM   284  C CB  . LEU A 1 37  ? -7.375  0.428   8.669   1.00 20.70 ?  37  LEU A CB  1 
ATOM   285  C CG  . LEU A 1 37  ? -6.377  1.108   7.725   1.00 21.19 ?  37  LEU A CG  1 
ATOM   286  C CD1 . LEU A 1 37  ? -5.928  0.155   6.629   1.00 21.46 ?  37  LEU A CD1 1 
ATOM   287  C CD2 . LEU A 1 37  ? -6.997  2.353   7.118   1.00 21.39 ?  37  LEU A CD2 1 
ATOM   288  N N   . PRO A 1 38  ? -9.213  0.997   11.882  1.00 21.89 ?  38  PRO A N   1 
ATOM   289  C CA  . PRO A 1 38  ? -10.009 0.236   12.844  1.00 22.39 ?  38  PRO A CA  1 
ATOM   290  C C   . PRO A 1 38  ? -11.350 -0.274  12.306  1.00 23.84 ?  38  PRO A C   1 
ATOM   291  O O   . PRO A 1 38  ? -11.920 -1.189  12.895  1.00 23.84 ?  38  PRO A O   1 
ATOM   292  C CB  . PRO A 1 38  ? -10.229 1.236   13.985  1.00 22.29 ?  38  PRO A CB  1 
ATOM   293  C CG  . PRO A 1 38  ? -10.134 2.576   13.342  1.00 22.01 ?  38  PRO A CG  1 
ATOM   294  C CD  . PRO A 1 38  ? -9.126  2.425   12.240  1.00 21.83 ?  38  PRO A CD  1 
ATOM   295  N N   . ARG A 1 39  ? -11.848 0.305   11.213  1.00 25.22 ?  39  ARG A N   1 
ATOM   296  C CA  . ARG A 1 39  ? -13.100 -0.153  10.607  1.00 27.46 ?  39  ARG A CA  1 
ATOM   297  C C   . ARG A 1 39  ? -12.927 -1.377  9.697   1.00 28.13 ?  39  ARG A C   1 
ATOM   298  O O   . ARG A 1 39  ? -13.913 -2.037  9.377   1.00 28.80 ?  39  ARG A O   1 
ATOM   299  C CB  . ARG A 1 39  ? -13.793 0.985   9.849   1.00 28.64 ?  39  ARG A CB  1 
ATOM   300  C CG  . ARG A 1 39  ? -14.310 2.098   10.751  1.00 30.02 ?  39  ARG A CG  1 
ATOM   301  C CD  . ARG A 1 39  ? -15.172 3.090   9.977   1.00 31.60 ?  39  ARG A CD  1 
ATOM   302  N NE  . ARG A 1 39  ? -14.385 3.849   9.002   1.00 33.21 ?  39  ARG A NE  1 
ATOM   303  C CZ  . ARG A 1 39  ? -14.882 4.510   7.952   1.00 34.85 ?  39  ARG A CZ  1 
ATOM   304  N NH1 . ARG A 1 39  ? -16.189 4.524   7.700   1.00 34.70 ?  39  ARG A NH1 1 
ATOM   305  N NH2 . ARG A 1 39  ? -14.058 5.166   7.138   1.00 35.63 ?  39  ARG A NH2 1 
ATOM   306  N N   . MET A 1 40  ? -11.692 -1.682  9.288   1.00 28.57 ?  40  MET A N   1 
ATOM   307  C CA  . MET A 1 40  ? -11.406 -2.906  8.524   1.00 29.21 ?  40  MET A CA  1 
ATOM   308  C C   . MET A 1 40  ? -11.382 -4.091  9.489   1.00 29.23 ?  40  MET A C   1 
ATOM   309  O O   . MET A 1 40  ? -10.743 -4.012  10.538  1.00 30.04 ?  40  MET A O   1 
ATOM   310  C CB  . MET A 1 40  ? -10.035 -2.823  7.841   1.00 30.14 ?  40  MET A CB  1 
ATOM   311  C CG  . MET A 1 40  ? -9.903  -1.795  6.729   1.00 30.81 ?  40  MET A CG  1 
ATOM   312  S SD  . MET A 1 40  ? -10.602 -2.315  5.153   1.00 32.07 ?  40  MET A SD  1 
ATOM   313  C CE  . MET A 1 40  ? -10.057 -0.984  4.085   1.00 32.88 ?  40  MET A CE  1 
ATOM   314  N N   . PRO A 1 41  ? -12.061 -5.204  9.144   1.00 28.06 ?  41  PRO A N   1 
ATOM   315  C CA  . PRO A 1 41  ? -11.928 -6.382  10.014  1.00 27.09 ?  41  PRO A CA  1 
ATOM   316  C C   . PRO A 1 41  ? -10.475 -6.872  10.085  1.00 25.66 ?  41  PRO A C   1 
ATOM   317  O O   . PRO A 1 41  ? -9.754  -6.804  9.088   1.00 25.40 ?  41  PRO A O   1 
ATOM   318  C CB  . PRO A 1 41  ? -12.825 -7.434  9.342   1.00 27.36 ?  41  PRO A CB  1 
ATOM   319  C CG  . PRO A 1 41  ? -13.741 -6.663  8.449   1.00 27.61 ?  41  PRO A CG  1 
ATOM   320  C CD  . PRO A 1 41  ? -12.997 -5.433  8.031   1.00 27.90 ?  41  PRO A CD  1 
ATOM   321  N N   . LYS A 1 42  ? -10.055 -7.343  11.258  1.00 24.67 ?  42  LYS A N   1 
ATOM   322  C CA  . LYS A 1 42  ? -8.682  -7.814  11.454  1.00 24.42 ?  42  LYS A CA  1 
ATOM   323  C C   . LYS A 1 42  ? -8.385  -9.031  10.582  1.00 23.66 ?  42  LYS A C   1 
ATOM   324  O O   . LYS A 1 42  ? -7.299  -9.137  10.017  1.00 23.21 ?  42  LYS A O   1 
ATOM   325  C CB  . LYS A 1 42  ? -8.418  -8.152  12.925  1.00 23.77 ?  42  LYS A CB  1 
ATOM   326  N N   . GLU A 1 43  ? -9.350  -9.943  10.472  1.00 23.86 ?  43  GLU A N   1 
ATOM   327  C CA  . GLU A 1 43  ? -9.176  -11.140 9.648   1.00 24.22 ?  43  GLU A CA  1 
ATOM   328  C C   . GLU A 1 43  ? -8.984  -10.788 8.175   1.00 22.50 ?  43  GLU A C   1 
ATOM   329  O O   . GLU A 1 43  ? -8.198  -11.425 7.480   1.00 21.66 ?  43  GLU A O   1 
ATOM   330  C CB  . GLU A 1 43  ? -10.353 -12.100 9.809   1.00 26.34 ?  43  GLU A CB  1 
ATOM   331  C CG  . GLU A 1 43  ? -10.261 -13.322 8.904   1.00 28.67 ?  43  GLU A CG  1 
ATOM   332  C CD  . GLU A 1 43  ? -11.155 -14.473 9.335   1.00 30.85 ?  43  GLU A CD  1 
ATOM   333  O OE1 . GLU A 1 43  ? -12.218 -14.228 9.954   1.00 32.97 ?  43  GLU A OE1 1 
ATOM   334  O OE2 . GLU A 1 43  ? -10.788 -15.631 9.042   1.00 32.51 ?  43  GLU A OE2 1 
ATOM   335  N N   . TYR A 1 44  ? -9.711  -9.776  7.706   1.00 21.55 ?  44  TYR A N   1 
ATOM   336  C CA  . TYR A 1 44  ? -9.580  -9.293  6.333   1.00 20.52 ?  44  TYR A CA  1 
ATOM   337  C C   . TYR A 1 44  ? -8.179  -8.720  6.068   1.00 19.60 ?  44  TYR A C   1 
ATOM   338  O O   . TYR A 1 44  ? -7.552  -9.031  5.048   1.00 19.31 ?  44  TYR A O   1 
ATOM   339  C CB  . TYR A 1 44  ? -10.656 -8.242  6.063   1.00 20.73 ?  44  TYR A CB  1 
ATOM   340  C CG  . TYR A 1 44  ? -10.664 -7.681  4.659   1.00 20.79 ?  44  TYR A CG  1 
ATOM   341  C CD1 . TYR A 1 44  ? -11.105 -8.448  3.586   1.00 20.76 ?  44  TYR A CD1 1 
ATOM   342  C CD2 . TYR A 1 44  ? -10.264 -6.366  4.408   1.00 20.63 ?  44  TYR A CD2 1 
ATOM   343  C CE1 . TYR A 1 44  ? -11.120 -7.937  2.300   1.00 20.77 ?  44  TYR A CE1 1 
ATOM   344  C CE2 . TYR A 1 44  ? -10.283 -5.844  3.129   1.00 20.40 ?  44  TYR A CE2 1 
ATOM   345  C CZ  . TYR A 1 44  ? -10.715 -6.633  2.080   1.00 20.78 ?  44  TYR A CZ  1 
ATOM   346  O OH  . TYR A 1 44  ? -10.736 -6.128  0.801   1.00 21.21 ?  44  TYR A OH  1 
ATOM   347  N N   . ILE A 1 45  ? -7.685  -7.896  6.989   1.00 18.93 ?  45  ILE A N   1 
ATOM   348  C CA  . ILE A 1 45  ? -6.327  -7.358  6.877   1.00 18.55 ?  45  ILE A CA  1 
ATOM   349  C C   . ILE A 1 45  ? -5.316  -8.505  6.858   1.00 18.55 ?  45  ILE A C   1 
ATOM   350  O O   . ILE A 1 45  ? -4.450  -8.559  5.986   1.00 17.51 ?  45  ILE A O   1 
ATOM   351  C CB  . ILE A 1 45  ? -5.997  -6.374  8.020   1.00 18.78 ?  45  ILE A CB  1 
ATOM   352  C CG1 . ILE A 1 45  ? -6.851  -5.107  7.887   1.00 18.89 ?  45  ILE A CG1 1 
ATOM   353  C CG2 . ILE A 1 45  ? -4.513  -6.003  8.015   1.00 18.71 ?  45  ILE A CG2 1 
ATOM   354  C CD1 . ILE A 1 45  ? -6.788  -4.208  9.103   1.00 18.79 ?  45  ILE A CD1 1 
ATOM   355  N N   . ALA A 1 46  ? -5.449  -9.428  7.811   1.00 18.92 ?  46  ALA A N   1 
ATOM   356  C CA  . ALA A 1 46  ? -4.571  -10.600 7.889   1.00 19.63 ?  46  ALA A CA  1 
ATOM   357  C C   . ALA A 1 46  ? -4.531  -11.351 6.563   1.00 20.08 ?  46  ALA A C   1 
ATOM   358  O O   . ALA A 1 46  ? -3.461  -11.671 6.055   1.00 20.08 ?  46  ALA A O   1 
ATOM   359  C CB  . ALA A 1 46  ? -5.027  -11.533 9.006   1.00 19.67 ?  46  ALA A CB  1 
ATOM   360  N N   . ARG A 1 47  ? -5.708  -11.621 6.009   1.00 20.85 ?  47  ARG A N   1 
ATOM   361  C CA  . ARG A 1 47  ? -5.848  -12.377 4.762   1.00 22.12 ?  47  ARG A CA  1 
ATOM   362  C C   . ARG A 1 47  ? -5.065  -11.751 3.598   1.00 20.52 ?  47  ARG A C   1 
ATOM   363  O O   . ARG A 1 47  ? -4.364  -12.448 2.849   1.00 19.61 ?  47  ARG A O   1 
ATOM   364  C CB  . ARG A 1 47  ? -7.334  -12.468 4.401   1.00 25.10 ?  47  ARG A CB  1 
ATOM   365  C CG  . ARG A 1 47  ? -7.668  -13.290 3.162   1.00 28.57 ?  47  ARG A CG  1 
ATOM   366  C CD  . ARG A 1 47  ? -9.054  -12.936 2.622   1.00 31.62 ?  47  ARG A CD  1 
ATOM   367  N NE  . ARG A 1 47  ? -10.055 -12.847 3.687   1.00 34.82 ?  47  ARG A NE  1 
ATOM   368  C CZ  . ARG A 1 47  ? -11.266 -12.303 3.552   1.00 36.80 ?  47  ARG A CZ  1 
ATOM   369  N NH1 . ARG A 1 47  ? -11.666 -11.798 2.387   1.00 37.89 ?  47  ARG A NH1 1 
ATOM   370  N NH2 . ARG A 1 47  ? -12.084 -12.269 4.598   1.00 37.32 ?  47  ARG A NH2 1 
ATOM   371  N N   . LEU A 1 48  ? -5.186  -10.439 3.445   1.00 18.96 ?  48  LEU A N   1 
ATOM   372  C CA  . LEU A 1 48  ? -4.547  -9.748  2.324   1.00 18.65 ?  48  LEU A CA  1 
ATOM   373  C C   . LEU A 1 48  ? -3.044  -9.535  2.523   1.00 17.43 ?  48  LEU A C   1 
ATOM   374  O O   . LEU A 1 48  ? -2.267  -9.678  1.576   1.00 17.18 ?  48  LEU A O   1 
ATOM   375  C CB  . LEU A 1 48  ? -5.262  -8.427  2.034   1.00 18.90 ?  48  LEU A CB  1 
ATOM   376  C CG  . LEU A 1 48  ? -6.669  -8.624  1.465   1.00 19.08 ?  48  LEU A CG  1 
ATOM   377  C CD1 . LEU A 1 48  ? -7.369  -7.289  1.305   1.00 19.62 ?  48  LEU A CD1 1 
ATOM   378  C CD2 . LEU A 1 48  ? -6.631  -9.355  0.133   1.00 19.42 ?  48  LEU A CD2 1 
ATOM   379  N N   . VAL A 1 49  ? -2.629  -9.216  3.744   1.00 16.74 ?  49  VAL A N   1 
ATOM   380  C CA  . VAL A 1 49  ? -1.202  -9.018  4.031   1.00 16.33 ?  49  VAL A CA  1 
ATOM   381  C C   . VAL A 1 49  ? -0.417  -10.305 3.743   1.00 16.13 ?  49  VAL A C   1 
ATOM   382  O O   . VAL A 1 49  ? 0.714   -10.246 3.246   1.00 15.47 ?  49  VAL A O   1 
ATOM   383  C CB  . VAL A 1 49  ? -0.970  -8.537  5.487   1.00 16.25 ?  49  VAL A CB  1 
ATOM   384  C CG1 . VAL A 1 49  ? 0.503   -8.613  5.878   1.00 16.17 ?  49  VAL A CG1 1 
ATOM   385  C CG2 . VAL A 1 49  ? -1.487  -7.114  5.666   1.00 16.12 ?  49  VAL A CG2 1 
ATOM   386  N N   . PHE A 1 50  ? -1.034  -11.453 4.030   1.00 16.05 ?  50  PHE A N   1 
ATOM   387  C CA  . PHE A 1 50  ? -0.401  -12.761 3.839   1.00 16.39 ?  50  PHE A CA  1 
ATOM   388  C C   . PHE A 1 50  ? -0.767  -13.445 2.519   1.00 16.64 ?  50  PHE A C   1 
ATOM   389  O O   . PHE A 1 50  ? -0.362  -14.581 2.281   1.00 16.96 ?  50  PHE A O   1 
ATOM   390  C CB  . PHE A 1 50  ? -0.714  -13.669 5.031   1.00 16.34 ?  50  PHE A CB  1 
ATOM   391  C CG  . PHE A 1 50  ? 0.069   -13.317 6.258   1.00 16.47 ?  50  PHE A CG  1 
ATOM   392  C CD1 . PHE A 1 50  ? 1.351   -13.815 6.439   1.00 16.75 ?  50  PHE A CD1 1 
ATOM   393  C CD2 . PHE A 1 50  ? -0.452  -12.462 7.215   1.00 16.65 ?  50  PHE A CD2 1 
ATOM   394  C CE1 . PHE A 1 50  ? 2.093   -13.477 7.558   1.00 16.97 ?  50  PHE A CE1 1 
ATOM   395  C CE2 . PHE A 1 50  ? 0.288   -12.121 8.337   1.00 16.93 ?  50  PHE A CE2 1 
ATOM   396  C CZ  . PHE A 1 50  ? 1.562   -12.632 8.506   1.00 16.77 ?  50  PHE A CZ  1 
ATOM   397  N N   . ASP A 1 51  ? -1.513  -12.755 1.661   1.00 17.01 ?  51  ASP A N   1 
ATOM   398  C CA  . ASP A 1 51  ? -1.835  -13.277 0.331   1.00 17.61 ?  51  ASP A CA  1 
ATOM   399  C C   . ASP A 1 51  ? -0.629  -13.164 -0.611  1.00 18.05 ?  51  ASP A C   1 
ATOM   400  O O   . ASP A 1 51  ? -0.063  -12.077 -0.761  1.00 17.31 ?  51  ASP A O   1 
ATOM   401  C CB  . ASP A 1 51  ? -3.018  -12.532 -0.280  1.00 17.84 ?  51  ASP A CB  1 
ATOM   402  C CG  . ASP A 1 51  ? -3.361  -13.043 -1.654  1.00 18.51 ?  51  ASP A CG  1 
ATOM   403  O OD1 . ASP A 1 51  ? -3.842  -14.192 -1.743  1.00 20.28 ?  51  ASP A OD1 1 
ATOM   404  O OD2 . ASP A 1 51  ? -3.120  -12.325 -2.644  1.00 18.27 ?  51  ASP A OD2 1 
ATOM   405  N N   . PRO A 1 52  ? -0.234  -14.285 -1.255  1.00 18.72 ?  52  PRO A N   1 
ATOM   406  C CA  . PRO A 1 52  ? 0.921   -14.298 -2.165  1.00 18.87 ?  52  PRO A CA  1 
ATOM   407  C C   . PRO A 1 52  ? 0.871   -13.326 -3.346  1.00 18.84 ?  52  PRO A C   1 
ATOM   408  O O   . PRO A 1 52  ? 1.915   -12.996 -3.894  1.00 18.42 ?  52  PRO A O   1 
ATOM   409  C CB  . PRO A 1 52  ? 0.949   -15.743 -2.678  1.00 19.30 ?  52  PRO A CB  1 
ATOM   410  C CG  . PRO A 1 52  ? 0.304   -16.536 -1.602  1.00 19.22 ?  52  PRO A CG  1 
ATOM   411  C CD  . PRO A 1 52  ? -0.723  -15.648 -0.970  1.00 18.90 ?  52  PRO A CD  1 
ATOM   412  N N   . LYS A 1 53  ? -0.315  -12.874 -3.739  1.00 18.77 ?  53  LYS A N   1 
ATOM   413  C CA  . LYS A 1 53  ? -0.424  -11.902 -4.823  1.00 19.17 ?  53  LYS A CA  1 
ATOM   414  C C   . LYS A 1 53  ? -0.316  -10.456 -4.338  1.00 18.21 ?  53  LYS A C   1 
ATOM   415  O O   . LYS A 1 53  ? -0.283  -9.535  -5.150  1.00 17.81 ?  53  LYS A O   1 
ATOM   416  C CB  . LYS A 1 53  ? -1.718  -12.122 -5.611  1.00 20.78 ?  53  LYS A CB  1 
ATOM   417  C CG  . LYS A 1 53  ? -1.662  -13.394 -6.442  1.00 22.36 ?  53  LYS A CG  1 
ATOM   418  C CD  . LYS A 1 53  ? -3.039  -13.939 -6.750  1.00 24.46 ?  53  LYS A CD  1 
ATOM   419  C CE  . LYS A 1 53  ? -2.944  -15.214 -7.575  1.00 25.42 ?  53  LYS A CE  1 
ATOM   420  N NZ  . LYS A 1 53  ? -2.826  -14.929 -9.028  1.00 26.40 ?  53  LYS A NZ  1 
ATOM   421  N N   . HIS A 1 54  ? -0.255  -10.267 -3.022  1.00 17.17 ?  54  HIS A N   1 
ATOM   422  C CA  . HIS A 1 54  ? -0.086  -8.947  -2.418  1.00 16.65 ?  54  HIS A CA  1 
ATOM   423  C C   . HIS A 1 54  ? 1.312   -8.780  -1.845  1.00 16.02 ?  54  HIS A C   1 
ATOM   424  O O   . HIS A 1 54  ? 1.823   -9.680  -1.176  1.00 15.76 ?  54  HIS A O   1 
ATOM   425  C CB  . HIS A 1 54  ? -1.096  -8.743  -1.292  1.00 16.60 ?  54  HIS A CB  1 
ATOM   426  C CG  . HIS A 1 54  ? -2.488  -8.502  -1.773  1.00 16.99 ?  54  HIS A CG  1 
ATOM   427  N ND1 . HIS A 1 54  ? -3.251  -9.481  -2.367  1.00 17.17 ?  54  HIS A ND1 1 
ATOM   428  C CD2 . HIS A 1 54  ? -3.258  -7.390  -1.746  1.00 17.33 ?  54  HIS A CD2 1 
ATOM   429  C CE1 . HIS A 1 54  ? -4.429  -8.982  -2.694  1.00 17.31 ?  54  HIS A CE1 1 
ATOM   430  N NE2 . HIS A 1 54  ? -4.458  -7.715  -2.327  1.00 17.46 ?  54  HIS A NE2 1 
ATOM   431  N N   . LYS A 1 55  ? 1.911   -7.617  -2.099  1.00 15.23 ?  55  LYS A N   1 
ATOM   432  C CA  . LYS A 1 55  ? 3.175   -7.222  -1.481  1.00 14.85 ?  55  LYS A CA  1 
ATOM   433  C C   . LYS A 1 55  ? 2.919   -6.071  -0.521  1.00 14.03 ?  55  LYS A C   1 
ATOM   434  O O   . LYS A 1 55  ? 1.900   -5.380  -0.622  1.00 13.72 ?  55  LYS A O   1 
ATOM   435  C CB  . LYS A 1 55  ? 4.174   -6.743  -2.535  1.00 15.02 ?  55  LYS A CB  1 
ATOM   436  C CG  . LYS A 1 55  ? 4.372   -7.659  -3.723  1.00 15.45 ?  55  LYS A CG  1 
ATOM   437  C CD  . LYS A 1 55  ? 5.551   -7.189  -4.557  1.00 15.63 ?  55  LYS A CD  1 
ATOM   438  C CE  . LYS A 1 55  ? 5.804   -8.111  -5.738  1.00 16.01 ?  55  LYS A CE  1 
ATOM   439  N NZ  . LYS A 1 55  ? 6.915   -7.610  -6.592  1.00 15.92 ?  55  LYS A NZ  1 
ATOM   440  N N   . THR A 1 56  ? 3.847   -5.852  0.401   1.00 13.55 ?  56  THR A N   1 
ATOM   441  C CA  . THR A 1 56  ? 3.789   -4.678  1.255   1.00 13.25 ?  56  THR A CA  1 
ATOM   442  C C   . THR A 1 56  ? 5.151   -3.999  1.305   1.00 13.07 ?  56  THR A C   1 
ATOM   443  O O   . THR A 1 56  ? 6.159   -4.628  1.639   1.00 13.07 ?  56  THR A O   1 
ATOM   444  C CB  . THR A 1 56  ? 3.315   -5.026  2.683   1.00 13.48 ?  56  THR A CB  1 
ATOM   445  O OG1 . THR A 1 56  ? 2.054   -5.695  2.620   1.00 13.74 ?  56  THR A OG1 1 
ATOM   446  C CG2 . THR A 1 56  ? 3.163   -3.775  3.528   1.00 13.54 ?  56  THR A CG2 1 
ATOM   447  N N   . LEU A 1 57  ? 5.173   -2.715  0.944   1.00 12.80 ?  57  LEU A N   1 
ATOM   448  C CA  . LEU A 1 57  ? 6.330   -1.878  1.182   1.00 12.65 ?  57  LEU A CA  1 
ATOM   449  C C   . LEU A 1 57  ? 6.315   -1.493  2.658   1.00 12.69 ?  57  LEU A C   1 
ATOM   450  O O   . LEU A 1 57  ? 5.463   -0.722  3.083   1.00 12.35 ?  57  LEU A O   1 
ATOM   451  C CB  . LEU A 1 57  ? 6.282   -0.622  0.313   1.00 12.59 ?  57  LEU A CB  1 
ATOM   452  C CG  . LEU A 1 57  ? 7.415   0.387   0.514   1.00 12.61 ?  57  LEU A CG  1 
ATOM   453  C CD1 . LEU A 1 57  ? 8.737   -0.233  0.100   1.00 12.77 ?  57  LEU A CD1 1 
ATOM   454  C CD2 . LEU A 1 57  ? 7.141   1.673   -0.260  1.00 12.54 ?  57  LEU A CD2 1 
ATOM   455  N N   . ALA A 1 58  ? 7.251   -2.037  3.428   1.00 12.92 ?  58  ALA A N   1 
ATOM   456  C CA  . ALA A 1 58  ? 7.315   -1.796  4.870   1.00 13.41 ?  58  ALA A CA  1 
ATOM   457  C C   . ALA A 1 58  ? 8.361   -0.740  5.208   1.00 14.00 ?  58  ALA A C   1 
ATOM   458  O O   . ALA A 1 58  ? 9.456   -0.717  4.634   1.00 13.95 ?  58  ALA A O   1 
ATOM   459  C CB  . ALA A 1 58  ? 7.622   -3.091  5.611   1.00 13.57 ?  58  ALA A CB  1 
ATOM   460  N N   . LEU A 1 59  ? 8.013   0.127   6.151   1.00 14.69 ?  59  LEU A N   1 
ATOM   461  C CA  . LEU A 1 59  ? 8.942   1.085   6.719   1.00 15.66 ?  59  LEU A CA  1 
ATOM   462  C C   . LEU A 1 59  ? 9.335   0.586   8.109   1.00 16.34 ?  59  LEU A C   1 
ATOM   463  O O   . LEU A 1 59  ? 8.490   0.490   9.002   1.00 15.64 ?  59  LEU A O   1 
ATOM   464  C CB  . LEU A 1 59  ? 8.284   2.458   6.811   1.00 15.85 ?  59  LEU A CB  1 
ATOM   465  C CG  . LEU A 1 59  ? 9.107   3.604   7.389   1.00 15.93 ?  59  LEU A CG  1 
ATOM   466  C CD1 . LEU A 1 59  ? 10.337  3.864   6.542   1.00 15.90 ?  59  LEU A CD1 1 
ATOM   467  C CD2 . LEU A 1 59  ? 8.248   4.853   7.498   1.00 15.94 ?  59  LEU A CD2 1 
ATOM   468  N N   . ILE A 1 60  ? 10.617  0.265   8.271   1.00 17.50 ?  60  ILE A N   1 
ATOM   469  C CA  . ILE A 1 60  ? 11.118  -0.399  9.469   1.00 18.88 ?  60  ILE A CA  1 
ATOM   470  C C   . ILE A 1 60  ? 12.116  0.505   10.177  1.00 20.13 ?  60  ILE A C   1 
ATOM   471  O O   . ILE A 1 60  ? 13.061  0.976   9.559   1.00 19.59 ?  60  ILE A O   1 
ATOM   472  C CB  . ILE A 1 60  ? 11.838  -1.715  9.108   1.00 19.37 ?  60  ILE A CB  1 
ATOM   473  C CG1 . ILE A 1 60  ? 10.974  -2.568  8.162   1.00 19.66 ?  60  ILE A CG1 1 
ATOM   474  C CG2 . ILE A 1 60  ? 12.205  -2.494  10.362  1.00 19.31 ?  60  ILE A CG2 1 
ATOM   475  C CD1 . ILE A 1 60  ? 9.619   -2.926  8.721   1.00 20.09 ?  60  ILE A CD1 1 
ATOM   476  N N   . LYS A 1 61  ? 11.901  0.735   11.470  1.00 21.99 ?  61  LYS A N   1 
ATOM   477  C CA  . LYS A 1 61  ? 12.822  1.516   12.292  1.00 23.93 ?  61  LYS A CA  1 
ATOM   478  C C   . LYS A 1 61  ? 13.210  0.688   13.511  1.00 25.41 ?  61  LYS A C   1 
ATOM   479  O O   . LYS A 1 61  ? 12.353  0.354   14.326  1.00 25.86 ?  61  LYS A O   1 
ATOM   480  C CB  . LYS A 1 61  ? 12.166  2.823   12.730  1.00 24.16 ?  61  LYS A CB  1 
ATOM   481  N N   . ASP A 1 62  ? 14.493  0.343   13.614  1.00 28.05 ?  62  ASP A N   1 
ATOM   482  C CA  . ASP A 1 62  ? 15.017  -0.494  14.707  1.00 29.76 ?  62  ASP A CA  1 
ATOM   483  C C   . ASP A 1 62  ? 14.359  -1.871  14.754  1.00 28.79 ?  62  ASP A C   1 
ATOM   484  O O   . ASP A 1 62  ? 13.969  -2.352  15.819  1.00 30.33 ?  62  ASP A O   1 
ATOM   485  C CB  . ASP A 1 62  ? 14.870  0.208   16.067  1.00 31.68 ?  62  ASP A CB  1 
ATOM   486  C CG  . ASP A 1 62  ? 15.742  1.443   16.185  1.00 33.64 ?  62  ASP A CG  1 
ATOM   487  O OD1 . ASP A 1 62  ? 16.965  1.336   15.940  1.00 35.67 ?  62  ASP A OD1 1 
ATOM   488  O OD2 . ASP A 1 62  ? 15.206  2.514   16.545  1.00 34.75 ?  62  ASP A OD2 1 
ATOM   489  N N   . GLY A 1 63  ? 14.238  -2.503  13.592  1.00 27.80 ?  63  GLY A N   1 
ATOM   490  C CA  . GLY A 1 63  ? 13.583  -3.804  13.487  1.00 26.87 ?  63  GLY A CA  1 
ATOM   491  C C   . GLY A 1 63  ? 12.074  -3.787  13.713  1.00 25.77 ?  63  GLY A C   1 
ATOM   492  O O   . GLY A 1 63  ? 11.439  -4.839  13.652  1.00 26.58 ?  63  GLY A O   1 
ATOM   493  N N   . ARG A 1 64  ? 11.499  -2.604  13.952  1.00 23.95 ?  64  ARG A N   1 
ATOM   494  C CA  . ARG A 1 64  ? 10.070  -2.457  14.225  1.00 22.11 ?  64  ARG A CA  1 
ATOM   495  C C   . ARG A 1 64  ? 9.358   -1.831  13.033  1.00 20.44 ?  64  ARG A C   1 
ATOM   496  O O   . ARG A 1 64  ? 9.805   -0.819  12.497  1.00 19.56 ?  64  ARG A O   1 
ATOM   497  C CB  . ARG A 1 64  ? 9.852   -1.567  15.451  1.00 22.52 ?  64  ARG A CB  1 
ATOM   498  N N   . VAL A 1 65  ? 8.241   -2.429  12.629  1.00 19.22 ?  65  VAL A N   1 
ATOM   499  C CA  . VAL A 1 65  ? 7.392   -1.855  11.580  1.00 18.41 ?  65  VAL A CA  1 
ATOM   500  C C   . VAL A 1 65  ? 6.779   -0.556  12.105  1.00 17.32 ?  65  VAL A C   1 
ATOM   501  O O   . VAL A 1 65  ? 6.115   -0.574  13.139  1.00 17.37 ?  65  VAL A O   1 
ATOM   502  C CB  . VAL A 1 65  ? 6.264   -2.830  11.178  1.00 18.08 ?  65  VAL A CB  1 
ATOM   503  C CG1 . VAL A 1 65  ? 5.248   -2.161  10.265  1.00 18.12 ?  65  VAL A CG1 1 
ATOM   504  C CG2 . VAL A 1 65  ? 6.841   -4.059  10.496  1.00 18.51 ?  65  VAL A CG2 1 
ATOM   505  N N   . ILE A 1 66  ? 7.023   0.560   11.417  1.00 16.28 ?  66  ILE A N   1 
ATOM   506  C CA  . ILE A 1 66  ? 6.356   1.837   11.755  1.00 15.92 ?  66  ILE A CA  1 
ATOM   507  C C   . ILE A 1 66  ? 5.372   2.323   10.685  1.00 14.87 ?  66  ILE A C   1 
ATOM   508  O O   . ILE A 1 66  ? 4.674   3.315   10.880  1.00 14.51 ?  66  ILE A O   1 
ATOM   509  C CB  . ILE A 1 66  ? 7.360   2.959   12.096  1.00 16.47 ?  66  ILE A CB  1 
ATOM   510  C CG1 . ILE A 1 66  ? 8.291   3.270   10.924  1.00 16.72 ?  66  ILE A CG1 1 
ATOM   511  C CG2 . ILE A 1 66  ? 8.165   2.574   13.334  1.00 16.78 ?  66  ILE A CG2 1 
ATOM   512  C CD1 . ILE A 1 66  ? 9.039   4.577   11.085  1.00 17.13 ?  66  ILE A CD1 1 
ATOM   513  N N   . GLY A 1 67  ? 5.301   1.613   9.566   1.00 13.90 ?  67  GLY A N   1 
ATOM   514  C CA  . GLY A 1 67  ? 4.299   1.909   8.555   1.00 13.43 ?  67  GLY A CA  1 
ATOM   515  C C   . GLY A 1 67  ? 4.432   1.011   7.352   1.00 12.82 ?  67  GLY A C   1 
ATOM   516  O O   . GLY A 1 67  ? 5.404   0.256   7.229   1.00 12.42 ?  67  GLY A O   1 
ATOM   517  N N   . GLY A 1 68  ? 3.464   1.104   6.448   1.00 12.36 ?  68  GLY A N   1 
ATOM   518  C CA  . GLY A 1 68  ? 3.500   0.299   5.241   1.00 12.09 ?  68  GLY A CA  1 
ATOM   519  C C   . GLY A 1 68  ? 2.421   0.636   4.237   1.00 11.85 ?  68  GLY A C   1 
ATOM   520  O O   . GLY A 1 68  ? 1.414   1.268   4.569   1.00 11.79 ?  68  GLY A O   1 
ATOM   521  N N   . ILE A 1 69  ? 2.660   0.238   2.996   1.00 11.67 ?  69  ILE A N   1 
ATOM   522  C CA  . ILE A 1 69  ? 1.634   0.271   1.967   1.00 11.59 ?  69  ILE A CA  1 
ATOM   523  C C   . ILE A 1 69  ? 1.516   -1.137  1.410   1.00 11.77 ?  69  ILE A C   1 
ATOM   524  O O   . ILE A 1 69  ? 2.477   -1.661  0.836   1.00 11.92 ?  69  ILE A O   1 
ATOM   525  C CB  . ILE A 1 69  ? 1.963   1.262   0.834   1.00 11.61 ?  69  ILE A CB  1 
ATOM   526  C CG1 . ILE A 1 69  ? 2.119   2.674   1.402   1.00 11.76 ?  69  ILE A CG1 1 
ATOM   527  C CG2 . ILE A 1 69  ? 0.875   1.211   -0.242  1.00 11.55 ?  69  ILE A CG2 1 
ATOM   528  C CD1 . ILE A 1 69  ? 2.531   3.711   0.381   1.00 11.79 ?  69  ILE A CD1 1 
ATOM   529  N N   . CYS A 1 70  ? 0.360   -1.758  1.623   1.00 11.75 ?  70  CYS A N   1 
ATOM   530  C CA  . CYS A 1 70  ? 0.058   -3.058  1.034   1.00 11.91 ?  70  CYS A CA  1 
ATOM   531  C C   . CYS A 1 70  ? -0.532  -2.819  -0.343  1.00 12.14 ?  70  CYS A C   1 
ATOM   532  O O   . CYS A 1 70  ? -1.422  -1.988  -0.504  1.00 12.27 ?  70  CYS A O   1 
ATOM   533  C CB  . CYS A 1 70  ? -0.933  -3.839  1.903   1.00 11.71 ?  70  CYS A CB  1 
ATOM   534  S SG  . CYS A 1 70  ? -1.343  -5.490  1.281   1.00 11.92 ?  70  CYS A SG  1 
ATOM   535  N N   . PHE A 1 71  ? -0.038  -3.530  -1.317  1.00 12.71 ?  71  PHE A N   1 
ATOM   536  C CA  . PHE A 1 71  ? -0.461  -3.351  -2.694  1.00 13.03 ?  71  PHE A CA  1 
ATOM   537  C C   . PHE A 1 71  ? -0.509  -4.630  -3.530  1.00 13.46 ?  71  PHE A C   1 
ATOM   538  O O   . PHE A 1 71  ? 0.056   -5.629  -3.162  1.00 13.14 ?  71  PHE A O   1 
ATOM   539  C CB  . PHE A 1 71  ? 0.393   -2.268  -3.410  1.00 20.00 ?  71  PHE A CB  1 
ATOM   540  C CG  . PHE A 1 71  ? 1.855   -2.615  -3.524  1.00 20.00 ?  71  PHE A CG  1 
ATOM   541  C CD1 . PHE A 1 71  ? 2.393   -3.130  -4.685  1.00 20.00 ?  71  PHE A CD1 1 
ATOM   542  C CD2 . PHE A 1 71  ? 2.672   -2.400  -2.473  1.00 20.00 ?  71  PHE A CD2 1 
ATOM   543  C CE1 . PHE A 1 71  ? 3.732   -3.431  -4.771  1.00 20.00 ?  71  PHE A CE1 1 
ATOM   544  C CE2 . PHE A 1 71  ? 3.998   -2.691  -2.529  1.00 20.00 ?  71  PHE A CE2 1 
ATOM   545  C CZ  . PHE A 1 71  ? 4.541   -3.223  -3.677  1.00 20.00 ?  71  PHE A CZ  1 
ATOM   546  N N   . ARG A 1 72  ? -1.135  -4.518  -4.676  1.00 13.95 ?  72  ARG A N   1 
ATOM   547  C CA  . ARG A 1 72  ? -1.169  -5.596  -5.632  1.00 14.71 ?  72  ARG A CA  1 
ATOM   548  C C   . ARG A 1 72  ? -0.907  -5.051  -7.024  1.00 14.64 ?  72  ARG A C   1 
ATOM   549  O O   . ARG A 1 72  ? -1.626  -4.170  -7.505  1.00 14.46 ?  72  ARG A O   1 
ATOM   550  C CB  . ARG A 1 72  ? -2.508  -6.326  -5.599  1.00 15.61 ?  72  ARG A CB  1 
ATOM   551  C CG  . ARG A 1 72  ? -2.568  -7.411  -6.654  1.00 16.69 ?  72  ARG A CG  1 
ATOM   552  C CD  . ARG A 1 72  ? -3.765  -8.297  -6.470  1.00 17.67 ?  72  ARG A CD  1 
ATOM   553  N NE  . ARG A 1 72  ? -3.750  -9.371  -7.455  1.00 18.76 ?  72  ARG A NE  1 
ATOM   554  C CZ  . ARG A 1 72  ? -4.729  -10.263 -7.594  1.00 20.17 ?  72  ARG A CZ  1 
ATOM   555  N NH1 . ARG A 1 72  ? -5.798  -10.201 -6.811  1.00 20.32 ?  72  ARG A NH1 1 
ATOM   556  N NH2 . ARG A 1 72  ? -4.641  -11.212 -8.523  1.00 20.36 ?  72  ARG A NH2 1 
ATOM   557  N N   . MET A 1 73  ? 0.128   -5.594  -7.661  1.00 14.76 ?  73  MET A N   1 
ATOM   558  C CA  . MET A 1 73  ? 0.549   -5.181  -8.989  1.00 15.10 ?  73  MET A CA  1 
ATOM   559  C C   . MET A 1 73  ? -0.226  -5.963  -10.039 1.00 15.41 ?  73  MET A C   1 
ATOM   560  O O   . MET A 1 73  ? -0.325  -7.182  -9.947  1.00 15.32 ?  73  MET A O   1 
ATOM   561  C CB  . MET A 1 73  ? 2.044   -5.456  -9.176  1.00 14.95 ?  73  MET A CB  1 
ATOM   562  C CG  . MET A 1 73  ? 2.933   -4.822  -8.118  1.00 14.82 ?  73  MET A CG  1 
ATOM   563  S SD  . MET A 1 73  ? 4.638   -5.401  -8.205  1.00 14.64 ?  73  MET A SD  1 
ATOM   564  C CE  . MET A 1 73  ? 5.272   -4.318  -9.485  1.00 14.71 ?  73  MET A CE  1 
ATOM   565  N N   . PHE A 1 74  ? -0.765  -5.251  -11.025 1.00 16.22 ?  74  PHE A N   1 
ATOM   566  C CA  . PHE A 1 74  ? -1.417  -5.864  -12.185 1.00 16.87 ?  74  PHE A CA  1 
ATOM   567  C C   . PHE A 1 74  ? -0.670  -5.438  -13.455 1.00 17.92 ?  74  PHE A C   1 
ATOM   568  O O   . PHE A 1 74  ? -1.126  -4.541  -14.172 1.00 17.80 ?  74  PHE A O   1 
ATOM   569  C CB  . PHE A 1 74  ? -2.873  -5.421  -12.272 1.00 16.66 ?  74  PHE A CB  1 
ATOM   570  C CG  . PHE A 1 74  ? -3.741  -5.921  -11.153 1.00 16.32 ?  74  PHE A CG  1 
ATOM   571  C CD1 . PHE A 1 74  ? -4.317  -7.181  -11.214 1.00 16.39 ?  74  PHE A CD1 1 
ATOM   572  C CD2 . PHE A 1 74  ? -4.023  -5.113  -10.060 1.00 16.39 ?  74  PHE A CD2 1 
ATOM   573  C CE1 . PHE A 1 74  ? -5.139  -7.634  -10.196 1.00 16.23 ?  74  PHE A CE1 1 
ATOM   574  C CE2 . PHE A 1 74  ? -4.839  -5.560  -9.040  1.00 16.31 ?  74  PHE A CE2 1 
ATOM   575  C CZ  . PHE A 1 74  ? -5.398  -6.827  -9.109  1.00 16.34 ?  74  PHE A CZ  1 
ATOM   576  N N   . PRO A 1 75  ? 0.453   -6.065  -13.739 1.00 19.62 ?  75  PRO A N   1 
ATOM   577  C CA  . PRO A 1 75  ? 1.320   -5.586  -14.818 1.00 20.54 ?  75  PRO A CA  1 
ATOM   578  C C   . PRO A 1 75  ? 0.655   -5.508  -16.198 1.00 21.44 ?  75  PRO A C   1 
ATOM   579  O O   . PRO A 1 75  ? 0.787   -4.507  -16.856 1.00 22.24 ?  75  PRO A O   1 
ATOM   580  C CB  . PRO A 1 75  ? 2.462   -6.607  -14.856 1.00 20.79 ?  75  PRO A CB  1 
ATOM   581  C CG  . PRO A 1 75  ? 2.079   -7.695  -13.959 1.00 20.41 ?  75  PRO A CG  1 
ATOM   582  C CD  . PRO A 1 75  ? 1.094   -7.155  -12.995 1.00 20.15 ?  75  PRO A CD  1 
ATOM   583  N N   A THR A 1 76  ? -0.185  -6.484  -16.515 0.50 21.60 ?  76  THR A N   1 
ATOM   584  N N   B THR A 1 76  ? -0.069  -6.510  -16.627 0.50 21.62 ?  76  THR A N   1 
ATOM   585  C CA  A THR A 1 76  ? -0.782  -6.528  -17.824 0.50 21.74 ?  76  THR A CA  1 
ATOM   586  C CA  B THR A 1 76  ? -0.684  -6.500  -17.961 0.50 21.75 ?  76  THR A CA  1 
ATOM   587  C C   A THR A 1 76  ? -1.944  -5.555  -17.954 0.50 21.49 ?  76  THR A C   1 
ATOM   588  C C   B THR A 1 76  ? -1.866  -5.525  -18.036 0.50 21.51 ?  76  THR A C   1 
ATOM   589  O O   A THR A 1 76  ? -1.969  -4.828  -18.888 0.50 21.72 ?  76  THR A O   1 
ATOM   590  O O   B THR A 1 76  ? -2.123  -4.956  -19.098 0.50 21.87 ?  76  THR A O   1 
ATOM   591  C CB  A THR A 1 76  ? -1.202  -7.949  -18.239 0.50 21.99 ?  76  THR A CB  1 
ATOM   592  C CB  B THR A 1 76  ? -1.075  -7.920  -18.452 0.50 21.99 ?  76  THR A CB  1 
ATOM   593  O OG1 A THR A 1 76  ? -2.131  -8.473  -17.311 0.50 22.48 ?  76  THR A OG1 1 
ATOM   594  O OG1 B THR A 1 76  ? 0.097   -8.745  -18.541 0.50 22.15 ?  76  THR A OG1 1 
ATOM   595  C CG2 A THR A 1 76  ? -0.040  -8.825  -18.259 0.50 21.73 ?  76  THR A CG2 1 
ATOM   596  C CG2 B THR A 1 76  ? -1.756  -7.881  -19.801 0.50 21.94 ?  76  THR A CG2 1 
ATOM   597  N N   . GLN A 1 77  ? -2.611  -5.338  -16.888 1.00 20.86 ?  77  GLN A N   1 
ATOM   598  C CA  . GLN A 1 77  ? -3.566  -4.259  -16.781 1.00 20.47 ?  77  GLN A CA  1 
ATOM   599  C C   . GLN A 1 77  ? -2.964  -2.854  -16.772 1.00 19.60 ?  77  GLN A C   1 
ATOM   600  O O   . GLN A 1 77  ? -3.591  -1.925  -17.170 1.00 19.89 ?  77  GLN A O   1 
ATOM   601  C CB  . GLN A 1 77  ? -4.525  -4.425  -15.612 1.00 20.92 ?  77  GLN A CB  1 
ATOM   602  C CG  . GLN A 1 77  ? -5.262  -5.735  -15.562 1.00 21.75 ?  77  GLN A CG  1 
ATOM   603  C CD  . GLN A 1 77  ? -6.039  -6.040  -16.818 1.00 22.26 ?  77  GLN A CD  1 
ATOM   604  O OE1 . GLN A 1 77  ? -5.541  -6.699  -17.673 1.00 23.89 ?  77  GLN A OE1 1 
ATOM   605  N NE2 . GLN A 1 77  ? -7.249  -5.555  -16.913 1.00 22.01 ?  77  GLN A NE2 1 
ATOM   606  N N   . GLY A 1 78  ? -1.749  -2.747  -16.315 1.00 18.43 ?  78  GLY A N   1 
ATOM   607  C CA  . GLY A 1 78  ? -1.013  -1.486  -16.326 1.00 17.74 ?  78  GLY A CA  1 
ATOM   608  C C   . GLY A 1 78  ? -1.249  -0.605  -15.111 1.00 16.65 ?  78  GLY A C   1 
ATOM   609  O O   . GLY A 1 78  ? -1.033  0.602   -15.167 1.00 16.71 ?  78  GLY A O   1 
ATOM   610  N N   . PHE A 1 79  ? -1.649  -1.190  -14.007 1.00 15.73 ?  79  PHE A N   1 
ATOM   611  C CA  . PHE A 1 79  ? -1.827  -0.494  -12.772 1.00 15.15 ?  79  PHE A CA  1 
ATOM   612  C C   . PHE A 1 79  ? -1.489  -1.349  -11.551 1.00 14.68 ?  79  PHE A C   1 
ATOM   613  O O   . PHE A 1 79  ? -1.394  -2.548  -11.652 1.00 15.01 ?  79  PHE A O   1 
ATOM   614  C CB  . PHE A 1 79  ? -3.234  0.106   -12.686 1.00 15.31 ?  79  PHE A CB  1 
ATOM   615  C CG  . PHE A 1 79  ? -4.331  -0.911  -12.508 1.00 15.41 ?  79  PHE A CG  1 
ATOM   616  C CD1 . PHE A 1 79  ? -4.658  -1.409  -11.270 1.00 15.62 ?  79  PHE A CD1 1 
ATOM   617  C CD2 . PHE A 1 79  ? -5.067  -1.337  -13.587 1.00 15.82 ?  79  PHE A CD2 1 
ATOM   618  C CE1 . PHE A 1 79  ? -5.690  -2.332  -11.117 1.00 15.92 ?  79  PHE A CE1 1 
ATOM   619  C CE2 . PHE A 1 79  ? -6.093  -2.258  -13.435 1.00 15.97 ?  79  PHE A CE2 1 
ATOM   620  C CZ  . PHE A 1 79  ? -6.390  -2.756  -12.200 1.00 15.87 ?  79  PHE A CZ  1 
ATOM   621  N N   . THR A 1 80  ? -1.340  -0.686  -10.432 1.00 14.12 ?  80  THR A N   1 
ATOM   622  C CA  . THR A 1 80  ? -1.252  -1.276  -9.126  1.00 13.44 ?  80  THR A CA  1 
ATOM   623  C C   . THR A 1 80  ? -2.405  -0.804  -8.222  1.00 13.25 ?  80  THR A C   1 
ATOM   624  O O   . THR A 1 80  ? -2.738  0.345   -8.187  1.00 13.47 ?  80  THR A O   1 
ATOM   625  C CB  . THR A 1 80  ? 0.117   -0.969  -8.475  1.00 13.13 ?  80  THR A CB  1 
ATOM   626  O OG1 . THR A 1 80  ? 1.086   -1.866  -8.973  1.00 12.68 ?  80  THR A OG1 1 
ATOM   627  C CG2 . THR A 1 80  ? 0.066   -1.027  -6.963  1.00 12.91 ?  80  THR A CG2 1 
ATOM   628  N N   . GLU A 1 81  ? -2.980  -1.736  -7.507  1.00 13.18 ?  81  GLU A N   1 
ATOM   629  C CA  . GLU A 1 81  ? -3.956  -1.462  -6.483  1.00 13.18 ?  81  GLU A CA  1 
ATOM   630  C C   . GLU A 1 81  ? -3.294  -1.158  -5.134  1.00 13.17 ?  81  GLU A C   1 
ATOM   631  O O   . GLU A 1 81  ? -2.604  -1.980  -4.621  1.00 13.07 ?  81  GLU A O   1 
ATOM   632  C CB  . GLU A 1 81  ? -4.876  -2.655  -6.334  1.00 13.26 ?  81  GLU A CB  1 
ATOM   633  C CG  . GLU A 1 81  ? -6.033  -2.476  -5.405  1.00 13.39 ?  81  GLU A CG  1 
ATOM   634  C CD  . GLU A 1 81  ? -6.806  -3.748  -5.132  1.00 13.60 ?  81  GLU A CD  1 
ATOM   635  O OE1 . GLU A 1 81  ? -6.304  -4.809  -5.356  1.00 13.85 ?  81  GLU A OE1 1 
ATOM   636  O OE2 . GLU A 1 81  ? -7.884  -3.676  -4.675  1.00 13.48 ?  81  GLU A OE2 1 
ATOM   637  N N   . ILE A 1 82  ? -3.580  -0.004  -4.582  1.00 13.28 ?  82  ILE A N   1 
ATOM   638  C CA  . ILE A 1 82  ? -3.156  0.318   -3.225  1.00 13.64 ?  82  ILE A CA  1 
ATOM   639  C C   . ILE A 1 82  ? -4.252  -0.180  -2.286  1.00 13.55 ?  82  ILE A C   1 
ATOM   640  O O   . ILE A 1 82  ? -5.380  0.311   -2.330  1.00 13.65 ?  82  ILE A O   1 
ATOM   641  C CB  . ILE A 1 82  ? -2.961  1.839   -3.016  1.00 13.99 ?  82  ILE A CB  1 
ATOM   642  C CG1 . ILE A 1 82  ? -2.009  2.443   -4.065  1.00 14.25 ?  82  ILE A CG1 1 
ATOM   643  C CG2 . ILE A 1 82  ? -2.456  2.137   -1.613  1.00 14.11 ?  82  ILE A CG2 1 
ATOM   644  C CD1 . ILE A 1 82  ? -0.634  1.819   -4.108  1.00 14.72 ?  82  ILE A CD1 1 
ATOM   645  N N   . VAL A 1 83  ? -3.912  -1.151  -1.445  1.00 13.37 ?  83  VAL A N   1 
ATOM   646  C CA  . VAL A 1 83  ? -4.881  -1.864  -0.615  1.00 13.43 ?  83  VAL A CA  1 
ATOM   647  C C   . VAL A 1 83  ? -4.982  -1.267  0.793   1.00 13.56 ?  83  VAL A C   1 
ATOM   648  O O   . VAL A 1 83  ? -6.072  -0.900  1.238   1.00 13.42 ?  83  VAL A O   1 
ATOM   649  C CB  . VAL A 1 83  ? -4.523  -3.369  -0.571  1.00 13.71 ?  83  VAL A CB  1 
ATOM   650  C CG1 . VAL A 1 83  ? -5.424  -4.141  0.393   1.00 13.73 ?  83  VAL A CG1 1 
ATOM   651  C CG2 . VAL A 1 83  ? -4.611  -3.949  -1.980  1.00 13.62 ?  83  VAL A CG2 1 
ATOM   652  N N   . PHE A 1 84  ? -3.854  -1.177  1.492   1.00 13.75 ?  84  PHE A N   1 
ATOM   653  C CA  . PHE A 1 84  ? -3.814  -0.541  2.809   1.00 14.02 ?  84  PHE A CA  1 
ATOM   654  C C   . PHE A 1 84  ? -2.667  0.453   2.848   1.00 14.18 ?  84  PHE A C   1 
ATOM   655  O O   . PHE A 1 84  ? -1.604  0.186   2.285   1.00 14.29 ?  84  PHE A O   1 
ATOM   656  C CB  . PHE A 1 84  ? -3.584  -1.566  3.927   1.00 14.14 ?  84  PHE A CB  1 
ATOM   657  C CG  . PHE A 1 84  ? -4.591  -2.679  3.974   1.00 14.09 ?  84  PHE A CG  1 
ATOM   658  C CD1 . PHE A 1 84  ? -5.949  -2.411  4.007   1.00 14.05 ?  84  PHE A CD1 1 
ATOM   659  C CD2 . PHE A 1 84  ? -4.167  -4.011  4.030   1.00 14.24 ?  84  PHE A CD2 1 
ATOM   660  C CE1 . PHE A 1 84  ? -6.876  -3.445  4.061   1.00 14.26 ?  84  PHE A CE1 1 
ATOM   661  C CE2 . PHE A 1 84  ? -5.085  -5.047  4.092   1.00 14.37 ?  84  PHE A CE2 1 
ATOM   662  C CZ  . PHE A 1 84  ? -6.444  -4.766  4.108   1.00 14.37 ?  84  PHE A CZ  1 
ATOM   663  N N   A CYS A 1 85  ? -2.860  1.550   3.568   0.50 14.14 ?  85  CYS A N   1 
ATOM   664  N N   B CYS A 1 85  ? -2.905  1.611   3.471   0.50 14.73 ?  85  CYS A N   1 
ATOM   665  C CA  A CYS A 1 85  ? -1.843  2.579   3.688   0.50 14.26 ?  85  CYS A CA  1 
ATOM   666  C CA  B CYS A 1 85  ? -1.879  2.634   3.715   0.50 15.24 ?  85  CYS A CA  1 
ATOM   667  C C   A CYS A 1 85  ? -1.901  3.187   5.088   0.50 14.54 ?  85  CYS A C   1 
ATOM   668  C C   B CYS A 1 85  ? -1.952  3.071   5.157   0.50 15.12 ?  85  CYS A C   1 
ATOM   669  O O   A CYS A 1 85  ? -2.906  3.792   5.460   0.50 14.73 ?  85  CYS A O   1 
ATOM   670  O O   B CYS A 1 85  ? -3.021  3.464   5.628   0.50 15.31 ?  85  CYS A O   1 
ATOM   671  C CB  A CYS A 1 85  ? -2.080  3.643   2.619   0.50 14.08 ?  85  CYS A CB  1 
ATOM   672  C CB  B CYS A 1 85  ? -2.120  3.885   2.876   0.50 15.69 ?  85  CYS A CB  1 
ATOM   673  S SG  A CYS A 1 85  ? -0.773  4.868   2.496   0.50 13.74 ?  85  CYS A SG  1 
ATOM   674  S SG  B CYS A 1 85  ? -1.873  3.686   1.117   0.50 16.61 ?  85  CYS A SG  1 
ATOM   675  N N   . ALA A 1 86  ? -0.828  3.024   5.860   1.00 14.74 ?  86  ALA A N   1 
ATOM   676  C CA  . ALA A 1 86  ? -0.803  3.476   7.254   1.00 14.69 ?  86  ALA A CA  1 
ATOM   677  C C   . ALA A 1 86  ? 0.587   3.761   7.774   1.00 14.46 ?  86  ALA A C   1 
ATOM   678  O O   . ALA A 1 86  ? 1.559   3.121   7.387   1.00 13.89 ?  86  ALA A O   1 
ATOM   679  C CB  . ALA A 1 86  ? -1.481  2.455   8.159   1.00 14.79 ?  86  ALA A CB  1 
ATOM   680  N N   . VAL A 1 87  ? 0.659   4.754   8.653   1.00 14.74 ?  87  VAL A N   1 
ATOM   681  C CA  . VAL A 1 87  ? 1.833   4.990   9.474   1.00 14.96 ?  87  VAL A CA  1 
ATOM   682  C C   . VAL A 1 87  ? 1.344   4.887   10.914  1.00 15.34 ?  87  VAL A C   1 
ATOM   683  O O   . VAL A 1 87  ? 0.243   5.345   11.231  1.00 15.36 ?  87  VAL A O   1 
ATOM   684  C CB  . VAL A 1 87  ? 2.455   6.372   9.181   1.00 14.79 ?  87  VAL A CB  1 
ATOM   685  C CG1 . VAL A 1 87  ? 3.598   6.673   10.139  1.00 14.90 ?  87  VAL A CG1 1 
ATOM   686  C CG2 . VAL A 1 87  ? 2.934   6.448   7.738   1.00 14.90 ?  87  VAL A CG2 1 
ATOM   687  N N   . THR A 1 88  ? 2.139   4.262   11.778  1.00 15.91 ?  88  THR A N   1 
ATOM   688  C CA  . THR A 1 88  ? 1.778   4.152   13.184  1.00 16.78 ?  88  THR A CA  1 
ATOM   689  C C   . THR A 1 88  ? 1.618   5.563   13.780  1.00 17.16 ?  88  THR A C   1 
ATOM   690  O O   . THR A 1 88  ? 2.316   6.492   13.378  1.00 17.10 ?  88  THR A O   1 
ATOM   691  C CB  . THR A 1 88  ? 2.800   3.301   13.972  1.00 16.97 ?  88  THR A CB  1 
ATOM   692  O OG1 . THR A 1 88  ? 2.250   2.952   15.246  1.00 17.52 ?  88  THR A OG1 1 
ATOM   693  C CG2 . THR A 1 88  ? 4.117   4.036   14.155  1.00 17.00 ?  88  THR A CG2 1 
ATOM   694  N N   . SER A 1 89  ? 0.690   5.702   14.678  1.00 17.90 ?  89  SER A N   1 
ATOM   695  C CA  . SER A 1 89  ? 0.291   6.969   15.232  1.00 18.64 ?  89  SER A CA  1 
ATOM   696  C C   . SER A 1 89  ? 1.394   7.865   15.683  1.00 19.28 ?  89  SER A C   1 
ATOM   697  O O   . SER A 1 89  ? 1.488   8.946   15.258  1.00 18.83 ?  89  SER A O   1 
ATOM   698  C CB  . SER A 1 89  ? -0.640  6.749   16.383  1.00 18.99 ?  89  SER A CB  1 
ATOM   699  O OG  . SER A 1 89  ? -1.780  6.184   15.928  1.00 19.59 ?  89  SER A OG  1 
ATOM   700  N N   . ASN A 1 90  ? 2.218   7.379   16.570  1.00 20.08 ?  90  ASN A N   1 
ATOM   701  C CA  . ASN A 1 90  ? 3.251   8.167   17.137  1.00 20.93 ?  90  ASN A CA  1 
ATOM   702  C C   . ASN A 1 90  ? 4.313   8.632   16.123  1.00 20.37 ?  90  ASN A C   1 
ATOM   703  O O   . ASN A 1 90  ? 5.044   9.511   16.397  1.00 19.84 ?  90  ASN A O   1 
ATOM   704  C CB  . ASN A 1 90  ? 3.880   7.425   18.302  1.00 22.55 ?  90  ASN A CB  1 
ATOM   705  C CG  . ASN A 1 90  ? 4.552   6.172   17.871  1.00 24.54 ?  90  ASN A CG  1 
ATOM   706  O OD1 . ASN A 1 90  ? 5.106   6.085   16.799  1.00 27.66 ?  90  ASN A OD1 1 
ATOM   707  N ND2 . ASN A 1 90  ? 4.548   5.212   18.730  1.00 25.80 ?  90  ASN A ND2 1 
ATOM   708  N N   . GLU A 1 91  ? 4.352   8.036   14.945  1.00 19.52 ?  91  GLU A N   1 
ATOM   709  C CA  . GLU A 1 91  ? 5.286   8.430   13.900  1.00 19.04 ?  91  GLU A CA  1 
ATOM   710  C C   . GLU A 1 91  ? 4.666   9.233   12.772  1.00 17.93 ?  91  GLU A C   1 
ATOM   711  O O   . GLU A 1 91  ? 5.321   9.576   11.838  1.00 17.46 ?  91  GLU A O   1 
ATOM   712  C CB  . GLU A 1 91  ? 5.957   7.213   13.296  1.00 19.67 ?  91  GLU A CB  1 
ATOM   713  C CG  . GLU A 1 91  ? 6.840   6.457   14.254  1.00 20.43 ?  91  GLU A CG  1 
ATOM   714  C CD  . GLU A 1 91  ? 8.143   7.144   14.609  1.00 21.35 ?  91  GLU A CD  1 
ATOM   715  O OE1 . GLU A 1 91  ? 8.385   8.259   14.233  1.00 21.16 ?  91  GLU A OE1 1 
ATOM   716  O OE2 . GLU A 1 91  ? 8.938   6.498   15.260  1.00 23.23 ?  91  GLU A OE2 1 
ATOM   717  N N   . GLN A 1 92  ? 3.379   9.485   12.877  1.00 17.19 ?  92  GLN A N   1 
ATOM   718  C CA  . GLN A 1 92  ? 2.694   10.319  11.931  1.00 17.02 ?  92  GLN A CA  1 
ATOM   719  C C   . GLN A 1 92  ? 3.085   11.788  12.009  1.00 16.92 ?  92  GLN A C   1 
ATOM   720  O O   . GLN A 1 92  ? 3.626   12.228  12.941  1.00 16.41 ?  92  GLN A O   1 
ATOM   721  C CB  . GLN A 1 92  ? 1.172   10.159  12.016  1.00 16.56 ?  92  GLN A CB  1 
ATOM   722  C CG  . GLN A 1 92  ? 0.637   8.801   11.711  1.00 16.29 ?  92  GLN A CG  1 
ATOM   723  C CD  . GLN A 1 92  ? -0.845  8.818   11.667  1.00 15.96 ?  92  GLN A CD  1 
ATOM   724  O OE1 . GLN A 1 92  ? -1.420  9.847   11.635  1.00 16.22 ?  92  GLN A OE1 1 
ATOM   725  N NE2 . GLN A 1 92  ? -1.445  7.684   11.715  1.00 15.63 ?  92  GLN A NE2 1 
ATOM   726  N N   . VAL A 1 93  ? 2.764   12.482  10.955  1.00 17.40 ?  93  VAL A N   1 
ATOM   727  C CA  . VAL A 1 93  ? 2.942   13.885  10.835  1.00 17.87 ?  93  VAL A CA  1 
ATOM   728  C C   . VAL A 1 93  ? 4.423   14.271  10.916  1.00 17.54 ?  93  VAL A C   1 
ATOM   729  O O   . VAL A 1 93  ? 4.762   15.267  11.447  1.00 17.80 ?  93  VAL A O   1 
ATOM   730  C CB  . VAL A 1 93  ? 2.015   14.669  11.781  1.00 18.66 ?  93  VAL A CB  1 
ATOM   731  C CG1 . VAL A 1 93  ? 2.613   14.782  13.146  1.00 19.28 ?  93  VAL A CG1 1 
ATOM   732  C CG2 . VAL A 1 93  ? 1.737   16.054  11.267  1.00 19.28 ?  93  VAL A CG2 1 
ATOM   733  N N   . LYS A 1 94  ? 5.268   13.451  10.330  1.00 16.71 ?  94  LYS A N   1 
ATOM   734  C CA  . LYS A 1 94  ? 6.684   13.712  10.257  1.00 16.25 ?  94  LYS A CA  1 
ATOM   735  C C   . LYS A 1 94  ? 7.203   13.685  8.821   1.00 15.44 ?  94  LYS A C   1 
ATOM   736  O O   . LYS A 1 94  ? 8.330   14.036  8.595   1.00 15.36 ?  94  LYS A O   1 
ATOM   737  C CB  . LYS A 1 94  ? 7.475   12.742  11.123  1.00 16.74 ?  94  LYS A CB  1 
ATOM   738  C CG  . LYS A 1 94  ? 7.083   12.660  12.571  1.00 17.33 ?  94  LYS A CG  1 
ATOM   739  C CD  . LYS A 1 94  ? 7.867   11.614  13.333  1.00 17.74 ?  94  LYS A CD  1 
ATOM   740  C CE  . LYS A 1 94  ? 7.562   11.633  14.825  1.00 18.29 ?  94  LYS A CE  1 
ATOM   741  N NZ  . LYS A 1 94  ? 8.470   10.815  15.658  1.00 18.77 ?  94  LYS A NZ  1 
ATOM   742  N N   . GLY A 1 95  ? 6.343   13.295  7.887   1.00 14.39 ?  95  GLY A N   1 
ATOM   743  C CA  . GLY A 1 95  ? 6.713   13.107  6.490   1.00 14.16 ?  95  GLY A CA  1 
ATOM   744  C C   . GLY A 1 95  ? 6.780   11.660  6.016   1.00 14.01 ?  95  GLY A C   1 
ATOM   745  O O   . GLY A 1 95  ? 6.998   11.415  4.829   1.00 14.01 ?  95  GLY A O   1 
ATOM   746  N N   . TYR A 1 96  ? 6.571   10.700  6.916   1.00 13.80 ?  96  TYR A N   1 
ATOM   747  C CA  . TYR A 1 96  ? 6.725   9.282   6.562   1.00 13.90 ?  96  TYR A CA  1 
ATOM   748  C C   . TYR A 1 96  ? 5.670   8.749   5.585   1.00 13.64 ?  96  TYR A C   1 
ATOM   749  O O   . TYR A 1 96  ? 5.995   7.963   4.704   1.00 13.68 ?  96  TYR A O   1 
ATOM   750  C CB  . TYR A 1 96  ? 6.767   8.401   7.810   1.00 13.78 ?  96  TYR A CB  1 
ATOM   751  C CG  . TYR A 1 96  ? 8.043   8.515   8.617   1.00 14.09 ?  96  TYR A CG  1 
ATOM   752  C CD1 . TYR A 1 96  ? 9.295   8.407   8.011   1.00 14.27 ?  96  TYR A CD1 1 
ATOM   753  C CD2 . TYR A 1 96  ? 7.998   8.698   9.994   1.00 14.29 ?  96  TYR A CD2 1 
ATOM   754  C CE1 . TYR A 1 96  ? 10.458  8.500   8.752   1.00 14.68 ?  96  TYR A CE1 1 
ATOM   755  C CE2 . TYR A 1 96  ? 9.160   8.785   10.746  1.00 14.75 ?  96  TYR A CE2 1 
ATOM   756  C CZ  . TYR A 1 96  ? 10.381  8.687   10.120  1.00 14.87 ?  96  TYR A CZ  1 
ATOM   757  O OH  . TYR A 1 96  ? 11.526  8.780   10.864  1.00 15.60 ?  96  TYR A OH  1 
ATOM   758  N N   . GLY A 1 97  ? 4.416   9.155   5.719   1.00 13.80 ?  97  GLY A N   1 
ATOM   759  C CA  . GLY A 1 97  ? 3.356   8.779   4.833   1.00 13.64 ?  97  GLY A CA  1 
ATOM   760  C C   . GLY A 1 97  ? 3.704   9.203   3.429   1.00 13.65 ?  97  GLY A C   1 
ATOM   761  O O   . GLY A 1 97  ? 3.496   8.481   2.543   1.00 13.89 ?  97  GLY A O   1 
ATOM   762  N N   . THR A 1 98  ? 4.274   10.380  3.283   1.00 13.31 ?  98  THR A N   1 
ATOM   763  C CA  . THR A 1 98  ? 4.693   10.846  1.993   1.00 13.41 ?  98  THR A CA  1 
ATOM   764  C C   . THR A 1 98  ? 5.957   10.094  1.451   1.00 13.62 ?  98  THR A C   1 
ATOM   765  O O   . THR A 1 98  ? 6.058   9.810   0.297   1.00 13.10 ?  98  THR A O   1 
ATOM   766  C CB  . THR A 1 98  ? 4.905   12.378  2.003   1.00 13.41 ?  98  THR A CB  1 
ATOM   767  O OG1 . THR A 1 98  ? 3.716   13.060  2.397   1.00 13.33 ?  98  THR A OG1 1 
ATOM   768  C CG2 . THR A 1 98  ? 5.479   12.865  0.652   1.00 13.70 ?  98  THR A CG2 1 
ATOM   769  N N   . HIS A 1 99  ? 6.904   9.824   2.344   1.00 13.54 ?  99  HIS A N   1 
ATOM   770  C CA  . HIS A 1 99  ? 8.118   9.126   1.968   1.00 14.14 ?  99  HIS A CA  1 
ATOM   771  C C   . HIS A 1 99  ? 7.770   7.776   1.426   1.00 13.63 ?  99  HIS A C   1 
ATOM   772  O O   . HIS A 1 99  ? 8.262   7.363   0.354   1.00 12.99 ?  99  HIS A O   1 
ATOM   773  C CB  . HIS A 1 99  ? 9.049   8.989   3.167   1.00 20.00 ?  99  HIS A CB  1 
ATOM   774  C CG  . HIS A 1 99  ? 10.512  8.939   2.800   1.00 20.00 ?  99  HIS A CG  1 
ATOM   775  N ND1 . HIS A 1 99  ? 11.030  9.660   1.789   1.00 20.00 ?  99  HIS A ND1 1 
ATOM   776  C CD2 . HIS A 1 99  ? 11.570  8.218   3.351   1.00 20.00 ?  99  HIS A CD2 1 
ATOM   777  C CE1 . HIS A 1 99  ? 12.350  9.416   1.694   1.00 20.00 ?  99  HIS A CE1 1 
ATOM   778  N NE2 . HIS A 1 99  ? 12.680  8.533   2.651   1.00 20.00 ?  99  HIS A NE2 1 
ATOM   779  N N   . LEU A 1 100 ? 6.912   7.071   2.155   1.00 13.22 ?  100 LEU A N   1 
ATOM   780  C CA  . LEU A 1 100 ? 6.417   5.784   1.732   1.00 13.32 ?  100 LEU A CA  1 
ATOM   781  C C   . LEU A 1 100 ? 5.860   5.812   0.297   1.00 12.98 ?  100 LEU A C   1 
ATOM   782  O O   . LEU A 1 100 ? 6.263   5.050   -0.495  1.00 12.71 ?  100 LEU A O   1 
ATOM   783  C CB  . LEU A 1 100 ? 5.371   5.252   2.714   1.00 13.48 ?  100 LEU A CB  1 
ATOM   784  C CG  . LEU A 1 100 ? 5.793   4.253   3.764   1.00 13.72 ?  100 LEU A CG  1 
ATOM   785  C CD1 . LEU A 1 100 ? 4.930   4.194   5.006   1.00 13.82 ?  100 LEU A CD1 1 
ATOM   786  C CD2 . LEU A 1 100 ? 6.199   2.891   3.219   1.00 13.79 ?  100 LEU A CD2 1 
ATOM   787  N N   . MET A 1 101 ? 4.968   6.742   0.041   1.00 12.93 ?  101 MET A N   1 
ATOM   788  C CA  . MET A 1 101 ? 4.315   6.807   -1.262  1.00 13.12 ?  101 MET A CA  1 
ATOM   789  C C   . MET A 1 101 ? 5.320   7.142   -2.365  1.00 13.24 ?  101 MET A C   1 
ATOM   790  O O   . MET A 1 101 ? 5.257   6.569   -3.443  1.00 12.98 ?  101 MET A O   1 
ATOM   791  C CB  . MET A 1 101 ? 3.154   7.815   -1.245  1.00 13.14 ?  101 MET A CB  1 
ATOM   792  C CG  . MET A 1 101 ? 2.284   7.790   -2.494  1.00 13.09 ?  101 MET A CG  1 
ATOM   793  S SD  . MET A 1 101 ? 1.392   6.238   -2.761  1.00 13.36 ?  101 MET A SD  1 
ATOM   794  C CE  . MET A 1 101 ? 0.124   6.390   -1.514  1.00 13.15 ?  101 MET A CE  1 
ATOM   795  N N   . ASN A 1 102 ? 6.255   8.046   -2.081  1.00 13.73 ?  102 ASN A N   1 
ATOM   796  C CA  . ASN A 1 102 ? 7.328   8.382   -3.022  1.00 14.34 ?  102 ASN A CA  1 
ATOM   797  C C   . ASN A 1 102 ? 8.193   7.175   -3.354  1.00 14.44 ?  102 ASN A C   1 
ATOM   798  O O   . ASN A 1 102 ? 8.504   6.928   -4.514  1.00 14.52 ?  102 ASN A O   1 
ATOM   799  C CB  . ASN A 1 102 ? 8.205   9.517   -2.465  1.00 14.82 ?  102 ASN A CB  1 
ATOM   800  C CG  . ASN A 1 102 ? 7.515   10.866  -2.510  1.00 15.16 ?  102 ASN A CG  1 
ATOM   801  O OD1 . ASN A 1 102 ? 6.584   11.072  -3.285  1.00 15.96 ?  102 ASN A OD1 1 
ATOM   802  N ND2 . ASN A 1 102 ? 7.993   11.804  -1.699  1.00 15.13 ?  102 ASN A ND2 1 
ATOM   803  N N   . HIS A 1 103 ? 8.545   6.397   -2.337  1.00 15.05 ?  103 HIS A N   1 
ATOM   804  C CA  . HIS A 1 103 ? 9.296   5.173   -2.549  1.00 15.37 ?  103 HIS A CA  1 
ATOM   805  C C   . HIS A 1 103 ? 8.536   4.225   -3.434  1.00 14.90 ?  103 HIS A C   1 
ATOM   806  O O   . HIS A 1 103 ? 9.098   3.657   -4.397  1.00 14.30 ?  103 HIS A O   1 
ATOM   807  C CB  . HIS A 1 103 ? 9.619   4.505   -1.219  1.00 16.39 ?  103 HIS A CB  1 
ATOM   808  C CG  . HIS A 1 103 ? 10.736  3.492   -1.301  1.00 17.57 ?  103 HIS A CG  1 
ATOM   809  N ND1 . HIS A 1 103 ? 12.029  3.828   -1.144  1.00 18.53 ?  103 HIS A ND1 1 
ATOM   810  C CD2 . HIS A 1 103 ? 10.711  2.119   -1.532  1.00 18.13 ?  103 HIS A CD2 1 
ATOM   811  C CE1 . HIS A 1 103 ? 12.795  2.728   -1.268  1.00 18.20 ?  103 HIS A CE1 1 
ATOM   812  N NE2 . HIS A 1 103 ? 11.987  1.682   -1.506  1.00 18.73 ?  103 HIS A NE2 1 
ATOM   813  N N   . LEU A 1 104 ? 7.256   4.037   -3.129  1.00 14.22 ?  104 LEU A N   1 
ATOM   814  C CA  . LEU A 1 104 ? 6.383   3.155   -3.906  1.00 14.00 ?  104 LEU A CA  1 
ATOM   815  C C   . LEU A 1 104 ? 6.307   3.594   -5.366  1.00 13.78 ?  104 LEU A C   1 
ATOM   816  O O   . LEU A 1 104 ? 6.293   2.760   -6.266  1.00 13.84 ?  104 LEU A O   1 
ATOM   817  C CB  . LEU A 1 104 ? 4.965   3.096   -3.303  1.00 13.89 ?  104 LEU A CB  1 
ATOM   818  C CG  . LEU A 1 104 ? 4.076   1.959   -3.837  1.00 14.06 ?  104 LEU A CG  1 
ATOM   819  C CD1 . LEU A 1 104 ? 4.671   0.596   -3.512  1.00 14.29 ?  104 LEU A CD1 1 
ATOM   820  C CD2 . LEU A 1 104 ? 2.661   2.047   -3.291  1.00 14.11 ?  104 LEU A CD2 1 
ATOM   821  N N   . LYS A 1 105 ? 6.246   4.900   -5.592  1.00 14.13 ?  105 LYS A N   1 
ATOM   822  C CA  . LYS A 1 105 ? 6.246   5.445   -6.949  1.00 14.51 ?  105 LYS A CA  1 
ATOM   823  C C   . LYS A 1 105 ? 7.551   5.120   -7.694  1.00 15.16 ?  105 LYS A C   1 
ATOM   824  O O   . LYS A 1 105 ? 7.529   4.708   -8.860  1.00 15.37 ?  105 LYS A O   1 
ATOM   825  C CB  . LYS A 1 105 ? 6.020   6.956   -6.909  1.00 14.36 ?  105 LYS A CB  1 
ATOM   826  C CG  . LYS A 1 105 ? 4.595   7.369   -6.581  1.00 13.97 ?  105 LYS A CG  1 
ATOM   827  C CD  . LYS A 1 105 ? 4.481   8.875   -6.452  1.00 13.84 ?  105 LYS A CD  1 
ATOM   828  C CE  . LYS A 1 105 ? 3.034   9.321   -6.309  1.00 13.75 ?  105 LYS A CE  1 
ATOM   829  N NZ  . LYS A 1 105 ? 2.947   10.770  -5.983  1.00 13.71 ?  105 LYS A NZ  1 
ATOM   830  N N   . GLU A 1 106 ? 8.685   5.294   -7.022  1.00 16.31 ?  106 GLU A N   1 
ATOM   831  C CA  . GLU A 1 106 ? 9.983   4.968   -7.622  1.00 17.58 ?  106 GLU A CA  1 
ATOM   832  C C   . GLU A 1 106 ? 10.091  3.478   -7.980  1.00 16.28 ?  106 GLU A C   1 
ATOM   833  O O   . GLU A 1 106 ? 10.569  3.130   -9.052  1.00 15.28 ?  106 GLU A O   1 
ATOM   834  C CB  . GLU A 1 106 ? 11.140  5.382   -6.700  1.00 20.12 ?  106 GLU A CB  1 
ATOM   835  C CG  . GLU A 1 106 ? 11.297  6.890   -6.546  1.00 23.10 ?  106 GLU A CG  1 
ATOM   836  C CD  . GLU A 1 106 ? 12.632  7.291   -5.940  1.00 26.16 ?  106 GLU A CD  1 
ATOM   837  O OE1 . GLU A 1 106 ? 13.674  7.113   -6.614  1.00 28.94 ?  106 GLU A OE1 1 
ATOM   838  O OE2 . GLU A 1 106 ? 12.640  7.791   -4.790  1.00 28.82 ?  106 GLU A OE2 1 
ATOM   839  N N   . TYR A 1 107 ? 9.634   2.616   -7.077  1.00 15.57 ?  107 TYR A N   1 
ATOM   840  C CA  . TYR A 1 107 ? 9.580   1.169   -7.312  1.00 15.10 ?  107 TYR A CA  1 
ATOM   841  C C   . TYR A 1 107 ? 8.743   0.828   -8.557  1.00 14.96 ?  107 TYR A C   1 
ATOM   842  O O   . TYR A 1 107 ? 9.144   0.002   -9.386  1.00 14.63 ?  107 TYR A O   1 
ATOM   843  C CB  . TYR A 1 107 ? 9.013   0.478   -6.056  1.00 14.85 ?  107 TYR A CB  1 
ATOM   844  C CG  . TYR A 1 107 ? 8.864   -1.034  -6.109  1.00 14.46 ?  107 TYR A CG  1 
ATOM   845  C CD1 . TYR A 1 107 ? 9.918   -1.880  -5.744  1.00 14.53 ?  107 TYR A CD1 1 
ATOM   846  C CD2 . TYR A 1 107 ? 7.651   -1.622  -6.481  1.00 14.27 ?  107 TYR A CD2 1 
ATOM   847  C CE1 . TYR A 1 107 ? 9.772   -3.267  -5.771  1.00 14.25 ?  107 TYR A CE1 1 
ATOM   848  C CE2 . TYR A 1 107 ? 7.499   -3.000  -6.511  1.00 13.93 ?  107 TYR A CE2 1 
ATOM   849  C CZ  . TYR A 1 107 ? 8.557   -3.817  -6.151  1.00 14.13 ?  107 TYR A CZ  1 
ATOM   850  O OH  . TYR A 1 107 ? 8.393   -5.184  -6.177  1.00 14.31 ?  107 TYR A OH  1 
ATOM   851  N N   . HIS A 1 108 ? 7.595   1.483   -8.709  1.00 15.00 ?  108 HIS A N   1 
ATOM   852  C CA  . HIS A 1 108 ? 6.705   1.168   -9.828  1.00 15.03 ?  108 HIS A CA  1 
ATOM   853  C C   . HIS A 1 108 ? 7.215   1.710   -11.160 1.00 16.05 ?  108 HIS A C   1 
ATOM   854  O O   . HIS A 1 108 ? 7.055   1.050   -12.193 1.00 15.78 ?  108 HIS A O   1 
ATOM   855  C CB  . HIS A 1 108 ? 5.269   1.605   -9.536  1.00 14.67 ?  108 HIS A CB  1 
ATOM   856  C CG  . HIS A 1 108 ? 4.532   0.631   -8.671  1.00 14.30 ?  108 HIS A CG  1 
ATOM   857  N ND1 . HIS A 1 108 ? 4.680   0.594   -7.302  1.00 13.82 ?  108 HIS A ND1 1 
ATOM   858  C CD2 . HIS A 1 108 ? 3.699   -0.389  -8.989  1.00 14.07 ?  108 HIS A CD2 1 
ATOM   859  C CE1 . HIS A 1 108 ? 3.944   -0.384  -6.809  1.00 13.92 ?  108 HIS A CE1 1 
ATOM   860  N NE2 . HIS A 1 108 ? 3.340   -0.998  -7.811  1.00 13.99 ?  108 HIS A NE2 1 
ATOM   861  N N   . ILE A 1 109 ? 7.857   2.859   -11.127 1.00 17.31 ?  109 ILE A N   1 
ATOM   862  C CA  . ILE A 1 109 ? 8.481   3.415   -12.300 1.00 18.34 ?  109 ILE A CA  1 
ATOM   863  C C   . ILE A 1 109 ? 9.509   2.430   -12.806 1.00 19.90 ?  109 ILE A C   1 
ATOM   864  O O   . ILE A 1 109 ? 9.530   2.155   -13.926 1.00 20.48 ?  109 ILE A O   1 
ATOM   865  C CB  . ILE A 1 109 ? 9.097   4.803   -12.056 1.00 18.58 ?  109 ILE A CB  1 
ATOM   866  C CG1 . ILE A 1 109 ? 8.013   5.876   -12.014 1.00 18.55 ?  109 ILE A CG1 1 
ATOM   867  C CG2 . ILE A 1 109 ? 10.054  5.188   -13.165 1.00 18.74 ?  109 ILE A CG2 1 
ATOM   868  C CD1 . ILE A 1 109 ? 8.413   7.073   -11.230 1.00 18.59 ?  109 ILE A CD1 1 
ATOM   869  N N   . LYS A 1 110 ? 10.288  1.847   -11.921 1.00 21.52 ?  110 LYS A N   1 
ATOM   870  C CA  . LYS A 1 110 ? 11.256  0.816   -12.273 1.00 23.52 ?  110 LYS A CA  1 
ATOM   871  C C   . LYS A 1 110 ? 10.622  -0.446  -12.904 1.00 23.23 ?  110 LYS A C   1 
ATOM   872  O O   . LYS A 1 110 ? 11.181  -1.074  -13.734 1.00 21.91 ?  110 LYS A O   1 
ATOM   873  C CB  . LYS A 1 110 ? 12.070  0.438   -11.055 1.00 25.45 ?  110 LYS A CB  1 
ATOM   874  C CG  . LYS A 1 110 ? 13.140  -0.569  -11.349 1.00 27.64 ?  110 LYS A CG  1 
ATOM   875  C CD  . LYS A 1 110 ? 13.954  -0.875  -10.113 1.00 29.19 ?  110 LYS A CD  1 
ATOM   876  C CE  . LYS A 1 110 ? 14.984  -1.896  -10.454 1.00 30.34 ?  110 LYS A CE  1 
ATOM   877  N NZ  . LYS A 1 110 ? 15.830  -2.263  -9.312  1.00 32.14 ?  110 LYS A NZ  1 
ATOM   878  N N   . HIS A 1 111 ? 9.387   -0.745  -12.503 1.00 23.48 ?  111 HIS A N   1 
ATOM   879  C CA  . HIS A 1 111 ? 8.655   -1.892  -13.036 1.00 24.30 ?  111 HIS A CA  1 
ATOM   880  C C   . HIS A 1 111 ? 7.679   -1.528  -14.130 1.00 23.66 ?  111 HIS A C   1 
ATOM   881  O O   . HIS A 1 111 ? 6.827   -2.350  -14.534 1.00 23.83 ?  111 HIS A O   1 
ATOM   882  C CB  . HIS A 1 111 ? 7.930   -2.628  -11.916 1.00 25.54 ?  111 HIS A CB  1 
ATOM   883  C CG  . HIS A 1 111 ? 8.853   -3.343  -10.958 1.00 26.83 ?  111 HIS A CG  1 
ATOM   884  N ND1 . HIS A 1 111 ? 9.279   -2.783  -9.811  1.00 27.63 ?  111 HIS A ND1 1 
ATOM   885  C CD2 . HIS A 1 111 ? 9.429   -4.610  -11.015 1.00 28.19 ?  111 HIS A CD2 1 
ATOM   886  C CE1 . HIS A 1 111 ? 10.086  -3.647  -9.165  1.00 28.22 ?  111 HIS A CE1 1 
ATOM   887  N NE2 . HIS A 1 111 ? 10.176  -4.765  -9.903  1.00 29.20 ?  111 HIS A NE2 1 
ATOM   888  N N   . ASN A 1 112 ? 7.793   -0.299  -14.621 1.00 22.97 ?  112 ASN A N   1 
ATOM   889  C CA  . ASN A 1 112 ? 6.961   0.249   -15.702 1.00 23.51 ?  112 ASN A CA  1 
ATOM   890  C C   . ASN A 1 112 ? 5.455   0.081   -15.462 1.00 22.01 ?  112 ASN A C   1 
ATOM   891  O O   . ASN A 1 112 ? 4.715   -0.344  -16.349 1.00 21.20 ?  112 ASN A O   1 
ATOM   892  C CB  . ASN A 1 112 ? 7.382   -0.319  -17.066 1.00 25.42 ?  112 ASN A CB  1 
ATOM   893  C CG  . ASN A 1 112 ? 7.016   0.600   -18.231 1.00 27.63 ?  112 ASN A CG  1 
ATOM   894  O OD1 . ASN A 1 112 ? 7.067   1.835   -18.122 1.00 29.52 ?  112 ASN A OD1 1 
ATOM   895  N ND2 . ASN A 1 112 ? 6.663   0.000   -19.366 1.00 29.29 ?  112 ASN A ND2 1 
ATOM   896  N N   . ILE A 1 113 ? 5.026   0.415   -14.246 1.00 19.88 ?  113 ILE A N   1 
ATOM   897  C CA  . ILE A 1 113 ? 3.612   0.533   -13.903 1.00 19.01 ?  113 ILE A CA  1 
ATOM   898  C C   . ILE A 1 113 ? 3.399   1.970   -13.438 1.00 18.23 ?  113 ILE A C   1 
ATOM   899  O O   . ILE A 1 113 ? 3.936   2.381   -12.414 1.00 17.69 ?  113 ILE A O   1 
ATOM   900  C CB  . ILE A 1 113 ? 3.201   -0.467  -12.802 1.00 18.93 ?  113 ILE A CB  1 
ATOM   901  C CG1 . ILE A 1 113 ? 3.334   -1.903  -13.327 1.00 19.07 ?  113 ILE A CG1 1 
ATOM   902  C CG2 . ILE A 1 113 ? 1.777   -0.191  -12.337 1.00 18.84 ?  113 ILE A CG2 1 
ATOM   903  C CD1 . ILE A 1 113 ? 3.092   -2.977  -12.290 1.00 19.31 ?  113 ILE A CD1 1 
ATOM   904  N N   . LEU A 1 114 ? 2.631   2.739   -14.205 1.00 17.65 ?  114 LEU A N   1 
ATOM   905  C CA  . LEU A 1 114 ? 2.530   4.175   -13.980 1.00 17.44 ?  114 LEU A CA  1 
ATOM   906  C C   . LEU A 1 114 ? 1.144   4.619   -13.519 1.00 16.73 ?  114 LEU A C   1 
ATOM   907  O O   . LEU A 1 114 ? 0.819   5.799   -13.619 1.00 16.67 ?  114 LEU A O   1 
ATOM   908  C CB  . LEU A 1 114 ? 2.962   4.928   -15.249 1.00 18.06 ?  114 LEU A CB  1 
ATOM   909  C CG  . LEU A 1 114 ? 4.396   4.605   -15.720 1.00 18.52 ?  114 LEU A CG  1 
ATOM   910  C CD1 . LEU A 1 114 ? 4.719   5.314   -17.028 1.00 18.90 ?  114 LEU A CD1 1 
ATOM   911  C CD2 . LEU A 1 114 ? 5.424   4.960   -14.653 1.00 18.49 ?  114 LEU A CD2 1 
ATOM   912  N N   . TYR A 1 115 ? 0.343   3.678   -13.006 1.00 15.91 ?  115 TYR A N   1 
ATOM   913  C CA  . TYR A 1 115 ? -0.975  3.984   -12.435 1.00 15.54 ?  115 TYR A CA  1 
ATOM   914  C C   . TYR A 1 115 ? -1.225  3.274   -11.106 1.00 14.87 ?  115 TYR A C   1 
ATOM   915  O O   . TYR A 1 115 ? -0.996  2.073   -10.981 1.00 14.21 ?  115 TYR A O   1 
ATOM   916  C CB  . TYR A 1 115 ? -2.097  3.632   -13.423 1.00 16.01 ?  115 TYR A CB  1 
ATOM   917  C CG  . TYR A 1 115 ? -2.191  4.631   -14.543 1.00 16.67 ?  115 TYR A CG  1 
ATOM   918  C CD1 . TYR A 1 115 ? -3.000  5.756   -14.433 1.00 17.07 ?  115 TYR A CD1 1 
ATOM   919  C CD2 . TYR A 1 115 ? -1.428  4.484   -15.691 1.00 17.40 ?  115 TYR A CD2 1 
ATOM   920  C CE1 . TYR A 1 115 ? -3.064  6.691   -15.449 1.00 17.49 ?  115 TYR A CE1 1 
ATOM   921  C CE2 . TYR A 1 115 ? -1.483  5.418   -16.709 1.00 17.97 ?  115 TYR A CE2 1 
ATOM   922  C CZ  . TYR A 1 115 ? -2.303  6.518   -16.581 1.00 18.06 ?  115 TYR A CZ  1 
ATOM   923  O OH  . TYR A 1 115 ? -2.354  7.440   -17.600 1.00 19.39 ?  115 TYR A OH  1 
ATOM   924  N N   . PHE A 1 116 ? -1.696  4.040   -10.124 1.00 14.49 ?  116 PHE A N   1 
ATOM   925  C CA  . PHE A 1 116 ? -2.217  3.502   -8.879  1.00 14.23 ?  116 PHE A CA  1 
ATOM   926  C C   . PHE A 1 116 ? -3.724  3.716   -8.837  1.00 14.07 ?  116 PHE A C   1 
ATOM   927  O O   . PHE A 1 116 ? -4.218  4.784   -9.205  1.00 14.27 ?  116 PHE A O   1 
ATOM   928  C CB  . PHE A 1 116 ? -1.607  4.206   -7.658  1.00 14.02 ?  116 PHE A CB  1 
ATOM   929  C CG  . PHE A 1 116 ? -0.127  3.975   -7.464  1.00 14.15 ?  116 PHE A CG  1 
ATOM   930  C CD1 . PHE A 1 116 ? 0.507   2.837   -7.949  1.00 14.24 ?  116 PHE A CD1 1 
ATOM   931  C CD2 . PHE A 1 116 ? 0.624   4.885   -6.730  1.00 14.23 ?  116 PHE A CD2 1 
ATOM   932  C CE1 . PHE A 1 116 ? 1.861   2.635   -7.727  1.00 14.38 ?  116 PHE A CE1 1 
ATOM   933  C CE2 . PHE A 1 116 ? 1.977   4.682   -6.505  1.00 14.38 ?  116 PHE A CE2 1 
ATOM   934  C CZ  . PHE A 1 116 ? 2.597   3.558   -7.009  1.00 14.32 ?  116 PHE A CZ  1 
ATOM   935  N N   . LEU A 1 117 ? -4.422  2.717   -8.379  1.00 13.76 ?  117 LEU A N   1 
ATOM   936  C CA  . LEU A 1 117 ? -5.815  2.827   -8.043  1.00 13.84 ?  117 LEU A CA  1 
ATOM   937  C C   . LEU A 1 117 ? -6.046  2.466   -6.589  1.00 13.47 ?  117 LEU A C   1 
ATOM   938  O O   . LEU A 1 117 ? -5.415  1.610   -6.073  1.00 12.99 ?  117 LEU A O   1 
ATOM   939  C CB  . LEU A 1 117 ? -6.685  1.967   -8.979  1.00 14.07 ?  117 LEU A CB  1 
ATOM   940  C CG  . LEU A 1 117 ? -6.801  2.354   -10.471 1.00 14.26 ?  117 LEU A CG  1 
ATOM   941  C CD1 . LEU A 1 117 ? -7.596  1.376   -11.262 1.00 14.62 ?  117 LEU A CD1 1 
ATOM   942  C CD2 . LEU A 1 117 ? -7.383  3.717   -10.727 1.00 14.59 ?  117 LEU A CD2 1 
ATOM   943  N N   . THR A 1 118 ? -6.935  3.190   -5.952  1.00 13.44 ?  118 THR A N   1 
ATOM   944  C CA  . THR A 1 118 ? -7.269  2.984   -4.560  1.00 13.59 ?  118 THR A CA  1 
ATOM   945  C C   . THR A 1 118 ? -8.683  3.466   -4.211  1.00 14.09 ?  118 THR A C   1 
ATOM   946  O O   . THR A 1 118 ? -9.157  4.380   -4.786  1.00 13.89 ?  118 THR A O   1 
ATOM   947  C CB  . THR A 1 118 ? -6.208  3.632   -3.601  1.00 13.40 ?  118 THR A CB  1 
ATOM   948  O OG1 . THR A 1 118 ? -6.252  3.029   -2.323  1.00 13.26 ?  118 THR A OG1 1 
ATOM   949  C CG2 . THR A 1 118 ? -6.385  5.147   -3.475  1.00 13.41 ?  118 THR A CG2 1 
ATOM   950  N N   . TYR A 1 119 ? -9.291  2.823   -3.230  1.00 14.97 ?  119 TYR A N   1 
ATOM   951  C CA  . TYR A 1 119 ? -10.512 3.313   -2.630  1.00 16.24 ?  119 TYR A CA  1 
ATOM   952  C C   . TYR A 1 119 ? -10.236 4.073   -1.329  1.00 16.41 ?  119 TYR A C   1 
ATOM   953  O O   . TYR A 1 119 ? -9.869  3.493   -0.389  1.00 17.30 ?  119 TYR A O   1 
ATOM   954  C CB  . TYR A 1 119 ? -11.552 2.202   -2.418  1.00 16.72 ?  119 TYR A CB  1 
ATOM   955  C CG  . TYR A 1 119 ? -12.331 1.839   -3.663  1.00 17.51 ?  119 TYR A CG  1 
ATOM   956  C CD1 . TYR A 1 119 ? -13.500 2.502   -4.015  1.00 18.06 ?  119 TYR A CD1 1 
ATOM   957  C CD2 . TYR A 1 119 ? -11.914 0.829   -4.477  1.00 18.18 ?  119 TYR A CD2 1 
ATOM   958  C CE1 . TYR A 1 119 ? -14.177 2.181   -5.136  1.00 18.20 ?  119 TYR A CE1 1 
ATOM   959  C CE2 . TYR A 1 119 ? -12.610 0.489   -5.594  1.00 18.65 ?  119 TYR A CE2 1 
ATOM   960  C CZ  . TYR A 1 119 ? -13.753 1.159   -5.905  1.00 18.76 ?  119 TYR A CZ  1 
ATOM   961  O OH  . TYR A 1 119 ? -14.411 0.818   -7.017  1.00 20.24 ?  119 TYR A OH  1 
ATOM   962  N N   . ALA A 1 120 ? -10.430 5.366   -1.312  1.00 16.71 ?  120 ALA A N   1 
ATOM   963  C CA  . ALA A 1 120 ? -10.091 6.190   -0.164  1.00 17.18 ?  120 ALA A CA  1 
ATOM   964  C C   . ALA A 1 120 ? -11.311 6.469   0.716   1.00 17.86 ?  120 ALA A C   1 
ATOM   965  O O   . ALA A 1 120 ? -12.387 6.810   0.219   1.00 17.46 ?  120 ALA A O   1 
ATOM   966  C CB  . ALA A 1 120 ? -9.481  7.498   -0.637  1.00 17.24 ?  120 ALA A CB  1 
ATOM   967  N N   . ASP A 1 121 ? -11.141 6.321   2.027   1.00 18.63 ?  121 ASP A N   1 
ATOM   968  C CA  . ASP A 1 121 ? -12.122 6.821   2.984   1.00 19.54 ?  121 ASP A CA  1 
ATOM   969  C C   . ASP A 1 121 ? -12.206 8.336   2.821   1.00 17.94 ?  121 ASP A C   1 
ATOM   970  O O   . ASP A 1 121 ? -11.207 8.975   2.481   1.00 17.14 ?  121 ASP A O   1 
ATOM   971  C CB  . ASP A 1 121 ? -11.694 6.493   4.420   1.00 22.12 ?  121 ASP A CB  1 
ATOM   972  C CG  . ASP A 1 121 ? -11.757 5.008   4.732   1.00 25.11 ?  121 ASP A CG  1 
ATOM   973  O OD1 . ASP A 1 121 ? -12.674 4.319   4.227   1.00 26.90 ?  121 ASP A OD1 1 
ATOM   974  O OD2 . ASP A 1 121 ? -10.888 4.526   5.497   1.00 28.16 ?  121 ASP A OD2 1 
ATOM   975  N N   . GLU A 1 122 ? -13.377 8.919   3.077   1.00 16.53 ?  122 GLU A N   1 
ATOM   976  C CA  . GLU A 1 122 ? -13.560 10.361  2.873   1.00 16.00 ?  122 GLU A CA  1 
ATOM   977  C C   . GLU A 1 122 ? -12.512 11.195  3.623   1.00 15.24 ?  122 GLU A C   1 
ATOM   978  O O   . GLU A 1 122 ? -11.979 12.162  3.080   1.00 15.20 ?  122 GLU A O   1 
ATOM   979  C CB  . GLU A 1 122 ? -14.980 10.814  3.267   1.00 16.18 ?  122 GLU A CB  1 
ATOM   980  C CG  . GLU A 1 122 ? -15.201 12.311  3.073   1.00 16.40 ?  122 GLU A CG  1 
ATOM   981  C CD  . GLU A 1 122 ? -16.641 12.751  3.260   1.00 16.85 ?  122 GLU A CD  1 
ATOM   982  O OE1 . GLU A 1 122 ? -17.379 12.117  4.043   1.00 17.07 ?  122 GLU A OE1 1 
ATOM   983  O OE2 . GLU A 1 122 ? -17.031 13.748  2.622   1.00 17.11 ?  122 GLU A OE2 1 
ATOM   984  N N   . TYR A 1 123 ? -12.199 10.806  4.854   1.00 14.97 ?  123 TYR A N   1 
ATOM   985  C CA  . TYR A 1 123 ? -11.296 11.597  5.703   1.00 14.63 ?  123 TYR A CA  1 
ATOM   986  C C   . TYR A 1 123 ? -9.807  11.383  5.404   1.00 14.28 ?  123 TYR A C   1 
ATOM   987  O O   . TYR A 1 123 ? -8.954  11.973  6.069   1.00 14.10 ?  123 TYR A O   1 
ATOM   988  C CB  . TYR A 1 123 ? -11.587 11.337  7.187   1.00 14.61 ?  123 TYR A CB  1 
ATOM   989  C CG  . TYR A 1 123 ? -13.039 11.523  7.591   1.00 14.62 ?  123 TYR A CG  1 
ATOM   990  C CD1 . TYR A 1 123 ? -13.898 12.359  6.868   1.00 14.66 ?  123 TYR A CD1 1 
ATOM   991  C CD2 . TYR A 1 123 ? -13.550 10.881  8.716   1.00 14.60 ?  123 TYR A CD2 1 
ATOM   992  C CE1 . TYR A 1 123 ? -15.218 12.532  7.249   1.00 14.64 ?  123 TYR A CE1 1 
ATOM   993  C CE2 . TYR A 1 123 ? -14.871 11.057  9.103   1.00 14.75 ?  123 TYR A CE2 1 
ATOM   994  C CZ  . TYR A 1 123 ? -15.698 11.879  8.365   1.00 14.54 ?  123 TYR A CZ  1 
ATOM   995  O OH  . TYR A 1 123 ? -17.008 12.043  8.734   1.00 14.36 ?  123 TYR A OH  1 
ATOM   996  N N   . ALA A 1 124 ? -9.506  10.553  4.404   1.00 14.47 ?  124 ALA A N   1 
ATOM   997  C CA  . ALA A 1 124 ? -8.141  10.337  3.917   1.00 14.38 ?  124 ALA A CA  1 
ATOM   998  C C   . ALA A 1 124 ? -7.904  10.965  2.540   1.00 14.53 ?  124 ALA A C   1 
ATOM   999  O O   . ALA A 1 124 ? -6.770  10.966  2.046   1.00 14.67 ?  124 ALA A O   1 
ATOM   1000 C CB  . ALA A 1 124 ? -7.848  8.848   3.849   1.00 14.36 ?  124 ALA A CB  1 
ATOM   1001 N N   . ILE A 1 125 ? -8.958  11.490  1.917   1.00 14.44 ?  125 ILE A N   1 
ATOM   1002 C CA  . ILE A 1 125 ? -8.870  11.988  0.540   1.00 14.38 ?  125 ILE A CA  1 
ATOM   1003 C C   . ILE A 1 125 ? -7.726  12.992  0.356   1.00 14.31 ?  125 ILE A C   1 
ATOM   1004 O O   . ILE A 1 125 ? -6.972  12.906  -0.616  1.00 14.04 ?  125 ILE A O   1 
ATOM   1005 C CB  . ILE A 1 125 ? -10.221 12.587  0.070   1.00 14.52 ?  125 ILE A CB  1 
ATOM   1006 C CG1 . ILE A 1 125 ? -11.228 11.456  -0.179  1.00 14.52 ?  125 ILE A CG1 1 
ATOM   1007 C CG2 . ILE A 1 125 ? -10.048 13.429  -1.193  1.00 14.63 ?  125 ILE A CG2 1 
ATOM   1008 C CD1 . ILE A 1 125 ? -12.647 11.913  -0.467  1.00 14.42 ?  125 ILE A CD1 1 
ATOM   1009 N N   . GLY A 1 126 ? -7.589  13.922  1.296   1.00 14.04 ?  126 GLY A N   1 
ATOM   1010 C CA  . GLY A 1 126 ? -6.570  14.959  1.211   1.00 13.86 ?  126 GLY A CA  1 
ATOM   1011 C C   . GLY A 1 126 ? -5.143  14.430  1.206   1.00 13.65 ?  126 GLY A C   1 
ATOM   1012 O O   . GLY A 1 126 ? -4.262  15.026  0.590   1.00 13.11 ?  126 GLY A O   1 
ATOM   1013 N N   . TYR A 1 127 ? -4.914  13.331  1.896   1.00 13.68 ?  127 TYR A N   1 
ATOM   1014 C CA  . TYR A 1 127 ? -3.628  12.676  1.844   1.00 13.85 ?  127 TYR A CA  1 
ATOM   1015 C C   . TYR A 1 127 ? -3.381  12.241  0.407   1.00 13.91 ?  127 TYR A C   1 
ATOM   1016 O O   . TYR A 1 127 ? -2.404  12.569  -0.148  1.00 13.81 ?  127 TYR A O   1 
ATOM   1017 C CB  . TYR A 1 127 ? -3.462  11.504  2.843   1.00 13.90 ?  127 TYR A CB  1 
ATOM   1018 C CG  . TYR A 1 127 ? -2.315  10.566  2.550   1.00 14.10 ?  127 TYR A CG  1 
ATOM   1019 C CD1 . TYR A 1 127 ? -1.013  10.862  2.926   1.00 14.19 ?  127 TYR A CD1 1 
ATOM   1020 C CD2 . TYR A 1 127 ? -2.515  9.397   1.861   1.00 14.33 ?  127 TYR A CD2 1 
ATOM   1021 C CE1 . TYR A 1 127 ? 0.019   10.001  2.634   1.00 14.28 ?  127 TYR A CE1 1 
ATOM   1022 C CE2 . TYR A 1 127 ? -1.498  8.562   1.583   1.00 14.20 ?  127 TYR A CE2 1 
ATOM   1023 C CZ  . TYR A 1 127 ? -0.220  8.858   1.971   1.00 14.20 ?  127 TYR A CZ  1 
ATOM   1024 O OH  . TYR A 1 127 ? 0.791   8.004   1.691   1.00 14.11 ?  127 TYR A OH  1 
ATOM   1025 N N   . PHE A 1 128 ? -4.319  11.529  -0.171  1.00 14.00 ?  128 PHE A N   1 
ATOM   1026 C CA  . PHE A 1 128 ? -4.115  11.037  -1.483  1.00 14.48 ?  128 PHE A CA  1 
ATOM   1027 C C   . PHE A 1 128 ? -3.920  12.194  -2.482  1.00 14.95 ?  128 PHE A C   1 
ATOM   1028 O O   . PHE A 1 128 ? -3.070  12.160  -3.293  1.00 14.64 ?  128 PHE A O   1 
ATOM   1029 C CB  . PHE A 1 128 ? -5.232  10.062  -1.876  1.00 14.26 ?  128 PHE A CB  1 
ATOM   1030 C CG  . PHE A 1 128 ? -5.162  8.734   -1.145  1.00 14.20 ?  128 PHE A CG  1 
ATOM   1031 C CD1 . PHE A 1 128 ? -4.139  7.843   -1.397  1.00 14.27 ?  128 PHE A CD1 1 
ATOM   1032 C CD2 . PHE A 1 128 ? -6.103  8.395   -0.217  1.00 14.35 ?  128 PHE A CD2 1 
ATOM   1033 C CE1 . PHE A 1 128 ? -4.063  6.640   -0.732  1.00 14.33 ?  128 PHE A CE1 1 
ATOM   1034 C CE2 . PHE A 1 128 ? -6.048  7.201   0.449   1.00 14.38 ?  128 PHE A CE2 1 
ATOM   1035 C CZ  . PHE A 1 128 ? -5.036  6.320   0.181   1.00 14.48 ?  128 PHE A CZ  1 
ATOM   1036 N N   . LYS A 1 129 ? -4.712  13.215  -2.342  1.00 15.58 ?  129 LYS A N   1 
ATOM   1037 C CA  . LYS A 1 129 ? -4.583  14.396  -3.199  1.00 16.77 ?  129 LYS A CA  1 
ATOM   1038 C C   . LYS A 1 129 ? -3.185  15.024  -3.099  1.00 16.53 ?  129 LYS A C   1 
ATOM   1039 O O   . LYS A 1 129 ? -2.613  15.422  -4.112  1.00 16.09 ?  129 LYS A O   1 
ATOM   1040 C CB  . LYS A 1 129 ? -5.659  15.425  -2.865  1.00 18.24 ?  129 LYS A CB  1 
ATOM   1041 C CG  . LYS A 1 129 ? -7.050  15.021  -3.335  1.00 19.70 ?  129 LYS A CG  1 
ATOM   1042 C CD  . LYS A 1 129 ? -7.966  16.229  -3.453  1.00 21.64 ?  129 LYS A CD  1 
ATOM   1043 C CE  . LYS A 1 129 ? -7.656  17.015  -4.719  1.00 22.86 ?  129 LYS A CE  1 
ATOM   1044 N NZ  . LYS A 1 129 ? -8.464  18.258  -4.809  1.00 24.48 ?  129 LYS A NZ  1 
ATOM   1045 N N   . LYS A 1 130 ? -2.623  15.076  -1.891  1.00 16.48 ?  130 LYS A N   1 
ATOM   1046 C CA  . LYS A 1 130 ? -1.256  15.586  -1.714  1.00 17.04 ?  130 LYS A CA  1 
ATOM   1047 C C   . LYS A 1 130 ? -0.234  14.721  -2.466  1.00 16.32 ?  130 LYS A C   1 
ATOM   1048 O O   . LYS A 1 130 ? 0.773   15.229  -2.951  1.00 16.05 ?  130 LYS A O   1 
ATOM   1049 C CB  . LYS A 1 130 ? -0.878  15.654  -0.235  1.00 17.90 ?  130 LYS A CB  1 
ATOM   1050 C CG  . LYS A 1 130 ? 0.464   16.343  0.012   1.00 19.50 ?  130 LYS A CG  1 
ATOM   1051 C CD  . LYS A 1 130 ? 1.169   15.841  1.250   1.00 20.48 ?  130 LYS A CD  1 
ATOM   1052 C CE  . LYS A 1 130 ? 2.691   15.962  1.150   1.00 21.54 ?  130 LYS A CE  1 
ATOM   1053 N NZ  . LYS A 1 130 ? 3.128   17.370  0.934   1.00 22.27 ?  130 LYS A NZ  1 
ATOM   1054 N N   . GLN A 1 131 ? -0.499  13.417  -2.549  1.00 15.80 ?  131 GLN A N   1 
ATOM   1055 C CA  . GLN A 1 131 ? 0.365   12.481  -3.280  1.00 15.47 ?  131 GLN A CA  1 
ATOM   1056 C C   . GLN A 1 131 ? 0.072   12.445  -4.789  1.00 15.47 ?  131 GLN A C   1 
ATOM   1057 O O   . GLN A 1 131 ? 0.589   11.576  -5.495  1.00 15.60 ?  131 GLN A O   1 
ATOM   1058 C CB  . GLN A 1 131 ? 0.227   11.061  -2.711  1.00 15.28 ?  131 GLN A CB  1 
ATOM   1059 C CG  . GLN A 1 131 ? 0.358   10.927  -1.198  1.00 15.22 ?  131 GLN A CG  1 
ATOM   1060 C CD  . GLN A 1 131 ? 1.515   11.718  -0.614  1.00 15.37 ?  131 GLN A CD  1 
ATOM   1061 O OE1 . GLN A 1 131 ? 2.607   11.762  -1.186  1.00 15.55 ?  131 GLN A OE1 1 
ATOM   1062 N NE2 . GLN A 1 131 ? 1.281   12.356  0.527   1.00 15.20 ?  131 GLN A NE2 1 
ATOM   1063 N N   . GLY A 1 132 ? -0.752  13.371  -5.281  1.00 14.91 ?  132 GLY A N   1 
ATOM   1064 C CA  . GLY A 1 132 ? -1.054  13.459  -6.708  1.00 14.85 ?  132 GLY A CA  1 
ATOM   1065 C C   . GLY A 1 132 ? -2.190  12.572  -7.193  1.00 14.73 ?  132 GLY A C   1 
ATOM   1066 O O   . GLY A 1 132 ? -2.340  12.376  -8.398  1.00 14.95 ?  132 GLY A O   1 
ATOM   1067 N N   . PHE A 1 133 ? -3.001  12.039  -6.278  1.00 14.28 ?  133 PHE A N   1 
ATOM   1068 C CA  . PHE A 1 133 ? -4.171  11.249  -6.674  1.00 14.35 ?  133 PHE A CA  1 
ATOM   1069 C C   . PHE A 1 133 ? -5.321  12.186  -7.033  1.00 14.97 ?  133 PHE A C   1 
ATOM   1070 O O   . PHE A 1 133 ? -5.410  13.308  -6.528  1.00 14.31 ?  133 PHE A O   1 
ATOM   1071 C CB  . PHE A 1 133 ? -4.659  10.323  -5.551  1.00 14.14 ?  133 PHE A CB  1 
ATOM   1072 C CG  . PHE A 1 133 ? -3.806  9.102   -5.325  1.00 13.78 ?  133 PHE A CG  1 
ATOM   1073 C CD1 . PHE A 1 133 ? -4.339  7.833   -5.495  1.00 13.77 ?  133 PHE A CD1 1 
ATOM   1074 C CD2 . PHE A 1 133 ? -2.486  9.216   -4.908  1.00 13.81 ?  133 PHE A CD2 1 
ATOM   1075 C CE1 . PHE A 1 133 ? -3.574  6.700   -5.257  1.00 13.70 ?  133 PHE A CE1 1 
ATOM   1076 C CE2 . PHE A 1 133 ? -1.713  8.086   -4.683  1.00 13.62 ?  133 PHE A CE2 1 
ATOM   1077 C CZ  . PHE A 1 133 ? -2.260  6.829   -4.861  1.00 13.59 ?  133 PHE A CZ  1 
ATOM   1078 N N   . SER A 1 134 ? -6.217  11.687  -7.878  1.00 15.74 ?  134 SER A N   1 
ATOM   1079 C CA  . SER A 1 134 ? -7.387  12.430  -8.305  1.00 16.53 ?  134 SER A CA  1 
ATOM   1080 C C   . SER A 1 134 ? -8.617  11.538  -8.280  1.00 16.95 ?  134 SER A C   1 
ATOM   1081 O O   . SER A 1 134 ? -8.510  10.322  -8.413  1.00 16.48 ?  134 SER A O   1 
ATOM   1082 C CB  . SER A 1 134 ? -7.165  12.954  -9.727  1.00 16.89 ?  134 SER A CB  1 
ATOM   1083 O OG  . SER A 1 134 ? -8.359  13.496  -10.259 1.00 17.40 ?  134 SER A OG  1 
ATOM   1084 N N   . LYS A 1 135 ? -9.782  12.157  -8.115  1.00 18.17 ?  135 LYS A N   1 
ATOM   1085 C CA  . LYS A 1 135 ? -11.067 11.477  -8.290  1.00 19.36 ?  135 LYS A CA  1 
ATOM   1086 C C   . LYS A 1 135 ? -11.377 11.197  -9.768  1.00 19.47 ?  135 LYS A C   1 
ATOM   1087 O O   . LYS A 1 135 ? -12.239 10.369  -10.081 1.00 19.29 ?  135 LYS A O   1 
ATOM   1088 C CB  . LYS A 1 135 ? -12.197 12.325  -7.714  1.00 20.76 ?  135 LYS A CB  1 
ATOM   1089 C CG  . LYS A 1 135 ? -12.182 12.477  -6.203  1.00 22.28 ?  135 LYS A CG  1 
ATOM   1090 C CD  . LYS A 1 135 ? -13.471 13.146  -5.746  1.00 23.64 ?  135 LYS A CD  1 
ATOM   1091 C CE  . LYS A 1 135 ? -13.523 13.362  -4.244  1.00 24.71 ?  135 LYS A CE  1 
ATOM   1092 N NZ  . LYS A 1 135 ? -12.584 14.427  -3.806  1.00 26.13 ?  135 LYS A NZ  1 
ATOM   1093 N N   . ASP A 1 136 ? -10.699 11.904  -10.667 1.00 19.64 ?  136 ASP A N   1 
ATOM   1094 C CA  . ASP A 1 136 ? -10.869 11.699  -12.103 1.00 20.18 ?  136 ASP A CA  1 
ATOM   1095 C C   . ASP A 1 136 ? -10.068 10.475  -12.533 1.00 19.34 ?  136 ASP A C   1 
ATOM   1096 O O   . ASP A 1 136 ? -8.838  10.480  -12.492 1.00 18.12 ?  136 ASP A O   1 
ATOM   1097 C CB  . ASP A 1 136 ? -10.418 12.938  -12.880 1.00 21.08 ?  136 ASP A CB  1 
ATOM   1098 C CG  . ASP A 1 136 ? -11.198 14.186  -12.498 1.00 22.16 ?  136 ASP A CG  1 
ATOM   1099 O OD1 . ASP A 1 136 ? -12.351 14.064  -12.032 1.00 22.47 ?  136 ASP A OD1 1 
ATOM   1100 O OD2 . ASP A 1 136 ? -10.652 15.293  -12.665 1.00 23.81 ?  136 ASP A OD2 1 
ATOM   1101 N N   . ILE A 1 137 ? -10.782 9.424   -12.934 1.00 19.10 ?  137 ILE A N   1 
ATOM   1102 C CA  . ILE A 1 137 ? -10.170 8.131   -13.233 1.00 18.79 ?  137 ILE A CA  1 
ATOM   1103 C C   . ILE A 1 137 ? -9.959  7.963   -14.740 1.00 19.01 ?  137 ILE A C   1 
ATOM   1104 O O   . ILE A 1 137 ? -10.909 8.029   -15.516 1.00 19.92 ?  137 ILE A O   1 
ATOM   1105 C CB  . ILE A 1 137 ? -11.036 6.970   -12.699 1.00 18.55 ?  137 ILE A CB  1 
ATOM   1106 C CG1 . ILE A 1 137 ? -11.491 7.243   -11.252 1.00 18.38 ?  137 ILE A CG1 1 
ATOM   1107 C CG2 . ILE A 1 137 ? -10.278 5.651   -12.789 1.00 18.60 ?  137 ILE A CG2 1 
ATOM   1108 C CD1 . ILE A 1 137 ? -10.363 7.486   -10.267 1.00 18.27 ?  137 ILE A CD1 1 
ATOM   1109 N N   . LYS A 1 138 ? -8.709  7.751   -15.141 1.00 19.06 ?  138 LYS A N   1 
ATOM   1110 C CA  . LYS A 1 138 ? -8.354  7.552   -16.545 1.00 19.05 ?  138 LYS A CA  1 
ATOM   1111 C C   . LYS A 1 138 ? -8.257  6.074   -16.922 1.00 18.11 ?  138 LYS A C   1 
ATOM   1112 O O   . LYS A 1 138 ? -8.414  5.738   -18.088 1.00 16.98 ?  138 LYS A O   1 
ATOM   1113 C CB  . LYS A 1 138 ? -7.025  8.236   -16.869 1.00 20.14 ?  138 LYS A CB  1 
ATOM   1114 C CG  . LYS A 1 138 ? -7.024  9.743   -16.665 1.00 21.42 ?  138 LYS A CG  1 
ATOM   1115 C CD  . LYS A 1 138 ? -5.627  10.309  -16.894 1.00 22.64 ?  138 LYS A CD  1 
ATOM   1116 C CE  . LYS A 1 138 ? -5.615  11.825  -16.835 1.00 23.15 ?  138 LYS A CE  1 
ATOM   1117 N NZ  . LYS A 1 138 ? -6.018  12.332  -15.494 1.00 24.05 ?  138 LYS A NZ  1 
ATOM   1118 N N   . VAL A 1 139 ? -7.979  5.196   -15.958 1.00 17.34 ?  139 VAL A N   1 
ATOM   1119 C CA  . VAL A 1 139 ? -7.993  3.757   -16.230 1.00 17.36 ?  139 VAL A CA  1 
ATOM   1120 C C   . VAL A 1 139 ? -9.428  3.356   -16.585 1.00 17.22 ?  139 VAL A C   1 
ATOM   1121 O O   . VAL A 1 139 ? -10.338 3.583   -15.788 1.00 17.19 ?  139 VAL A O   1 
ATOM   1122 C CB  . VAL A 1 139 ? -7.523  2.899   -15.027 1.00 17.37 ?  139 VAL A CB  1 
ATOM   1123 C CG1 . VAL A 1 139 ? -7.579  1.421   -15.389 1.00 17.33 ?  139 VAL A CG1 1 
ATOM   1124 C CG2 . VAL A 1 139 ? -6.112  3.284   -14.587 1.00 17.70 ?  139 VAL A CG2 1 
ATOM   1125 N N   . PRO A 1 140 ? -9.642  2.770   -17.777 1.00 17.38 ?  140 PRO A N   1 
ATOM   1126 C CA  . PRO A 1 140 ? -11.016 2.388   -18.116 1.00 17.79 ?  140 PRO A CA  1 
ATOM   1127 C C   . PRO A 1 140 ? -11.611 1.393   -17.123 1.00 18.16 ?  140 PRO A C   1 
ATOM   1128 O O   . PRO A 1 140 ? -10.905 0.510   -16.639 1.00 17.76 ?  140 PRO A O   1 
ATOM   1129 C CB  . PRO A 1 140 ? -10.879 1.746   -19.501 1.00 17.55 ?  140 PRO A CB  1 
ATOM   1130 C CG  . PRO A 1 140 ? -9.612  2.287   -20.059 1.00 17.80 ?  140 PRO A CG  1 
ATOM   1131 C CD  . PRO A 1 140 ? -8.704  2.465   -18.872 1.00 17.67 ?  140 PRO A CD  1 
ATOM   1132 N N   . LYS A 1 141 ? -12.903 1.543   -16.839 1.00 18.80 ?  141 LYS A N   1 
ATOM   1133 C CA  . LYS A 1 141 ? -13.606 0.662   -15.900 1.00 19.78 ?  141 LYS A CA  1 
ATOM   1134 C C   . LYS A 1 141 ? -13.468 -0.823  -16.270 1.00 19.98 ?  141 LYS A C   1 
ATOM   1135 O O   . LYS A 1 141 ? -13.324 -1.671  -15.387 1.00 20.20 ?  141 LYS A O   1 
ATOM   1136 C CB  . LYS A 1 141 ? -15.079 1.069   -15.796 1.00 20.51 ?  141 LYS A CB  1 
ATOM   1137 C CG  . LYS A 1 141 ? -15.854 0.328   -14.723 1.00 21.16 ?  141 LYS A CG  1 
ATOM   1138 C CD  . LYS A 1 141 ? -17.256 0.887   -14.587 1.00 21.99 ?  141 LYS A CD  1 
ATOM   1139 C CE  . LYS A 1 141 ? -18.030 0.165   -13.501 1.00 22.66 ?  141 LYS A CE  1 
ATOM   1140 N NZ  . LYS A 1 141 ? -19.418 0.689   -13.385 1.00 23.50 ?  141 LYS A NZ  1 
ATOM   1141 N N   . SER A 1 142 ? -13.482 -1.124  -17.570 1.00 20.19 ?  142 SER A N   1 
ATOM   1142 C CA  . SER A 1 142 ? -13.300 -2.496  -18.061 1.00 20.41 ?  142 SER A CA  1 
ATOM   1143 C C   . SER A 1 142 ? -11.969 -3.092  -17.620 1.00 19.77 ?  142 SER A C   1 
ATOM   1144 O O   . SER A 1 142 ? -11.857 -4.314  -17.455 1.00 20.37 ?  142 SER A O   1 
ATOM   1145 C CB  . SER A 1 142 ? -13.378 -2.532  -19.591 1.00 20.86 ?  142 SER A CB  1 
ATOM   1146 O OG  . SER A 1 142 ? -12.400 -1.675  -20.165 1.00 21.54 ?  142 SER A OG  1 
ATOM   1147 N N   . ARG A 1 143 ? -10.979 -2.240  -17.416 1.00 18.52 ?  143 ARG A N   1 
ATOM   1148 C CA  . ARG A 1 143 ? -9.700  -2.653  -16.963 1.00 17.82 ?  143 ARG A CA  1 
ATOM   1149 C C   . ARG A 1 143 ? -9.577  -2.944  -15.499 1.00 17.18 ?  143 ARG A C   1 
ATOM   1150 O O   . ARG A 1 143 ? -8.801  -3.721  -15.142 1.00 17.20 ?  143 ARG A O   1 
ATOM   1151 C CB  . ARG A 1 143 ? -8.644  -1.664  -17.333 1.00 20.00 ?  143 ARG A CB  1 
ATOM   1152 C CG  . ARG A 1 143 ? -7.793  -2.173  -18.422 1.00 20.00 ?  143 ARG A CG  1 
ATOM   1153 C CD  . ARG A 1 143 ? -7.971  -1.384  -19.676 1.00 20.00 ?  143 ARG A CD  1 
ATOM   1154 N NE  . ARG A 1 143 ? -6.813  -0.546  -19.673 1.00 20.00 ?  143 ARG A NE  1 
ATOM   1155 C CZ  . ARG A 1 143 ? -5.668  -1.035  -19.315 1.00 20.00 ?  143 ARG A CZ  1 
ATOM   1156 N NH1 . ARG A 1 143 ? -5.608  -2.333  -19.118 1.00 20.00 ?  143 ARG A NH1 1 
ATOM   1157 N NH2 . ARG A 1 143 ? -4.595  -0.277  -19.248 1.00 20.00 ?  143 ARG A NH2 1 
ATOM   1158 N N   . TYR A 1 144 ? -10.320 -2.268  -14.661 1.00 16.45 ?  144 TYR A N   1 
ATOM   1159 C CA  . TYR A 1 144 ? -10.215 -2.494  -13.205 1.00 15.90 ?  144 TYR A CA  1 
ATOM   1160 C C   . TYR A 1 144 ? -11.399 -3.230  -12.549 1.00 16.11 ?  144 TYR A C   1 
ATOM   1161 O O   . TYR A 1 144 ? -11.243 -3.785  -11.457 1.00 15.44 ?  144 TYR A O   1 
ATOM   1162 C CB  . TYR A 1 144 ? -9.904  -1.185  -12.449 1.00 15.48 ?  144 TYR A CB  1 
ATOM   1163 C CG  . TYR A 1 144 ? -11.011 -0.150  -12.453 1.00 15.22 ?  144 TYR A CG  1 
ATOM   1164 C CD1 . TYR A 1 144 ? -12.170 -0.322  -11.687 1.00 15.02 ?  144 TYR A CD1 1 
ATOM   1165 C CD2 . TYR A 1 144 ? -10.895 1.006   -13.212 1.00 14.82 ?  144 TYR A CD2 1 
ATOM   1166 C CE1 . TYR A 1 144 ? -13.176 0.628   -11.697 1.00 14.94 ?  144 TYR A CE1 1 
ATOM   1167 C CE2 . TYR A 1 144 ? -11.893 1.959   -13.224 1.00 14.81 ?  144 TYR A CE2 1 
ATOM   1168 C CZ  . TYR A 1 144 ? -13.028 1.767   -12.470 1.00 14.80 ?  144 TYR A CZ  1 
ATOM   1169 O OH  . TYR A 1 144 ? -14.008 2.727   -12.504 1.00 14.63 ?  144 TYR A OH  1 
ATOM   1170 N N   . LEU A 1 145 ? -12.567 -3.231  -13.197 1.00 16.21 ?  145 LEU A N   1 
ATOM   1171 C CA  . LEU A 1 145 ? -13.759 -3.860  -12.627 1.00 16.29 ?  145 LEU A CA  1 
ATOM   1172 C C   . LEU A 1 145 ? -13.511 -5.349  -12.389 1.00 16.46 ?  145 LEU A C   1 
ATOM   1173 O O   . LEU A 1 145 ? -13.154 -6.079  -13.307 1.00 16.09 ?  145 LEU A O   1 
ATOM   1174 C CB  . LEU A 1 145 ? -14.976 -3.660  -13.542 1.00 16.56 ?  145 LEU A CB  1 
ATOM   1175 C CG  . LEU A 1 145 ? -16.300 -4.297  -13.087 1.00 16.65 ?  145 LEU A CG  1 
ATOM   1176 C CD1 . LEU A 1 145 ? -16.709 -3.775  -11.722 1.00 16.83 ?  145 LEU A CD1 1 
ATOM   1177 C CD2 . LEU A 1 145 ? -17.407 -4.048  -14.103 1.00 16.87 ?  145 LEU A CD2 1 
ATOM   1178 N N   . GLY A 1 146 ? -13.656 -5.781  -11.141 1.00 16.71 ?  146 GLY A N   1 
ATOM   1179 C CA  . GLY A 1 146 ? -13.403 -7.172  -10.774 1.00 17.29 ?  146 GLY A CA  1 
ATOM   1180 C C   . GLY A 1 146 ? -11.931 -7.528  -10.577 1.00 18.03 ?  146 GLY A C   1 
ATOM   1181 O O   . GLY A 1 146 ? -11.606 -8.679  -10.272 1.00 18.23 ?  146 GLY A O   1 
ATOM   1182 N N   . TYR A 1 147 ? -11.043 -6.554  -10.766 1.00 18.45 ?  147 TYR A N   1 
ATOM   1183 C CA  . TYR A 1 147 ? -9.615  -6.724  -10.501 1.00 18.94 ?  147 TYR A CA  1 
ATOM   1184 C C   . TYR A 1 147 ? -9.312  -6.118  -9.145  1.00 19.42 ?  147 TYR A C   1 
ATOM   1185 O O   . TYR A 1 147 ? -8.755  -6.781  -8.281  1.00 20.00 ?  147 TYR A O   1 
ATOM   1186 C CB  . TYR A 1 147 ? -8.770  -6.041  -11.573 1.00 18.84 ?  147 TYR A CB  1 
ATOM   1187 C CG  . TYR A 1 147 ? -8.705  -6.802  -12.866 1.00 19.58 ?  147 TYR A CG  1 
ATOM   1188 C CD1 . TYR A 1 147 ? -7.615  -7.610  -13.166 1.00 19.65 ?  147 TYR A CD1 1 
ATOM   1189 C CD2 . TYR A 1 147 ? -9.740  -6.727  -13.786 1.00 20.31 ?  147 TYR A CD2 1 
ATOM   1190 C CE1 . TYR A 1 147 ? -7.557  -8.316  -14.351 1.00 19.95 ?  147 TYR A CE1 1 
ATOM   1191 C CE2 . TYR A 1 147 ? -9.688  -7.429  -14.974 1.00 20.79 ?  147 TYR A CE2 1 
ATOM   1192 C CZ  . TYR A 1 147 ? -8.597  -8.220  -15.248 1.00 20.52 ?  147 TYR A CZ  1 
ATOM   1193 O OH  . TYR A 1 147 ? -8.554  -8.911  -16.428 1.00 21.21 ?  147 TYR A OH  1 
ATOM   1194 N N   . ILE A 1 148 ? -9.693  -4.853  -8.974  1.00 19.93 ?  148 ILE A N   1 
ATOM   1195 C CA  . ILE A 1 148 ? -9.563  -4.162  -7.687  1.00 20.55 ?  148 ILE A CA  1 
ATOM   1196 C C   . ILE A 1 148 ? -10.751 -4.453  -6.772  1.00 21.54 ?  148 ILE A C   1 
ATOM   1197 O O   . ILE A 1 148 ? -11.848 -4.747  -7.238  1.00 21.64 ?  148 ILE A O   1 
ATOM   1198 C CB  . ILE A 1 148 ? -9.404  -2.634  -7.859  1.00 20.02 ?  148 ILE A CB  1 
ATOM   1199 C CG1 . ILE A 1 148 ? -10.687 -1.979  -8.396  1.00 19.95 ?  148 ILE A CG1 1 
ATOM   1200 C CG2 . ILE A 1 148 ? -8.222  -2.334  -8.770  1.00 20.08 ?  148 ILE A CG2 1 
ATOM   1201 C CD1 . ILE A 1 148 ? -10.569 -0.483  -8.584  1.00 20.02 ?  148 ILE A CD1 1 
ATOM   1202 N N   . LYS A 1 149 ? -10.522 -4.358  -5.468  1.00 23.09 ?  149 LYS A N   1 
ATOM   1203 C CA  . LYS A 1 149 ? -11.571 -4.575  -4.482  1.00 24.94 ?  149 LYS A CA  1 
ATOM   1204 C C   . LYS A 1 149 ? -12.283 -3.262  -4.174  1.00 26.14 ?  149 LYS A C   1 
ATOM   1205 O O   . LYS A 1 149 ? -11.642 -2.247  -3.930  1.00 25.49 ?  149 LYS A O   1 
ATOM   1206 C CB  . LYS A 1 149 ? -10.978 -5.195  -3.217  1.00 25.62 ?  149 LYS A CB  1 
ATOM   1207 C CG  . LYS A 1 149 ? -10.507 -6.619  -3.465  1.00 26.61 ?  149 LYS A CG  1 
ATOM   1208 C CD  . LYS A 1 149 ? -9.791  -7.235  -2.279  1.00 27.11 ?  149 LYS A CD  1 
ATOM   1209 C CE  . LYS A 1 149 ? -9.385  -8.673  -2.585  1.00 27.76 ?  149 LYS A CE  1 
ATOM   1210 N NZ  . LYS A 1 149 ? -8.319  -8.819  -3.625  1.00 27.80 ?  149 LYS A NZ  1 
ATOM   1211 N N   . ASP A 1 150 ? -13.613 -3.291  -4.201  1.00 28.08 ?  150 ASP A N   1 
ATOM   1212 C CA  . ASP A 1 150 ? -14.424 -2.113  -3.892  1.00 29.98 ?  150 ASP A CA  1 
ATOM   1213 C C   . ASP A 1 150 ? -14.812 -2.086  -2.412  1.00 31.39 ?  150 ASP A C   1 
ATOM   1214 O O   . ASP A 1 150 ? -14.894 -3.130  -1.763  1.00 31.25 ?  150 ASP A O   1 
ATOM   1215 C CB  . ASP A 1 150 ? -15.670 -2.068  -4.784  1.00 31.17 ?  150 ASP A CB  1 
ATOM   1216 C CG  . ASP A 1 150 ? -16.562 -3.298  -4.619  1.00 32.10 ?  150 ASP A CG  1 
ATOM   1217 O OD1 . ASP A 1 150 ? -16.073 -4.427  -4.832  1.00 33.87 ?  150 ASP A OD1 1 
ATOM   1218 O OD2 . ASP A 1 150 ? -17.751 -3.138  -4.278  1.00 32.68 ?  150 ASP A OD2 1 
ATOM   1219 N N   . TYR A 1 151 ? -15.042 -0.885  -1.883  1.00 33.58 ?  151 TYR A N   1 
ATOM   1220 C CA  . TYR A 1 151 ? -15.378 -0.704  -0.468  1.00 35.61 ?  151 TYR A CA  1 
ATOM   1221 C C   . TYR A 1 151 ? -16.570 0.223   -0.269  1.00 38.03 ?  151 TYR A C   1 
ATOM   1222 O O   . TYR A 1 151 ? -16.833 1.108   -1.091  1.00 39.02 ?  151 TYR A O   1 
ATOM   1223 C CB  . TYR A 1 151 ? -14.179 -0.148  0.303   1.00 36.22 ?  151 TYR A CB  1 
ATOM   1224 C CG  . TYR A 1 151 ? -13.018 -1.105  0.402   1.00 35.74 ?  151 TYR A CG  1 
ATOM   1225 C CD1 . TYR A 1 151 ? -12.904 -1.986  1.473   1.00 35.75 ?  151 TYR A CD1 1 
ATOM   1226 C CD2 . TYR A 1 151 ? -12.033 -1.131  -0.581  1.00 36.13 ?  151 TYR A CD2 1 
ATOM   1227 C CE1 . TYR A 1 151 ? -11.840 -2.867  1.564   1.00 35.71 ?  151 TYR A CE1 1 
ATOM   1228 C CE2 . TYR A 1 151 ? -10.965 -2.005  -0.500  1.00 35.66 ?  151 TYR A CE2 1 
ATOM   1229 C CZ  . TYR A 1 151 ? -10.870 -2.869  0.574   1.00 35.75 ?  151 TYR A CZ  1 
ATOM   1230 O OH  . TYR A 1 151 ? -9.810  -3.736  0.646   1.00 35.96 ?  151 TYR A OH  1 
ATOM   1231 N N   . GLU A 1 152 ? -17.263 0.017   0.850   1.00 39.34 ?  152 GLU A N   1 
ATOM   1232 C CA  . GLU A 1 152 ? -18.492 0.738   1.177   1.00 39.82 ?  152 GLU A CA  1 
ATOM   1233 C C   . GLU A 1 152 ? -18.220 2.205   1.501   1.00 37.13 ?  152 GLU A C   1 
ATOM   1234 O O   . GLU A 1 152 ? -17.441 2.509   2.404   1.00 38.29 ?  152 GLU A O   1 
ATOM   1235 C CB  . GLU A 1 152 ? -19.178 0.067   2.378   1.00 41.99 ?  152 GLU A CB  1 
ATOM   1236 C CG  . GLU A 1 152 ? -20.583 0.573   2.682   1.00 44.29 ?  152 GLU A CG  1 
ATOM   1237 C CD  . GLU A 1 152 ? -21.588 0.213   1.601   1.00 46.02 ?  152 GLU A CD  1 
ATOM   1238 O OE1 . GLU A 1 152 ? -22.370 1.096   1.189   1.00 48.99 ?  152 GLU A OE1 1 
ATOM   1239 O OE2 . GLU A 1 152 ? -21.598 -0.954  1.157   1.00 47.15 ?  152 GLU A OE2 1 
ATOM   1240 N N   . GLY A 1 153 ? -18.862 3.106   0.758   1.00 34.97 ?  153 GLY A N   1 
ATOM   1241 C CA  . GLY A 1 153 ? -18.759 4.548   1.010   1.00 32.43 ?  153 GLY A CA  1 
ATOM   1242 C C   . GLY A 1 153 ? -17.406 5.183   0.718   1.00 30.17 ?  153 GLY A C   1 
ATOM   1243 O O   . GLY A 1 153 ? -17.160 6.325   1.111   1.00 30.86 ?  153 GLY A O   1 
ATOM   1244 N N   . ALA A 1 154 ? -16.530 4.456   0.029   1.00 26.85 ?  154 ALA A N   1 
ATOM   1245 C CA  . ALA A 1 154 ? -15.191 4.943   -0.284  1.00 24.23 ?  154 ALA A CA  1 
ATOM   1246 C C   . ALA A 1 154 ? -15.182 5.568   -1.676  1.00 22.42 ?  154 ALA A C   1 
ATOM   1247 O O   . ALA A 1 154 ? -16.051 5.281   -2.495  1.00 22.84 ?  154 ALA A O   1 
ATOM   1248 C CB  . ALA A 1 154 ? -14.187 3.805   -0.207  1.00 23.98 ?  154 ALA A CB  1 
ATOM   1249 N N   . THR A 1 155 ? -14.199 6.425   -1.932  1.00 19.78 ?  155 THR A N   1 
ATOM   1250 C CA  . THR A 1 155 ? -14.074 7.123   -3.205  1.00 18.34 ?  155 THR A CA  1 
ATOM   1251 C C   . THR A 1 155 ? -12.891 6.564   -3.997  1.00 17.21 ?  155 THR A C   1 
ATOM   1252 O O   . THR A 1 155 ? -11.759 6.550   -3.509  1.00 16.39 ?  155 THR A O   1 
ATOM   1253 C CB  . THR A 1 155 ? -13.886 8.640   -2.965  1.00 18.07 ?  155 THR A CB  1 
ATOM   1254 O OG1 . THR A 1 155 ? -15.014 9.149   -2.240  1.00 17.70 ?  155 THR A OG1 1 
ATOM   1255 C CG2 . THR A 1 155 ? -13.752 9.395   -4.273  1.00 18.45 ?  155 THR A CG2 1 
ATOM   1256 N N   . LEU A 1 156 ? -13.159 6.100   -5.214  1.00 16.54 ?  156 LEU A N   1 
ATOM   1257 C CA  . LEU A 1 156 ? -12.110 5.602   -6.100  1.00 15.80 ?  156 LEU A CA  1 
ATOM   1258 C C   . LEU A 1 156 ? -11.234 6.775   -6.503  1.00 15.52 ?  156 LEU A C   1 
ATOM   1259 O O   . LEU A 1 156 ? -11.734 7.826   -6.914  1.00 15.18 ?  156 LEU A O   1 
ATOM   1260 C CB  . LEU A 1 156 ? -12.699 4.924   -7.344  1.00 15.59 ?  156 LEU A CB  1 
ATOM   1261 C CG  . LEU A 1 156 ? -11.738 4.316   -8.378  1.00 15.35 ?  156 LEU A CG  1 
ATOM   1262 C CD1 . LEU A 1 156 ? -10.844 3.248   -7.769  1.00 15.24 ?  156 LEU A CD1 1 
ATOM   1263 C CD2 . LEU A 1 156 ? -12.529 3.741   -9.548  1.00 15.27 ?  156 LEU A CD2 1 
ATOM   1264 N N   . MET A 1 157 ? -9.927  6.600   -6.355  1.00 14.93 ?  157 MET A N   1 
ATOM   1265 C CA  . MET A 1 157 ? -8.978  7.630   -6.730  1.00 15.01 ?  157 MET A CA  1 
ATOM   1266 C C   . MET A 1 157 ? -7.809  7.002   -7.465  1.00 15.04 ?  157 MET A C   1 
ATOM   1267 O O   . MET A 1 157 ? -7.479  5.829   -7.251  1.00 14.80 ?  157 MET A O   1 
ATOM   1268 C CB  . MET A 1 157 ? -8.482  8.394   -5.497  1.00 15.04 ?  157 MET A CB  1 
ATOM   1269 C CG  . MET A 1 157 ? -9.579  9.105   -4.722  1.00 14.98 ?  157 MET A CG  1 
ATOM   1270 S SD  . MET A 1 157 ? -8.920  10.136  -3.394  1.00 15.19 ?  157 MET A SD  1 
ATOM   1271 C CE  . MET A 1 157 ? -8.191  11.474  -4.346  1.00 15.25 ?  157 MET A CE  1 
ATOM   1272 N N   . GLU A 1 158 ? -7.195  7.805   -8.325  1.00 14.94 ?  158 GLU A N   1 
ATOM   1273 C CA  . GLU A 1 158 ? -6.152  7.353   -9.210  1.00 15.50 ?  158 GLU A CA  1 
ATOM   1274 C C   . GLU A 1 158 ? -4.949  8.283   -9.146  1.00 15.49 ?  158 GLU A C   1 
ATOM   1275 O O   . GLU A 1 158 ? -5.100  9.499   -9.095  1.00 15.06 ?  158 GLU A O   1 
ATOM   1276 C CB  . GLU A 1 158 ? -6.689  7.305   -10.635 1.00 15.80 ?  158 GLU A CB  1 
ATOM   1277 C CG  . GLU A 1 158 ? -5.669  6.944   -11.695 1.00 16.16 ?  158 GLU A CG  1 
ATOM   1278 C CD  . GLU A 1 158 ? -6.290  6.930   -13.071 1.00 16.83 ?  158 GLU A CD  1 
ATOM   1279 O OE1 . GLU A 1 158 ? -6.948  5.934   -13.412 1.00 17.63 ?  158 GLU A OE1 1 
ATOM   1280 O OE2 . GLU A 1 158 ? -6.143  7.923   -13.809 1.00 17.45 ?  158 GLU A OE2 1 
ATOM   1281 N N   . CYS A 1 159 ? -3.761  7.690   -9.162  1.00 15.91 ?  159 CYS A N   1 
ATOM   1282 C CA  . CYS A 1 159 ? -2.526  8.439   -9.333  1.00 16.54 ?  159 CYS A CA  1 
ATOM   1283 C C   . CYS A 1 159 ? -1.898  8.064   -10.658 1.00 17.26 ?  159 CYS A C   1 
ATOM   1284 O O   . CYS A 1 159 ? -1.624  6.896   -10.911 1.00 17.33 ?  159 CYS A O   1 
ATOM   1285 C CB  . CYS A 1 159 ? -1.537  8.137   -8.213  1.00 16.32 ?  159 CYS A CB  1 
ATOM   1286 S SG  . CYS A 1 159 ? -0.098  9.233   -8.245  1.00 16.28 ?  159 CYS A SG  1 
ATOM   1287 N N   . GLU A 1 160 ? -1.693  9.065   -11.501 1.00 18.63 ?  160 GLU A N   1 
ATOM   1288 C CA  . GLU A 1 160 ? -0.966  8.914   -12.746 1.00 20.11 ?  160 GLU A CA  1 
ATOM   1289 C C   . GLU A 1 160 ? 0.470   9.309   -12.455 1.00 21.10 ?  160 GLU A C   1 
ATOM   1290 O O   . GLU A 1 160 ? 0.745   10.461  -12.099 1.00 20.61 ?  160 GLU A O   1 
ATOM   1291 C CB  . GLU A 1 160 ? -1.571  9.828   -13.812 1.00 21.15 ?  160 GLU A CB  1 
ATOM   1292 C CG  . GLU A 1 160 ? -0.882  9.776   -15.160 1.00 22.03 ?  160 GLU A CG  1 
ATOM   1293 C CD  . GLU A 1 160 ? -1.652  10.556  -16.204 1.00 22.75 ?  160 GLU A CD  1 
ATOM   1294 O OE1 . GLU A 1 160 ? -1.586  11.803  -16.196 1.00 24.19 ?  160 GLU A OE1 1 
ATOM   1295 O OE2 . GLU A 1 160 ? -2.344  9.920   -17.019 1.00 22.93 ?  160 GLU A OE2 1 
ATOM   1296 N N   . LEU A 1 161 ? 1.383   8.352   -12.585 1.00 21.68 ?  161 LEU A N   1 
ATOM   1297 C CA  . LEU A 1 161 ? 2.780   8.598   -12.259 1.00 22.80 ?  161 LEU A CA  1 
ATOM   1298 C C   . LEU A 1 161 ? 3.467   9.265   -13.446 1.00 24.83 ?  161 LEU A C   1 
ATOM   1299 O O   . LEU A 1 161 ? 3.242   8.882   -14.598 1.00 23.75 ?  161 LEU A O   1 
ATOM   1300 C CB  . LEU A 1 161 ? 3.494   7.293   -11.900 1.00 22.44 ?  161 LEU A CB  1 
ATOM   1301 C CG  . LEU A 1 161 ? 3.257   6.720   -10.495 1.00 22.46 ?  161 LEU A CG  1 
ATOM   1302 C CD1 . LEU A 1 161 ? 1.793   6.407   -10.248 1.00 22.77 ?  161 LEU A CD1 1 
ATOM   1303 C CD2 . LEU A 1 161 ? 4.098   5.468   -10.310 1.00 22.16 ?  161 LEU A CD2 1 
ATOM   1304 N N   . ASN A 1 162 ? 4.280   10.280  -13.159 1.00 26.92 ?  162 ASN A N   1 
ATOM   1305 C CA  . ASN A 1 162 ? 5.162   10.867  -14.164 1.00 29.94 ?  162 ASN A CA  1 
ATOM   1306 C C   . ASN A 1 162 ? 6.580   10.353  -13.944 1.00 30.54 ?  162 ASN A C   1 
ATOM   1307 O O   . ASN A 1 162 ? 7.261   10.794  -13.017 1.00 31.69 ?  162 ASN A O   1 
ATOM   1308 C CB  . ASN A 1 162 ? 5.139   12.398  -14.100 1.00 30.85 ?  162 ASN A CB  1 
ATOM   1309 C CG  . ASN A 1 162 ? 5.933   13.045  -15.229 1.00 31.56 ?  162 ASN A CG  1 
ATOM   1310 O OD1 . ASN A 1 162 ? 6.613   12.369  -16.002 1.00 31.67 ?  162 ASN A OD1 1 
ATOM   1311 N ND2 . ASN A 1 162 ? 5.842   14.366  -15.329 1.00 32.25 ?  162 ASN A ND2 1 
ATOM   1312 N N   . PRO A 1 163 ? 7.041   9.432   -14.805 1.00 31.75 ?  163 PRO A N   1 
ATOM   1313 C CA  . PRO A 1 163 ? 8.366   8.850   -14.606 1.00 33.42 ?  163 PRO A CA  1 
ATOM   1314 C C   . PRO A 1 163 ? 9.514   9.822   -14.902 1.00 35.99 ?  163 PRO A C   1 
ATOM   1315 O O   . PRO A 1 163 ? 10.670  9.514   -14.598 1.00 35.73 ?  163 PRO A O   1 
ATOM   1316 C CB  . PRO A 1 163 ? 8.382   7.686   -15.597 1.00 32.91 ?  163 PRO A CB  1 
ATOM   1317 C CG  . PRO A 1 163 ? 7.479   8.119   -16.698 1.00 32.66 ?  163 PRO A CG  1 
ATOM   1318 C CD  . PRO A 1 163 ? 6.422   8.983   -16.067 1.00 32.22 ?  163 PRO A CD  1 
ATOM   1319 N N   . ARG A 1 164 ? 9.187   10.983  -15.471 1.00 39.01 ?  164 ARG A N   1 
ATOM   1320 C CA  . ARG A 1 164 ? 10.181  11.943  -15.951 1.00 41.60 ?  164 ARG A CA  1 
ATOM   1321 C C   . ARG A 1 164 ? 10.849  12.686  -14.794 1.00 42.29 ?  164 ARG A C   1 
ATOM   1322 O O   . ARG A 1 164 ? 10.184  13.067  -13.827 1.00 41.34 ?  164 ARG A O   1 
ATOM   1323 C CB  . ARG A 1 164 ? 9.500   12.938  -16.895 1.00 43.08 ?  164 ARG A CB  1 
ATOM   1324 C CG  . ARG A 1 164 ? 10.410  13.647  -17.883 1.00 45.03 ?  164 ARG A CG  1 
ATOM   1325 C CD  . ARG A 1 164 ? 9.640   14.798  -18.507 1.00 46.19 ?  164 ARG A CD  1 
ATOM   1326 N NE  . ARG A 1 164 ? 10.137  15.206  -19.817 1.00 47.30 ?  164 ARG A NE  1 
ATOM   1327 C CZ  . ARG A 1 164 ? 9.564   16.144  -20.571 1.00 47.94 ?  164 ARG A CZ  1 
ATOM   1328 N NH1 . ARG A 1 164 ? 8.475   16.782  -20.147 1.00 48.33 ?  164 ARG A NH1 1 
ATOM   1329 N NH2 . ARG A 1 164 ? 10.080  16.451  -21.754 1.00 48.70 ?  164 ARG A NH2 1 
ATOM   1330 N N   . ILE A 1 165 ? 12.164  12.882  -14.915 1.00 44.13 ?  165 ILE A N   1 
ATOM   1331 C CA  . ILE A 1 165 ? 12.989  13.590  -13.924 1.00 46.34 ?  165 ILE A CA  1 
ATOM   1332 C C   . ILE A 1 165 ? 13.460  12.656  -12.810 1.00 47.89 ?  165 ILE A C   1 
ATOM   1333 O O   . ILE A 1 165 ? 14.507  12.011  -12.928 1.00 48.48 ?  165 ILE A O   1 
ATOM   1334 C CB  . ILE A 1 165 ? 12.263  14.805  -13.306 1.00 47.09 ?  165 ILE A CB  1 
HETATM 1335 O O14 . 1VU B 2 .   ? 3.161   18.022  5.421   1.00 26.50 ?  201 1VU A O14 1 
HETATM 1336 P P2  . 1VU B 2 .   ? 1.926   18.559  4.747   1.00 25.77 ?  201 1VU A P2  1 
HETATM 1337 O O15 . 1VU B 2 .   ? 1.122   19.378  5.740   1.00 27.48 -1 201 1VU A O15 1 
HETATM 1338 O O16 . 1VU B 2 .   ? 2.255   19.425  3.554   1.00 25.34 -1 201 1VU A O16 1 
HETATM 1339 O O13 . 1VU B 2 .   ? 1.044   17.347  4.208   1.00 21.90 ?  201 1VU A O13 1 
HETATM 1340 C C23 . 1VU B 2 .   ? 0.564   16.284  5.075   1.00 18.72 ?  201 1VU A C23 1 
HETATM 1341 C C22 . 1VU B 2 .   ? -0.846  16.464  5.370   1.00 17.58 ?  201 1VU A C22 1 
HETATM 1342 O O12 . 1VU B 2 .   ? -1.161  17.832  5.743   1.00 17.62 ?  201 1VU A O12 1 
HETATM 1343 C C16 . 1VU B 2 .   ? -1.475  16.093  4.100   1.00 16.68 ?  201 1VU A C16 1 
HETATM 1344 N N2  . 1VU B 2 .   ? -2.829  15.759  4.231   1.00 15.90 ?  201 1VU A N2  1 
HETATM 1345 C C21 . 1VU B 2 .   ? -3.291  14.736  4.983   1.00 15.26 ?  201 1VU A C21 1 
HETATM 1346 N N6  . 1VU B 2 .   ? -2.766  13.779  5.783   1.00 14.67 ?  201 1VU A N6  1 
HETATM 1347 C C20 . 1VU B 2 .   ? -3.576  12.898  6.394   1.00 14.74 ?  201 1VU A C20 1 
HETATM 1348 N N5  . 1VU B 2 .   ? -4.906  12.924  6.246   1.00 14.69 ?  201 1VU A N5  1 
HETATM 1349 C C19 . 1VU B 2 .   ? -5.513  13.841  5.469   1.00 14.70 ?  201 1VU A C19 1 
HETATM 1350 N N4  . 1VU B 2 .   ? -6.919  13.840  5.325   1.00 14.60 ?  201 1VU A N4  1 
HETATM 1351 C C18 . 1VU B 2 .   ? -4.722  14.791  4.800   1.00 14.87 ?  201 1VU A C18 1 
HETATM 1352 N N3  . 1VU B 2 .   ? -4.966  15.911  3.904   1.00 14.87 ?  201 1VU A N3  1 
HETATM 1353 C C17 . 1VU B 2 .   ? -3.765  16.445  3.597   1.00 15.49 ?  201 1VU A C17 1 
HETATM 1354 O O11 . 1VU B 2 .   ? -0.676  14.933  3.546   1.00 16.92 ?  201 1VU A O11 1 
HETATM 1355 C C15 . 1VU B 2 .   ? 0.606   15.019  4.316   1.00 17.97 ?  201 1VU A C15 1 
HETATM 1356 C C14 . 1VU B 2 .   ? 0.679   13.830  5.192   1.00 17.64 ?  201 1VU A C14 1 
HETATM 1357 O O10 . 1VU B 2 .   ? 1.832   14.018  6.031   1.00 17.77 ?  201 1VU A O10 1 
HETATM 1358 P P1  . 1VU B 2 .   ? 2.848   12.819  6.258   1.00 16.21 ?  201 1VU A P1  1 
HETATM 1359 O O8  . 1VU B 2 .   ? 3.692   12.671  5.017   1.00 16.68 -1 201 1VU A O8  1 
HETATM 1360 O O9  . 1VU B 2 .   ? 3.660   13.168  7.483   1.00 16.73 ?  201 1VU A O9  1 
HETATM 1361 O O7  . 1VU B 2 .   ? 2.030   11.470  6.426   1.00 16.01 ?  201 1VU A O7  1 
HETATM 1362 P P   . 1VU B 2 .   ? 1.749   10.648  7.768   1.00 16.01 ?  201 1VU A P   1 
HETATM 1363 O O5  . 1VU B 2 .   ? 3.027   9.967   8.209   1.00 15.85 ?  201 1VU A O5  1 
HETATM 1364 O O6  . 1VU B 2 .   ? 1.174   11.528  8.850   1.00 15.21 -1 201 1VU A O6  1 
HETATM 1365 O O4  . 1VU B 2 .   ? 0.741   9.507   7.311   1.00 16.25 ?  201 1VU A O4  1 
HETATM 1366 C C13 . 1VU B 2 .   ? -0.429  9.818   6.547   1.00 16.51 ?  201 1VU A C13 1 
HETATM 1367 C C10 . 1VU B 2 .   ? -1.428  8.660   6.722   1.00 16.89 ?  201 1VU A C10 1 
HETATM 1368 C C11 . 1VU B 2 .   ? -2.664  8.913   5.834   1.00 16.85 ?  201 1VU A C11 1 
HETATM 1369 C C12 . 1VU B 2 .   ? -0.738  7.361   6.277   1.00 16.64 ?  201 1VU A C12 1 
HETATM 1370 C C9  . 1VU B 2 .   ? -1.840  8.596   8.212   1.00 17.38 ?  201 1VU A C9  1 
HETATM 1371 O O3  . 1VU B 2 .   ? -2.674  9.675   8.520   1.00 17.80 ?  201 1VU A O3  1 
HETATM 1372 C C8  . 1VU B 2 .   ? -2.586  7.325   8.579   1.00 18.03 ?  201 1VU A C8  1 
HETATM 1373 O O2  . 1VU B 2 .   ? -1.991  6.290   8.795   1.00 17.62 ?  201 1VU A O2  1 
HETATM 1374 N N1  . 1VU B 2 .   ? -4.018  7.346   8.677   1.00 19.33 ?  201 1VU A N1  1 
HETATM 1375 C C7  . 1VU B 2 .   ? -4.744  6.158   9.044   1.00 20.29 ?  201 1VU A C7  1 
HETATM 1376 C C6  . 1VU B 2 .   ? -4.731  5.125   7.903   1.00 21.16 ?  201 1VU A C6  1 
HETATM 1377 C C5  . 1VU B 2 .   ? -5.486  5.679   6.690   1.00 22.77 ?  201 1VU A C5  1 
HETATM 1378 O O1  . 1VU B 2 .   ? -6.428  6.422   6.865   1.00 22.97 ?  201 1VU A O1  1 
HETATM 1379 N N   . 1VU B 2 .   ? -5.082  5.304   5.350   1.00 24.26 ?  201 1VU A N   1 
HETATM 1380 C C4  . 1VU B 2 .   ? -5.797  5.813   4.193   1.00 26.80 ?  201 1VU A C4  1 
HETATM 1381 C C3  . 1VU B 2 .   ? -7.271  5.350   4.258   1.00 28.84 ?  201 1VU A C3  1 
HETATM 1382 S S   . 1VU B 2 .   ? -7.784  4.562   2.734   1.00 31.61 ?  201 1VU A S   1 
HETATM 1383 C C2  . 1VU B 2 .   ? -6.594  3.218   2.504   1.00 31.93 ?  201 1VU A C2  1 
HETATM 1384 O O   . 1VU B 2 .   ? -5.907  2.823   3.436   1.00 31.27 ?  201 1VU A O   1 
HETATM 1385 C C1  . 1VU B 2 .   ? -6.416  2.561   1.141   1.00 31.41 ?  201 1VU A C1  1 
HETATM 1386 C C   . 1VU B 2 .   ? -6.842  3.531   0.050   1.00 31.34 ?  201 1VU A C   1 
HETATM 1387 C C1  . EDO C 3 .   ? -7.222  -11.951 -3.481  1.00 44.32 ?  202 EDO A C1  1 
HETATM 1388 O O1  . EDO C 3 .   ? -7.949  -12.451 -2.351  1.00 46.74 ?  202 EDO A O1  1 
HETATM 1389 C C2  . EDO C 3 .   ? -6.203  -12.990 -3.938  1.00 44.20 ?  202 EDO A C2  1 
HETATM 1390 O O2  . EDO C 3 .   ? -5.138  -12.367 -4.670  1.00 42.07 ?  202 EDO A O2  1 
HETATM 1391 C C1  . EDO D 3 .   ? 1.046   3.839   18.006  1.00 35.06 ?  203 EDO A C1  1 
HETATM 1392 O O1  . EDO D 3 .   ? 2.117   4.732   17.661  1.00 33.67 ?  203 EDO A O1  1 
HETATM 1393 C C2  . EDO D 3 .   ? 0.149   4.428   19.090  1.00 34.63 ?  203 EDO A C2  1 
HETATM 1394 O O2  . EDO D 3 .   ? 0.660   5.672   19.590  1.00 35.77 ?  203 EDO A O2  1 
HETATM 1395 C C1  . EDO E 3 .   ? 4.580   13.873  -4.283  1.00 41.10 ?  204 EDO A C1  1 
HETATM 1396 O O1  . EDO E 3 .   ? 3.450   13.651  -5.138  1.00 41.52 ?  204 EDO A O1  1 
HETATM 1397 C C2  . EDO E 3 .   ? 4.272   14.994  -3.297  1.00 41.57 ?  204 EDO A C2  1 
HETATM 1398 O O2  . EDO E 3 .   ? 3.952   14.450  -2.013  1.00 40.70 ?  204 EDO A O2  1 
HETATM 1399 C C1  . IPA F 4 .   ? -5.348  2.163   20.586  1.00 36.87 ?  205 IPA A C1  1 
HETATM 1400 C C2  . IPA F 4 .   ? -4.951  1.263   19.424  1.00 36.09 ?  205 IPA A C2  1 
HETATM 1401 C C3  . IPA F 4 .   ? -4.246  0.007   19.926  1.00 35.55 ?  205 IPA A C3  1 
HETATM 1402 O O2  . IPA F 4 .   ? -6.140  0.945   18.695  1.00 34.47 ?  205 IPA A O2  1 
HETATM 1403 O O   . HOH G 5 .   ? 18.322  -0.039  14.947  1.00 49.35 ?  301 HOH A O   1 
HETATM 1404 O O   . HOH G 5 .   ? 10.670  11.339  -0.046  1.00 25.01 ?  302 HOH A O   1 
HETATM 1405 O O   . HOH G 5 .   ? -13.376 -0.254  -22.004 1.00 43.49 ?  303 HOH A O   1 
HETATM 1406 O O   . HOH G 5 .   ? -15.246 8.627   0.228   1.00 28.26 ?  304 HOH A O   1 
HETATM 1407 O O   . HOH G 5 .   ? -17.666 11.718  11.160  1.00 14.58 ?  305 HOH A O   1 
HETATM 1408 O O   . HOH G 5 .   ? 17.931  6.928   14.260  1.00 38.89 ?  306 HOH A O   1 
HETATM 1409 O O   . HOH G 5 .   ? -13.648 8.770   -8.305  1.00 12.94 ?  307 HOH A O   1 
HETATM 1410 O O   . HOH G 5 .   ? -5.238  -3.061  -21.543 1.00 43.17 ?  308 HOH A O   1 
HETATM 1411 O O   . HOH G 5 .   ? 4.040   10.624  -3.318  1.00 16.80 ?  309 HOH A O   1 
HETATM 1412 O O   . HOH G 5 .   ? -7.621  1.321   16.594  1.00 20.03 ?  310 HOH A O   1 
HETATM 1413 O O   . HOH G 5 .   ? 12.620  -7.270  0.446   1.00 16.41 ?  311 HOH A O   1 
HETATM 1414 O O   . HOH G 5 .   ? 1.450   -8.844  -20.800 1.00 26.58 ?  312 HOH A O   1 
HETATM 1415 O O   . HOH G 5 .   ? -1.310  11.718  9.712   1.00 14.16 ?  313 HOH A O   1 
HETATM 1416 O O   . HOH G 5 .   ? -9.130  -1.447  -3.868  1.00 27.91 ?  314 HOH A O   1 
HETATM 1417 O O   . HOH G 5 .   ? -3.880  -15.044 2.857   1.00 18.47 ?  315 HOH A O   1 
HETATM 1418 O O   . HOH G 5 .   ? 5.204   10.898  9.383   1.00 13.06 ?  316 HOH A O   1 
HETATM 1419 O O   . HOH G 5 .   ? 1.059   1.575   -16.521 1.00 13.25 ?  317 HOH A O   1 
HETATM 1420 O O   . HOH G 5 .   ? -12.803 -6.369  -16.015 1.00 27.29 ?  318 HOH A O   1 
HETATM 1421 O O   . HOH G 5 .   ? -6.789  -6.622  -3.093  1.00 23.99 ?  319 HOH A O   1 
HETATM 1422 O O   . HOH G 5 .   ? 1.795   -11.640 1.212   1.00 12.76 ?  320 HOH A O   1 
HETATM 1423 O O   . HOH G 5 .   ? -8.782  -3.282  12.233  1.00 24.78 ?  321 HOH A O   1 
HETATM 1424 O O   . HOH G 5 .   ? 1.830   -8.246  1.772   1.00 17.82 ?  322 HOH A O   1 
HETATM 1425 O O   . HOH G 5 .   ? -15.694 6.055   -6.188  1.00 17.17 ?  323 HOH A O   1 
HETATM 1426 O O   . HOH G 5 .   ? -14.081 4.708   -14.364 1.00 21.58 ?  324 HOH A O   1 
HETATM 1427 O O   . HOH G 5 .   ? -2.893  11.481  -11.013 1.00 24.31 ?  325 HOH A O   1 
HETATM 1428 O O   . HOH G 5 .   ? -2.187  -7.963  -14.618 1.00 11.54 ?  326 HOH A O   1 
HETATM 1429 O O   . HOH G 5 .   ? -8.404  5.120   9.409   1.00 30.24 ?  327 HOH A O   1 
HETATM 1430 O O   . HOH G 5 .   ? 9.473   -19.076 -0.973  1.00 44.64 ?  328 HOH A O   1 
HETATM 1431 O O   . HOH G 5 .   ? -12.240 5.553   -16.083 1.00 22.36 ?  329 HOH A O   1 
HETATM 1432 O O   . HOH G 5 .   ? 5.218   0.755   15.390  1.00 37.75 ?  330 HOH A O   1 
HETATM 1433 O O   . HOH G 5 .   ? -5.829  10.470  -12.766 1.00 34.01 ?  331 HOH A O   1 
HETATM 1434 O O   . HOH G 5 .   ? -4.023  -15.729 -4.041  1.00 33.08 ?  332 HOH A O   1 
HETATM 1435 O O   . HOH G 5 .   ? -7.376  -7.496  -5.981  1.00 21.18 ?  333 HOH A O   1 
HETATM 1436 O O   . HOH G 5 .   ? -17.564 9.879   5.678   1.00 30.83 ?  334 HOH A O   1 
HETATM 1437 O O   . HOH G 5 .   ? -4.451  17.753  0.087   1.00 17.71 ?  335 HOH A O   1 
HETATM 1438 O O   . HOH G 5 .   ? -14.293 3.401   -18.374 1.00 17.93 ?  336 HOH A O   1 
HETATM 1439 O O   . HOH G 5 .   ? -15.377 4.144   3.581   1.00 30.07 ?  337 HOH A O   1 
HETATM 1440 O O   . HOH G 5 .   ? 3.564   15.922  7.888   1.00 26.61 ?  338 HOH A O   1 
HETATM 1441 O O   . HOH G 5 .   ? -13.976 -4.044  -8.893  1.00 19.85 ?  339 HOH A O   1 
HETATM 1442 O O   . HOH G 5 .   ? -11.728 -10.239 11.896  1.00 25.85 ?  340 HOH A O   1 
HETATM 1443 O O   . HOH G 5 .   ? -14.484 -1.242  -8.900  1.00 25.59 ?  341 HOH A O   1 
HETATM 1444 O O   . HOH G 5 .   ? -7.306  -0.181  -22.402 1.00 29.15 ?  342 HOH A O   1 
HETATM 1445 O O   . HOH G 5 .   ? 5.619   -8.935  15.043  1.00 27.97 ?  343 HOH A O   1 
HETATM 1446 O O   . HOH G 5 .   ? 12.889  4.049   -10.333 1.00 32.35 ?  344 HOH A O   1 
HETATM 1447 O O   . HOH G 5 .   ? -1.833  -9.519  -9.571  1.00 20.66 ?  345 HOH A O   1 
HETATM 1448 O O   . HOH G 5 .   ? 7.263   -18.929 0.786   1.00 31.59 ?  346 HOH A O   1 
HETATM 1449 O O   . HOH G 5 .   ? 2.191   -0.955  -17.474 1.00 35.57 ?  347 HOH A O   1 
HETATM 1450 O O   . HOH G 5 .   ? 13.116  -15.014 2.434   1.00 17.90 ?  348 HOH A O   1 
HETATM 1451 O O   . HOH G 5 .   ? 1.591   -22.400 1.791   1.00 21.01 ?  349 HOH A O   1 
HETATM 1452 O O   . HOH G 5 .   ? -15.208 15.027  0.859   1.00 22.48 ?  350 HOH A O   1 
HETATM 1453 O O   . HOH G 5 .   ? -8.221  0.370   -2.125  1.00 13.28 ?  351 HOH A O   1 
HETATM 1454 O O   . HOH G 5 .   ? 1.630   -7.726  -6.275  1.00 17.85 ?  352 HOH A O   1 
HETATM 1455 O O   . HOH G 5 .   ? 15.911  1.361   2.722   1.00 18.12 ?  353 HOH A O   1 
HETATM 1456 O O   . HOH G 5 .   ? 8.434   -16.711 4.797   1.00 33.32 ?  354 HOH A O   1 
HETATM 1457 O O   . HOH G 5 .   ? 0.034   1.116   15.073  1.00 28.91 ?  355 HOH A O   1 
HETATM 1458 O O   . HOH G 5 .   ? 7.772   -14.992 2.654   1.00 36.97 ?  356 HOH A O   1 
HETATM 1459 O O   . HOH G 5 .   ? -21.771 0.874   -11.702 1.00 25.00 ?  357 HOH A O   1 
HETATM 1460 O O   . HOH G 5 .   ? 10.244  15.295  10.389  1.00 36.62 ?  358 HOH A O   1 
HETATM 1461 O O   . HOH G 5 .   ? -14.407 12.001  -12.210 1.00 38.96 ?  359 HOH A O   1 
HETATM 1462 O O   . HOH G 5 .   ? -17.545 8.900   -3.675  1.00 35.78 ?  360 HOH A O   1 
HETATM 1463 O O   . HOH G 5 .   ? 15.890  -0.310  10.553  1.00 32.63 ?  361 HOH A O   1 
HETATM 1464 O O   . HOH G 5 .   ? 7.556   -5.020  13.803  1.00 25.11 ?  362 HOH A O   1 
HETATM 1465 O O   . HOH G 5 .   ? 8.393   4.112   16.870  1.00 31.58 ?  363 HOH A O   1 
HETATM 1466 O O   . HOH G 5 .   ? 14.173  -7.326  2.588   1.00 14.47 ?  364 HOH A O   1 
HETATM 1467 O O   . HOH G 5 .   ? -17.400 -6.005  -2.731  1.00 38.79 ?  365 HOH A O   1 
HETATM 1468 O O   . HOH G 5 .   ? 12.954  -1.061  -1.970  1.00 32.80 ?  366 HOH A O   1 
HETATM 1469 O O   . HOH G 5 .   ? 8.515   13.334  3.185   1.00 27.55 ?  367 HOH A O   1 
HETATM 1470 O O   . HOH G 5 .   ? -13.690 9.559   -13.437 1.00 24.17 ?  368 HOH A O   1 
HETATM 1471 O O   . HOH G 5 .   ? -17.658 3.036   -3.618  1.00 41.97 ?  369 HOH A O   1 
HETATM 1472 O O   . HOH G 5 .   ? -13.741 8.715   6.321   1.00 26.75 ?  370 HOH A O   1 
HETATM 1473 O O   . HOH G 5 .   ? 13.787  11.411  -16.954 1.00 38.58 ?  371 HOH A O   1 
HETATM 1474 O O   . HOH G 5 .   ? -1.965  -17.107 2.567   1.00 39.53 ?  372 HOH A O   1 
HETATM 1475 O O   . HOH G 5 .   ? 4.490   15.484  4.318   1.00 28.83 ?  373 HOH A O   1 
HETATM 1476 O O   . HOH G 5 .   ? -10.936 2.469   9.330   1.00 33.17 ?  374 HOH A O   1 
HETATM 1477 O O   . HOH G 5 .   ? -16.533 -4.524  -7.822  1.00 33.69 ?  375 HOH A O   1 
HETATM 1478 O O   . HOH G 5 .   ? 13.006  -4.633  -0.805  1.00 31.75 ?  376 HOH A O   1 
HETATM 1479 O O   . HOH G 5 .   ? -20.811 0.204   -16.042 1.00 34.01 ?  377 HOH A O   1 
HETATM 1480 O O   . HOH G 5 .   ? 13.793  4.558   -4.968  1.00 38.66 ?  378 HOH A O   1 
HETATM 1481 O O   . HOH G 5 .   ? 3.115   12.338  15.952  1.00 37.07 ?  379 HOH A O   1 
HETATM 1482 O O   . HOH G 5 .   ? -9.765  14.933  -6.797  1.00 21.60 ?  380 HOH A O   1 
HETATM 1483 O O   . HOH G 5 .   ? -15.788 7.251   4.042   1.00 25.32 ?  381 HOH A O   1 
HETATM 1484 O O   . HOH G 5 .   ? -14.524 0.890   -19.667 1.00 30.47 ?  382 HOH A O   1 
HETATM 1485 O O   . HOH G 5 .   ? -12.749 -7.761  -7.080  1.00 37.73 ?  383 HOH A O   1 
HETATM 1486 O O   . HOH G 5 .   ? -9.174  -6.198  -19.344 1.00 42.85 ?  384 HOH A O   1 
HETATM 1487 O O   . HOH G 5 .   ? -14.349 16.737  -5.081  1.00 40.02 ?  385 HOH A O   1 
HETATM 1488 O O   . HOH G 5 .   ? 11.577  -7.138  -8.236  1.00 35.26 ?  386 HOH A O   1 
HETATM 1489 O O   . HOH G 5 .   ? -3.700  -14.514 7.591   1.00 41.18 ?  387 HOH A O   1 
HETATM 1490 O O   . HOH G 5 .   ? 16.746  -4.489  9.759   1.00 42.96 ?  388 HOH A O   1 
HETATM 1491 O O   . HOH G 5 .   ? 9.230   -4.011  -16.083 1.00 39.93 ?  389 HOH A O   1 
HETATM 1492 O O   . HOH G 5 .   ? -18.508 3.397   -11.673 1.00 41.53 ?  390 HOH A O   1 
HETATM 1493 O O   . HOH G 5 .   ? 15.558  7.003   3.399   1.00 29.95 ?  391 HOH A O   1 
HETATM 1494 O O   . HOH G 5 .   ? -7.624  15.175  -16.237 1.00 51.59 ?  392 HOH A O   1 
HETATM 1495 O O   . HOH G 5 .   ? 12.598  1.932   -5.588  1.00 42.21 ?  393 HOH A O   1 
HETATM 1496 O O   . HOH G 5 .   ? 1.178   17.434  8.530   1.00 21.59 ?  394 HOH A O   1 
HETATM 1497 O O   . HOH G 5 .   ? 2.321   11.859  -9.196  1.00 44.39 ?  395 HOH A O   1 
HETATM 1498 O O   . HOH G 5 .   ? 3.403   11.921  -17.585 1.00 40.17 ?  396 HOH A O   1 
HETATM 1499 O O   . HOH G 5 .   ? 8.237   10.129  -6.720  1.00 42.10 ?  397 HOH A O   1 
HETATM 1500 O O   . HOH G 5 .   ? 16.045  0.623   -0.095  1.00 37.15 ?  398 HOH A O   1 
HETATM 1501 O O   . HOH G 5 .   ? 7.243   18.417  10.736  1.00 46.02 ?  399 HOH A O   1 
HETATM 1502 O O   . HOH G 5 .   ? 3.141   -9.741  -7.763  1.00 29.24 ?  400 HOH A O   1 
HETATM 1503 O O   . HOH G 5 .   ? -16.770 4.869   -15.317 1.00 35.54 ?  401 HOH A O   1 
HETATM 1504 O O   . HOH G 5 .   ? -15.811 10.337  -7.302  1.00 29.18 ?  402 HOH A O   1 
HETATM 1505 O O   . HOH G 5 .   ? -15.226 6.899   -10.028 1.00 23.55 ?  403 HOH A O   1 
HETATM 1506 O O   . HOH G 5 .   ? -15.759 16.922  -1.019  1.00 41.10 ?  404 HOH A O   1 
HETATM 1507 O O   . HOH G 5 .   ? 5.025   -11.349 16.433  1.00 43.10 ?  405 HOH A O   1 
# 
loop_
_pdbx_poly_seq_scheme.asym_id 
_pdbx_poly_seq_scheme.entity_id 
_pdbx_poly_seq_scheme.seq_id 
_pdbx_poly_seq_scheme.mon_id 
_pdbx_poly_seq_scheme.ndb_seq_num 
_pdbx_poly_seq_scheme.pdb_seq_num 
_pdbx_poly_seq_scheme.auth_seq_num 
_pdbx_poly_seq_scheme.pdb_mon_id 
_pdbx_poly_seq_scheme.auth_mon_id 
_pdbx_poly_seq_scheme.pdb_strand_id 
_pdbx_poly_seq_scheme.pdb_ins_code 
_pdbx_poly_seq_scheme.hetero 
A 1 1   GLY 1   1   ?   ?   ?   A . n 
A 1 2   SER 2   2   2   SER SER A . n 
A 1 3   GLY 3   3   3   GLY GLY A . n 
A 1 4   ILE 4   4   4   ILE ILE A . n 
A 1 5   ILE 5   5   5   ILE ILE A . n 
A 1 6   GLU 6   6   6   GLU GLU A . n 
A 1 7   PHE 7   7   7   PHE PHE A . n 
A 1 8   HIS 8   8   8   HIS HIS A . n 
A 1 9   VAL 9   9   9   VAL VAL A . n 
A 1 10  ILE 10  10  10  ILE ILE A . n 
A 1 11  GLY 11  11  11  GLY GLY A . n 
A 1 12  ASN 12  12  12  ASN ASN A . n 
A 1 13  SER 13  13  13  SER SER A . n 
A 1 14  LEU 14  14  14  LEU LEU A . n 
A 1 15  THR 15  15  15  THR THR A . n 
A 1 16  PRO 16  16  16  PRO PRO A . n 
A 1 17  LYS 17  17  17  LYS LYS A . n 
A 1 18  ALA 18  18  18  ALA ALA A . n 
A 1 19  ASN 19  19  19  ASN ASN A . n 
A 1 20  ARG 20  20  20  ARG ARG A . n 
A 1 21  ARG 21  21  21  ARG ARG A . n 
A 1 22  VAL 22  22  22  VAL VAL A . n 
A 1 23  LEU 23  23  23  LEU LEU A . n 
A 1 24  LEU 24  24  24  LEU LEU A . n 
A 1 25  TRP 25  25  25  TRP TRP A . n 
A 1 26  LEU 26  26  26  LEU LEU A . n 
A 1 27  VAL 27  27  27  VAL VAL A . n 
A 1 28  GLY 28  28  28  GLY GLY A . n 
A 1 29  LEU 29  29  29  LEU LEU A . n 
A 1 30  GLN 30  30  30  GLN GLN A . n 
A 1 31  ASN 31  31  31  ASN ASN A . n 
A 1 32  VAL 32  32  32  VAL VAL A . n 
A 1 33  PHE 33  33  33  PHE PHE A . n 
A 1 34  SER 34  34  34  SER SER A . n 
A 1 35  HIS 35  35  35  HIS HIS A . n 
A 1 36  GLN 36  36  36  GLN GLN A . n 
A 1 37  LEU 37  37  37  LEU LEU A . n 
A 1 38  PRO 38  38  38  PRO PRO A . n 
A 1 39  ARG 39  39  39  ARG ARG A . n 
A 1 40  MET 40  40  40  MET MET A . n 
A 1 41  PRO 41  41  41  PRO PRO A . n 
A 1 42  LYS 42  42  42  LYS LYS A . n 
A 1 43  GLU 43  43  43  GLU GLU A . n 
A 1 44  TYR 44  44  44  TYR TYR A . n 
A 1 45  ILE 45  45  45  ILE ILE A . n 
A 1 46  ALA 46  46  46  ALA ALA A . n 
A 1 47  ARG 47  47  47  ARG ARG A . n 
A 1 48  LEU 48  48  48  LEU LEU A . n 
A 1 49  VAL 49  49  49  VAL VAL A . n 
A 1 50  PHE 50  50  50  PHE PHE A . n 
A 1 51  ASP 51  51  51  ASP ASP A . n 
A 1 52  PRO 52  52  52  PRO PRO A . n 
A 1 53  LYS 53  53  53  LYS LYS A . n 
A 1 54  HIS 54  54  54  HIS HIS A . n 
A 1 55  LYS 55  55  55  LYS LYS A . n 
A 1 56  THR 56  56  56  THR THR A . n 
A 1 57  LEU 57  57  57  LEU LEU A . n 
A 1 58  ALA 58  58  58  ALA ALA A . n 
A 1 59  LEU 59  59  59  LEU LEU A . n 
A 1 60  ILE 60  60  60  ILE ILE A . n 
A 1 61  LYS 61  61  61  LYS LYS A . n 
A 1 62  ASP 62  62  62  ASP ASP A . n 
A 1 63  GLY 63  63  63  GLY GLY A . n 
A 1 64  ARG 64  64  64  ARG ARG A . n 
A 1 65  VAL 65  65  65  VAL VAL A . n 
A 1 66  ILE 66  66  66  ILE ILE A . n 
A 1 67  GLY 67  67  67  GLY GLY A . n 
A 1 68  GLY 68  68  68  GLY GLY A . n 
A 1 69  ILE 69  69  69  ILE ILE A . n 
A 1 70  CYS 70  70  70  CYS CYS A . n 
A 1 71  PHE 71  71  71  PHE PHE A . n 
A 1 72  ARG 72  72  72  ARG ARG A . n 
A 1 73  MET 73  73  73  MET MET A . n 
A 1 74  PHE 74  74  74  PHE PHE A . n 
A 1 75  PRO 75  75  75  PRO PRO A . n 
A 1 76  THR 76  76  76  THR THR A . n 
A 1 77  GLN 77  77  77  GLN GLN A . n 
A 1 78  GLY 78  78  78  GLY GLY A . n 
A 1 79  PHE 79  79  79  PHE PHE A . n 
A 1 80  THR 80  80  80  THR THR A . n 
A 1 81  GLU 81  81  81  GLU GLU A . n 
A 1 82  ILE 82  82  82  ILE ILE A . n 
A 1 83  VAL 83  83  83  VAL VAL A . n 
A 1 84  PHE 84  84  84  PHE PHE A . n 
A 1 85  CYS 85  85  85  CYS CYS A . n 
A 1 86  ALA 86  86  86  ALA ALA A . n 
A 1 87  VAL 87  87  87  VAL VAL A . n 
A 1 88  THR 88  88  88  THR THR A . n 
A 1 89  SER 89  89  89  SER SER A . n 
A 1 90  ASN 90  90  90  ASN ASN A . n 
A 1 91  GLU 91  91  91  GLU GLU A . n 
A 1 92  GLN 92  92  92  GLN GLN A . n 
A 1 93  VAL 93  93  93  VAL VAL A . n 
A 1 94  LYS 94  94  94  LYS LYS A . n 
A 1 95  GLY 95  95  95  GLY GLY A . n 
A 1 96  TYR 96  96  96  TYR TYR A . n 
A 1 97  GLY 97  97  97  GLY GLY A . n 
A 1 98  THR 98  98  98  THR THR A . n 
A 1 99  HIS 99  99  99  HIS HIS A . n 
A 1 100 LEU 100 100 100 LEU LEU A . n 
A 1 101 MET 101 101 101 MET MET A . n 
A 1 102 ASN 102 102 102 ASN ASN A . n 
A 1 103 HIS 103 103 103 HIS HIS A . n 
A 1 104 LEU 104 104 104 LEU LEU A . n 
A 1 105 LYS 105 105 105 LYS LYS A . n 
A 1 106 GLU 106 106 106 GLU GLU A . n 
A 1 107 TYR 107 107 107 TYR TYR A . n 
A 1 108 HIS 108 108 108 HIS HIS A . n 
A 1 109 ILE 109 109 109 ILE ILE A . n 
A 1 110 LYS 110 110 110 LYS LYS A . n 
A 1 111 HIS 111 111 111 HIS HIS A . n 
A 1 112 ASN 112 112 112 ASN ASN A . n 
A 1 113 ILE 113 113 113 ILE ILE A . n 
A 1 114 LEU 114 114 114 LEU LEU A . n 
A 1 115 TYR 115 115 115 TYR TYR A . n 
A 1 116 PHE 116 116 116 PHE PHE A . n 
A 1 117 LEU 117 117 117 LEU LEU A . n 
A 1 118 THR 118 118 118 THR THR A . n 
A 1 119 TYR 119 119 119 TYR TYR A . n 
A 1 120 ALA 120 120 120 ALA ALA A . n 
A 1 121 ASP 121 121 121 ASP ASP A . n 
A 1 122 GLU 122 122 122 GLU GLU A . n 
A 1 123 TYR 123 123 123 TYR TYR A . n 
A 1 124 ALA 124 124 124 ALA ALA A . n 
A 1 125 ILE 125 125 125 ILE ILE A . n 
A 1 126 GLY 126 126 126 GLY GLY A . n 
A 1 127 TYR 127 127 127 TYR TYR A . n 
A 1 128 PHE 128 128 128 PHE PHE A . n 
A 1 129 LYS 129 129 129 LYS LYS A . n 
A 1 130 LYS 130 130 130 LYS LYS A . n 
A 1 131 GLN 131 131 131 GLN GLN A . n 
A 1 132 GLY 132 132 132 GLY GLY A . n 
A 1 133 PHE 133 133 133 PHE PHE A . n 
A 1 134 SER 134 134 134 SER SER A . n 
A 1 135 LYS 135 135 135 LYS LYS A . n 
A 1 136 ASP 136 136 136 ASP ASP A . n 
A 1 137 ILE 137 137 137 ILE ILE A . n 
A 1 138 LYS 138 138 138 LYS LYS A . n 
A 1 139 VAL 139 139 139 VAL VAL A . n 
A 1 140 PRO 140 140 140 PRO PRO A . n 
A 1 141 LYS 141 141 141 LYS LYS A . n 
A 1 142 SER 142 142 142 SER SER A . n 
A 1 143 ARG 143 143 143 ARG ARG A . n 
A 1 144 TYR 144 144 144 TYR TYR A . n 
A 1 145 LEU 145 145 145 LEU LEU A . n 
A 1 146 GLY 146 146 146 GLY GLY A . n 
A 1 147 TYR 147 147 147 TYR TYR A . n 
A 1 148 ILE 148 148 148 ILE ILE A . n 
A 1 149 LYS 149 149 149 LYS LYS A . n 
A 1 150 ASP 150 150 150 ASP ASP A . n 
A 1 151 TYR 151 151 151 TYR TYR A . n 
A 1 152 GLU 152 152 152 GLU GLU A . n 
A 1 153 GLY 153 153 153 GLY GLY A . n 
A 1 154 ALA 154 154 154 ALA ALA A . n 
A 1 155 THR 155 155 155 THR THR A . n 
A 1 156 LEU 156 156 156 LEU LEU A . n 
A 1 157 MET 157 157 157 MET MET A . n 
A 1 158 GLU 158 158 158 GLU GLU A . n 
A 1 159 CYS 159 159 159 CYS CYS A . n 
A 1 160 GLU 160 160 160 GLU GLU A . n 
A 1 161 LEU 161 161 161 LEU LEU A . n 
A 1 162 ASN 162 162 162 ASN ASN A . n 
A 1 163 PRO 163 163 163 PRO PRO A . n 
A 1 164 ARG 164 164 164 ARG ARG A . n 
A 1 165 ILE 165 165 165 ILE ILE A . n 
A 1 166 PRO 166 166 ?   ?   ?   A . n 
A 1 167 TYR 167 167 ?   ?   ?   A . n 
A 1 168 THR 168 168 ?   ?   ?   A . n 
# 
loop_
_pdbx_nonpoly_scheme.asym_id 
_pdbx_nonpoly_scheme.entity_id 
_pdbx_nonpoly_scheme.mon_id 
_pdbx_nonpoly_scheme.ndb_seq_num 
_pdbx_nonpoly_scheme.pdb_seq_num 
_pdbx_nonpoly_scheme.auth_seq_num 
_pdbx_nonpoly_scheme.pdb_mon_id 
_pdbx_nonpoly_scheme.auth_mon_id 
_pdbx_nonpoly_scheme.pdb_strand_id 
_pdbx_nonpoly_scheme.pdb_ins_code 
B 2 1VU 1   201 1   1VU 1VU A . 
C 3 EDO 1   202 1   EDO EDO A . 
D 3 EDO 1   203 2   EDO EDO A . 
E 3 EDO 1   204 3   EDO EDO A . 
F 4 IPA 1   205 1   IPA IPA A . 
G 5 HOH 1   301 1   HOH HOH A . 
G 5 HOH 2   302 73  HOH HOH A . 
G 5 HOH 3   303 57  HOH HOH A . 
G 5 HOH 4   304 96  HOH HOH A . 
G 5 HOH 5   305 10  HOH HOH A . 
G 5 HOH 6   306 98  HOH HOH A . 
G 5 HOH 7   307 45  HOH HOH A . 
G 5 HOH 8   308 90  HOH HOH A . 
G 5 HOH 9   309 39  HOH HOH A . 
G 5 HOH 10  310 21  HOH HOH A . 
G 5 HOH 11  311 7   HOH HOH A . 
G 5 HOH 12  312 16  HOH HOH A . 
G 5 HOH 13  313 37  HOH HOH A . 
G 5 HOH 14  314 28  HOH HOH A . 
G 5 HOH 15  315 24  HOH HOH A . 
G 5 HOH 16  316 33  HOH HOH A . 
G 5 HOH 17  317 32  HOH HOH A . 
G 5 HOH 18  318 3   HOH HOH A . 
G 5 HOH 19  319 26  HOH HOH A . 
G 5 HOH 20  320 9   HOH HOH A . 
G 5 HOH 21  321 20  HOH HOH A . 
G 5 HOH 22  322 8   HOH HOH A . 
G 5 HOH 23  323 47  HOH HOH A . 
G 5 HOH 24  324 43  HOH HOH A . 
G 5 HOH 25  325 53  HOH HOH A . 
G 5 HOH 26  326 30  HOH HOH A . 
G 5 HOH 27  327 79  HOH HOH A . 
G 5 HOH 28  328 88  HOH HOH A . 
G 5 HOH 29  329 44  HOH HOH A . 
G 5 HOH 30  330 67  HOH HOH A . 
G 5 HOH 31  331 55  HOH HOH A . 
G 5 HOH 32  332 63  HOH HOH A . 
G 5 HOH 33  333 27  HOH HOH A . 
G 5 HOH 34  334 64  HOH HOH A . 
G 5 HOH 35  335 52  HOH HOH A . 
G 5 HOH 36  336 15  HOH HOH A . 
G 5 HOH 37  337 77  HOH HOH A . 
G 5 HOH 38  338 36  HOH HOH A . 
G 5 HOH 39  339 56  HOH HOH A . 
G 5 HOH 40  340 23  HOH HOH A . 
G 5 HOH 41  341 59  HOH HOH A . 
G 5 HOH 42  342 22  HOH HOH A . 
G 5 HOH 43  343 17  HOH HOH A . 
G 5 HOH 44  344 80  HOH HOH A . 
G 5 HOH 45  345 12  HOH HOH A . 
G 5 HOH 46  346 61  HOH HOH A . 
G 5 HOH 47  347 81  HOH HOH A . 
G 5 HOH 48  348 51  HOH HOH A . 
G 5 HOH 49  349 14  HOH HOH A . 
G 5 HOH 50  350 65  HOH HOH A . 
G 5 HOH 51  351 29  HOH HOH A . 
G 5 HOH 52  352 11  HOH HOH A . 
G 5 HOH 53  353 4   HOH HOH A . 
G 5 HOH 54  354 100 HOH HOH A . 
G 5 HOH 55  355 19  HOH HOH A . 
G 5 HOH 56  356 92  HOH HOH A . 
G 5 HOH 57  357 69  HOH HOH A . 
G 5 HOH 58  358 70  HOH HOH A . 
G 5 HOH 59  359 42  HOH HOH A . 
G 5 HOH 60  360 48  HOH HOH A . 
G 5 HOH 61  361 60  HOH HOH A . 
G 5 HOH 62  362 18  HOH HOH A . 
G 5 HOH 63  363 102 HOH HOH A . 
G 5 HOH 64  364 6   HOH HOH A . 
G 5 HOH 65  365 103 HOH HOH A . 
G 5 HOH 66  366 94  HOH HOH A . 
G 5 HOH 67  367 72  HOH HOH A . 
G 5 HOH 68  368 41  HOH HOH A . 
G 5 HOH 69  369 78  HOH HOH A . 
G 5 HOH 70  370 50  HOH HOH A . 
G 5 HOH 71  371 71  HOH HOH A . 
G 5 HOH 72  372 99  HOH HOH A . 
G 5 HOH 73  373 35  HOH HOH A . 
G 5 HOH 74  374 89  HOH HOH A . 
G 5 HOH 75  375 101 HOH HOH A . 
G 5 HOH 76  376 5   HOH HOH A . 
G 5 HOH 77  377 105 HOH HOH A . 
G 5 HOH 78  378 87  HOH HOH A . 
G 5 HOH 79  379 68  HOH HOH A . 
G 5 HOH 80  380 54  HOH HOH A . 
G 5 HOH 81  381 49  HOH HOH A . 
G 5 HOH 82  382 58  HOH HOH A . 
G 5 HOH 83  383 93  HOH HOH A . 
G 5 HOH 84  384 31  HOH HOH A . 
G 5 HOH 85  385 85  HOH HOH A . 
G 5 HOH 86  386 66  HOH HOH A . 
G 5 HOH 87  387 25  HOH HOH A . 
G 5 HOH 88  388 91  HOH HOH A . 
G 5 HOH 89  389 82  HOH HOH A . 
G 5 HOH 90  390 95  HOH HOH A . 
G 5 HOH 91  391 2   HOH HOH A . 
G 5 HOH 92  392 75  HOH HOH A . 
G 5 HOH 93  393 83  HOH HOH A . 
G 5 HOH 94  394 38  HOH HOH A . 
G 5 HOH 95  395 86  HOH HOH A . 
G 5 HOH 96  396 97  HOH HOH A . 
G 5 HOH 97  397 40  HOH HOH A . 
G 5 HOH 98  398 104 HOH HOH A . 
G 5 HOH 99  399 34  HOH HOH A . 
G 5 HOH 100 400 13  HOH HOH A . 
G 5 HOH 101 401 76  HOH HOH A . 
G 5 HOH 102 402 74  HOH HOH A . 
G 5 HOH 103 403 46  HOH HOH A . 
G 5 HOH 104 404 84  HOH HOH A . 
G 5 HOH 105 405 62  HOH HOH A . 
# 
_pdbx_struct_assembly.id                   1 
_pdbx_struct_assembly.details              author_and_software_defined_assembly 
_pdbx_struct_assembly.method_details       PISA 
_pdbx_struct_assembly.oligomeric_details   monomeric 
_pdbx_struct_assembly.oligomeric_count     1 
# 
_pdbx_struct_assembly_gen.assembly_id       1 
_pdbx_struct_assembly_gen.oper_expression   1 
_pdbx_struct_assembly_gen.asym_id_list      A,B,C,D,E,F,G 
# 
loop_
_pdbx_struct_assembly_prop.biol_id 
_pdbx_struct_assembly_prop.type 
_pdbx_struct_assembly_prop.value 
_pdbx_struct_assembly_prop.details 
1 'ABSA (A^2)' 610  ? 
1 MORE         9    ? 
1 'SSA (A^2)'  9160 ? 
# 
_pdbx_struct_oper_list.id                   1 
_pdbx_struct_oper_list.type                 'identity operation' 
_pdbx_struct_oper_list.name                 1_555 
_pdbx_struct_oper_list.symmetry_operation   x,y,z 
_pdbx_struct_oper_list.matrix[1][1]         1.0000000000 
_pdbx_struct_oper_list.matrix[1][2]         0.0000000000 
_pdbx_struct_oper_list.matrix[1][3]         0.0000000000 
_pdbx_struct_oper_list.vector[1]            0.0000000000 
_pdbx_struct_oper_list.matrix[2][1]         0.0000000000 
_pdbx_struct_oper_list.matrix[2][2]         1.0000000000 
_pdbx_struct_oper_list.matrix[2][3]         0.0000000000 
_pdbx_struct_oper_list.vector[2]            0.0000000000 
_pdbx_struct_oper_list.matrix[3][1]         0.0000000000 
_pdbx_struct_oper_list.matrix[3][2]         0.0000000000 
_pdbx_struct_oper_list.matrix[3][3]         1.0000000000 
_pdbx_struct_oper_list.vector[3]            0.0000000000 
# 
loop_
_pdbx_audit_revision_history.ordinal 
_pdbx_audit_revision_history.data_content_type 
_pdbx_audit_revision_history.major_revision 
_pdbx_audit_revision_history.minor_revision 
_pdbx_audit_revision_history.revision_date 
1 'Structure model' 1 0 2016-03-23 
2 'Structure model' 1 1 2016-07-13 
3 'Structure model' 1 2 2016-07-20 
4 'Structure model' 1 3 2017-09-06 
5 'Structure model' 1 4 2019-12-25 
6 'Structure model' 1 5 2023-09-27 
# 
_pdbx_audit_revision_details.ordinal             1 
_pdbx_audit_revision_details.revision_ordinal    1 
_pdbx_audit_revision_details.data_content_type   'Structure model' 
_pdbx_audit_revision_details.provider            repository 
_pdbx_audit_revision_details.type                'Initial release' 
_pdbx_audit_revision_details.description         ? 
_pdbx_audit_revision_details.details             ? 
# 
loop_
_pdbx_audit_revision_group.ordinal 
_pdbx_audit_revision_group.revision_ordinal 
_pdbx_audit_revision_group.data_content_type 
_pdbx_audit_revision_group.group 
1 2 'Structure model' 'Database references'        
2 3 'Structure model' 'Database references'        
3 4 'Structure model' 'Author supporting evidence' 
4 4 'Structure model' 'Derived calculations'       
5 5 'Structure model' 'Author supporting evidence' 
6 6 'Structure model' 'Data collection'            
7 6 'Structure model' 'Database references'        
8 6 'Structure model' 'Refinement description'     
# 
loop_
_pdbx_audit_revision_category.ordinal 
_pdbx_audit_revision_category.revision_ordinal 
_pdbx_audit_revision_category.data_content_type 
_pdbx_audit_revision_category.category 
1 4 'Structure model' pdbx_audit_support            
2 4 'Structure model' pdbx_struct_oper_list         
3 5 'Structure model' pdbx_audit_support            
4 6 'Structure model' chem_comp_atom                
5 6 'Structure model' chem_comp_bond                
6 6 'Structure model' database_2                    
7 6 'Structure model' pdbx_initial_refinement_model 
# 
loop_
_pdbx_audit_revision_item.ordinal 
_pdbx_audit_revision_item.revision_ordinal 
_pdbx_audit_revision_item.data_content_type 
_pdbx_audit_revision_item.item 
1 4 'Structure model' '_pdbx_audit_support.funding_organization'  
2 4 'Structure model' '_pdbx_struct_oper_list.symmetry_operation' 
3 5 'Structure model' '_pdbx_audit_support.funding_organization'  
4 6 'Structure model' '_database_2.pdbx_DOI'                      
5 6 'Structure model' '_database_2.pdbx_database_accession'       
# 
loop_
_software.citation_id 
_software.classification 
_software.compiler_name 
_software.compiler_version 
_software.contact_author 
_software.contact_author_email 
_software.date 
_software.description 
_software.dependencies 
_software.hardware 
_software.language 
_software.location 
_software.mods 
_software.name 
_software.os 
_software.os_version 
_software.type 
_software.version 
_software.pdbx_ordinal 
? refinement       ? ? ? ? ? ? ? ? ? ? ? REFMAC   ? ? ? 5.7.0029 1 
? 'data reduction' ? ? ? ? ? ? ? ? ? ? ? HKL-2000 ? ? ? .        2 
? 'data scaling'   ? ? ? ? ? ? ? ? ? ? ? HKL-2000 ? ? ? .        3 
? phasing          ? ? ? ? ? ? ? ? ? ? ? MOLREP   ? ? ? .        4 
# 
_pdbx_validate_close_contact.id               1 
_pdbx_validate_close_contact.PDB_model_num    1 
_pdbx_validate_close_contact.auth_atom_id_1   OD1 
_pdbx_validate_close_contact.auth_asym_id_1   A 
_pdbx_validate_close_contact.auth_comp_id_1   ASP 
_pdbx_validate_close_contact.auth_seq_id_1    62 
_pdbx_validate_close_contact.PDB_ins_code_1   ? 
_pdbx_validate_close_contact.label_alt_id_1   ? 
_pdbx_validate_close_contact.auth_atom_id_2   O 
_pdbx_validate_close_contact.auth_asym_id_2   A 
_pdbx_validate_close_contact.auth_comp_id_2   HOH 
_pdbx_validate_close_contact.auth_seq_id_2    301 
_pdbx_validate_close_contact.PDB_ins_code_2   ? 
_pdbx_validate_close_contact.label_alt_id_2   ? 
_pdbx_validate_close_contact.dist             2.17 
# 
_pdbx_validate_rmsd_bond.id                        1 
_pdbx_validate_rmsd_bond.PDB_model_num             1 
_pdbx_validate_rmsd_bond.auth_atom_id_1            CD 
_pdbx_validate_rmsd_bond.auth_asym_id_1            A 
_pdbx_validate_rmsd_bond.auth_comp_id_1            GLU 
_pdbx_validate_rmsd_bond.auth_seq_id_1             81 
_pdbx_validate_rmsd_bond.PDB_ins_code_1            ? 
_pdbx_validate_rmsd_bond.label_alt_id_1            ? 
_pdbx_validate_rmsd_bond.auth_atom_id_2            OE2 
_pdbx_validate_rmsd_bond.auth_asym_id_2            A 
_pdbx_validate_rmsd_bond.auth_comp_id_2            GLU 
_pdbx_validate_rmsd_bond.auth_seq_id_2             81 
_pdbx_validate_rmsd_bond.PDB_ins_code_2            ? 
_pdbx_validate_rmsd_bond.label_alt_id_2            ? 
_pdbx_validate_rmsd_bond.bond_value                1.174 
_pdbx_validate_rmsd_bond.bond_target_value         1.252 
_pdbx_validate_rmsd_bond.bond_deviation            -0.078 
_pdbx_validate_rmsd_bond.bond_standard_deviation   0.011 
_pdbx_validate_rmsd_bond.linker_flag               N 
# 
_pdbx_validate_rmsd_angle.id                         1 
_pdbx_validate_rmsd_angle.PDB_model_num              1 
_pdbx_validate_rmsd_angle.auth_atom_id_1             NE 
_pdbx_validate_rmsd_angle.auth_asym_id_1             A 
_pdbx_validate_rmsd_angle.auth_comp_id_1             ARG 
_pdbx_validate_rmsd_angle.auth_seq_id_1              143 
_pdbx_validate_rmsd_angle.PDB_ins_code_1             ? 
_pdbx_validate_rmsd_angle.label_alt_id_1             ? 
_pdbx_validate_rmsd_angle.auth_atom_id_2             CZ 
_pdbx_validate_rmsd_angle.auth_asym_id_2             A 
_pdbx_validate_rmsd_angle.auth_comp_id_2             ARG 
_pdbx_validate_rmsd_angle.auth_seq_id_2              143 
_pdbx_validate_rmsd_angle.PDB_ins_code_2             ? 
_pdbx_validate_rmsd_angle.label_alt_id_2             ? 
_pdbx_validate_rmsd_angle.auth_atom_id_3             NH1 
_pdbx_validate_rmsd_angle.auth_asym_id_3             A 
_pdbx_validate_rmsd_angle.auth_comp_id_3             ARG 
_pdbx_validate_rmsd_angle.auth_seq_id_3              143 
_pdbx_validate_rmsd_angle.PDB_ins_code_3             ? 
_pdbx_validate_rmsd_angle.label_alt_id_3             ? 
_pdbx_validate_rmsd_angle.angle_value                117.05 
_pdbx_validate_rmsd_angle.angle_target_value         120.30 
_pdbx_validate_rmsd_angle.angle_deviation            -3.25 
_pdbx_validate_rmsd_angle.angle_standard_deviation   0.50 
_pdbx_validate_rmsd_angle.linker_flag                N 
# 
loop_
_pdbx_validate_torsion.id 
_pdbx_validate_torsion.PDB_model_num 
_pdbx_validate_torsion.auth_comp_id 
_pdbx_validate_torsion.auth_asym_id 
_pdbx_validate_torsion.auth_seq_id 
_pdbx_validate_torsion.PDB_ins_code 
_pdbx_validate_torsion.label_alt_id 
_pdbx_validate_torsion.phi 
_pdbx_validate_torsion.psi 
1 1 LEU A 14 ? ? -162.45 -59.34 
2 1 PHE A 74 ? ? -119.38 79.13  
# 
loop_
_pdbx_unobs_or_zero_occ_atoms.id 
_pdbx_unobs_or_zero_occ_atoms.PDB_model_num 
_pdbx_unobs_or_zero_occ_atoms.polymer_flag 
_pdbx_unobs_or_zero_occ_atoms.occupancy_flag 
_pdbx_unobs_or_zero_occ_atoms.auth_asym_id 
_pdbx_unobs_or_zero_occ_atoms.auth_comp_id 
_pdbx_unobs_or_zero_occ_atoms.auth_seq_id 
_pdbx_unobs_or_zero_occ_atoms.PDB_ins_code 
_pdbx_unobs_or_zero_occ_atoms.auth_atom_id 
_pdbx_unobs_or_zero_occ_atoms.label_alt_id 
_pdbx_unobs_or_zero_occ_atoms.label_asym_id 
_pdbx_unobs_or_zero_occ_atoms.label_comp_id 
_pdbx_unobs_or_zero_occ_atoms.label_seq_id 
_pdbx_unobs_or_zero_occ_atoms.label_atom_id 
1  1 Y 1 A LYS 42  ? CG  ? A LYS 42  CG  
2  1 Y 1 A LYS 42  ? CD  ? A LYS 42  CD  
3  1 Y 1 A LYS 42  ? CE  ? A LYS 42  CE  
4  1 Y 1 A LYS 42  ? NZ  ? A LYS 42  NZ  
5  1 Y 1 A LYS 61  ? CG  ? A LYS 61  CG  
6  1 Y 1 A LYS 61  ? CD  ? A LYS 61  CD  
7  1 Y 1 A LYS 61  ? CE  ? A LYS 61  CE  
8  1 Y 1 A LYS 61  ? NZ  ? A LYS 61  NZ  
9  1 Y 1 A ARG 64  ? CG  ? A ARG 64  CG  
10 1 Y 1 A ARG 64  ? CD  ? A ARG 64  CD  
11 1 Y 1 A ARG 64  ? NE  ? A ARG 64  NE  
12 1 Y 1 A ARG 64  ? CZ  ? A ARG 64  CZ  
13 1 Y 1 A ARG 64  ? NH1 ? A ARG 64  NH1 
14 1 Y 1 A ARG 64  ? NH2 ? A ARG 64  NH2 
15 1 Y 1 A ILE 165 ? CG1 ? A ILE 165 CG1 
16 1 Y 1 A ILE 165 ? CG2 ? A ILE 165 CG2 
17 1 Y 1 A ILE 165 ? CD1 ? A ILE 165 CD1 
# 
loop_
_pdbx_unobs_or_zero_occ_residues.id 
_pdbx_unobs_or_zero_occ_residues.PDB_model_num 
_pdbx_unobs_or_zero_occ_residues.polymer_flag 
_pdbx_unobs_or_zero_occ_residues.occupancy_flag 
_pdbx_unobs_or_zero_occ_residues.auth_asym_id 
_pdbx_unobs_or_zero_occ_residues.auth_comp_id 
_pdbx_unobs_or_zero_occ_residues.auth_seq_id 
_pdbx_unobs_or_zero_occ_residues.PDB_ins_code 
_pdbx_unobs_or_zero_occ_residues.label_asym_id 
_pdbx_unobs_or_zero_occ_residues.label_comp_id 
_pdbx_unobs_or_zero_occ_residues.label_seq_id 
1 1 Y 1 A GLY 1   ? A GLY 1   
2 1 Y 1 A PRO 166 ? A PRO 166 
3 1 Y 1 A TYR 167 ? A TYR 167 
4 1 Y 1 A THR 168 ? A THR 168 
# 
loop_
_chem_comp_atom.comp_id 
_chem_comp_atom.atom_id 
_chem_comp_atom.type_symbol 
_chem_comp_atom.pdbx_aromatic_flag 
_chem_comp_atom.pdbx_stereo_config 
_chem_comp_atom.pdbx_ordinal 
1VU O14  O N N 1   
1VU P2   P N N 2   
1VU O15  O N N 3   
1VU O16  O N N 4   
1VU O13  O N N 5   
1VU C23  C N S 6   
1VU C22  C N R 7   
1VU O12  O N N 8   
1VU C16  C N R 9   
1VU N2   N Y N 10  
1VU C21  C Y N 11  
1VU N6   N Y N 12  
1VU C20  C Y N 13  
1VU N5   N Y N 14  
1VU C19  C Y N 15  
1VU N4   N N N 16  
1VU C18  C Y N 17  
1VU N3   N Y N 18  
1VU C17  C Y N 19  
1VU O11  O N N 20  
1VU C15  C N R 21  
1VU C14  C N N 22  
1VU O10  O N N 23  
1VU P1   P N N 24  
1VU O8   O N N 25  
1VU O9   O N N 26  
1VU O7   O N N 27  
1VU P    P N N 28  
1VU O5   O N N 29  
1VU O6   O N N 30  
1VU O4   O N N 31  
1VU C13  C N N 32  
1VU C10  C N N 33  
1VU C11  C N N 34  
1VU C12  C N N 35  
1VU C9   C N R 36  
1VU O3   O N N 37  
1VU C8   C N N 38  
1VU O2   O N N 39  
1VU N1   N N N 40  
1VU C7   C N N 41  
1VU C6   C N N 42  
1VU C5   C N N 43  
1VU O1   O N N 44  
1VU N    N N N 45  
1VU C4   C N N 46  
1VU C3   C N N 47  
1VU S    S N N 48  
1VU C2   C N N 49  
1VU O    O N N 50  
1VU C1   C N N 51  
1VU C    C N N 52  
1VU H1   H N N 53  
1VU H2   H N N 54  
1VU H3   H N N 55  
1VU H4   H N N 56  
1VU H5   H N N 57  
1VU H6   H N N 58  
1VU H7   H N N 59  
1VU H8   H N N 60  
1VU H9   H N N 61  
1VU H10  H N N 62  
1VU H11  H N N 63  
1VU H12  H N N 64  
1VU H13  H N N 65  
1VU H14  H N N 66  
1VU H15  H N N 67  
1VU H16  H N N 68  
1VU H17  H N N 69  
1VU H18  H N N 70  
1VU H19  H N N 71  
1VU H20  H N N 72  
1VU H21  H N N 73  
1VU H22  H N N 74  
1VU H23  H N N 75  
1VU H24  H N N 76  
1VU H25  H N N 77  
1VU H26  H N N 78  
1VU H27  H N N 79  
1VU H28  H N N 80  
1VU H29  H N N 81  
1VU H30  H N N 82  
1VU H31  H N N 83  
1VU H32  H N N 84  
1VU H33  H N N 85  
1VU H34  H N N 86  
1VU H35  H N N 87  
1VU H36  H N N 88  
1VU H37  H N N 89  
1VU H38  H N N 90  
1VU H39  H N N 91  
1VU H40  H N N 92  
ALA N    N N N 93  
ALA CA   C N S 94  
ALA C    C N N 95  
ALA O    O N N 96  
ALA CB   C N N 97  
ALA OXT  O N N 98  
ALA H    H N N 99  
ALA H2   H N N 100 
ALA HA   H N N 101 
ALA HB1  H N N 102 
ALA HB2  H N N 103 
ALA HB3  H N N 104 
ALA HXT  H N N 105 
ARG N    N N N 106 
ARG CA   C N S 107 
ARG C    C N N 108 
ARG O    O N N 109 
ARG CB   C N N 110 
ARG CG   C N N 111 
ARG CD   C N N 112 
ARG NE   N N N 113 
ARG CZ   C N N 114 
ARG NH1  N N N 115 
ARG NH2  N N N 116 
ARG OXT  O N N 117 
ARG H    H N N 118 
ARG H2   H N N 119 
ARG HA   H N N 120 
ARG HB2  H N N 121 
ARG HB3  H N N 122 
ARG HG2  H N N 123 
ARG HG3  H N N 124 
ARG HD2  H N N 125 
ARG HD3  H N N 126 
ARG HE   H N N 127 
ARG HH11 H N N 128 
ARG HH12 H N N 129 
ARG HH21 H N N 130 
ARG HH22 H N N 131 
ARG HXT  H N N 132 
ASN N    N N N 133 
ASN CA   C N S 134 
ASN C    C N N 135 
ASN O    O N N 136 
ASN CB   C N N 137 
ASN CG   C N N 138 
ASN OD1  O N N 139 
ASN ND2  N N N 140 
ASN OXT  O N N 141 
ASN H    H N N 142 
ASN H2   H N N 143 
ASN HA   H N N 144 
ASN HB2  H N N 145 
ASN HB3  H N N 146 
ASN HD21 H N N 147 
ASN HD22 H N N 148 
ASN HXT  H N N 149 
ASP N    N N N 150 
ASP CA   C N S 151 
ASP C    C N N 152 
ASP O    O N N 153 
ASP CB   C N N 154 
ASP CG   C N N 155 
ASP OD1  O N N 156 
ASP OD2  O N N 157 
ASP OXT  O N N 158 
ASP H    H N N 159 
ASP H2   H N N 160 
ASP HA   H N N 161 
ASP HB2  H N N 162 
ASP HB3  H N N 163 
ASP HD2  H N N 164 
ASP HXT  H N N 165 
CYS N    N N N 166 
CYS CA   C N R 167 
CYS C    C N N 168 
CYS O    O N N 169 
CYS CB   C N N 170 
CYS SG   S N N 171 
CYS OXT  O N N 172 
CYS H    H N N 173 
CYS H2   H N N 174 
CYS HA   H N N 175 
CYS HB2  H N N 176 
CYS HB3  H N N 177 
CYS HG   H N N 178 
CYS HXT  H N N 179 
EDO C1   C N N 180 
EDO O1   O N N 181 
EDO C2   C N N 182 
EDO O2   O N N 183 
EDO H11  H N N 184 
EDO H12  H N N 185 
EDO HO1  H N N 186 
EDO H21  H N N 187 
EDO H22  H N N 188 
EDO HO2  H N N 189 
GLN N    N N N 190 
GLN CA   C N S 191 
GLN C    C N N 192 
GLN O    O N N 193 
GLN CB   C N N 194 
GLN CG   C N N 195 
GLN CD   C N N 196 
GLN OE1  O N N 197 
GLN NE2  N N N 198 
GLN OXT  O N N 199 
GLN H    H N N 200 
GLN H2   H N N 201 
GLN HA   H N N 202 
GLN HB2  H N N 203 
GLN HB3  H N N 204 
GLN HG2  H N N 205 
GLN HG3  H N N 206 
GLN HE21 H N N 207 
GLN HE22 H N N 208 
GLN HXT  H N N 209 
GLU N    N N N 210 
GLU CA   C N S 211 
GLU C    C N N 212 
GLU O    O N N 213 
GLU CB   C N N 214 
GLU CG   C N N 215 
GLU CD   C N N 216 
GLU OE1  O N N 217 
GLU OE2  O N N 218 
GLU OXT  O N N 219 
GLU H    H N N 220 
GLU H2   H N N 221 
GLU HA   H N N 222 
GLU HB2  H N N 223 
GLU HB3  H N N 224 
GLU HG2  H N N 225 
GLU HG3  H N N 226 
GLU HE2  H N N 227 
GLU HXT  H N N 228 
GLY N    N N N 229 
GLY CA   C N N 230 
GLY C    C N N 231 
GLY O    O N N 232 
GLY OXT  O N N 233 
GLY H    H N N 234 
GLY H2   H N N 235 
GLY HA2  H N N 236 
GLY HA3  H N N 237 
GLY HXT  H N N 238 
HIS N    N N N 239 
HIS CA   C N S 240 
HIS C    C N N 241 
HIS O    O N N 242 
HIS CB   C N N 243 
HIS CG   C Y N 244 
HIS ND1  N Y N 245 
HIS CD2  C Y N 246 
HIS CE1  C Y N 247 
HIS NE2  N Y N 248 
HIS OXT  O N N 249 
HIS H    H N N 250 
HIS H2   H N N 251 
HIS HA   H N N 252 
HIS HB2  H N N 253 
HIS HB3  H N N 254 
HIS HD1  H N N 255 
HIS HD2  H N N 256 
HIS HE1  H N N 257 
HIS HE2  H N N 258 
HIS HXT  H N N 259 
HOH O    O N N 260 
HOH H1   H N N 261 
HOH H2   H N N 262 
ILE N    N N N 263 
ILE CA   C N S 264 
ILE C    C N N 265 
ILE O    O N N 266 
ILE CB   C N S 267 
ILE CG1  C N N 268 
ILE CG2  C N N 269 
ILE CD1  C N N 270 
ILE OXT  O N N 271 
ILE H    H N N 272 
ILE H2   H N N 273 
ILE HA   H N N 274 
ILE HB   H N N 275 
ILE HG12 H N N 276 
ILE HG13 H N N 277 
ILE HG21 H N N 278 
ILE HG22 H N N 279 
ILE HG23 H N N 280 
ILE HD11 H N N 281 
ILE HD12 H N N 282 
ILE HD13 H N N 283 
ILE HXT  H N N 284 
IPA C1   C N N 285 
IPA C2   C N N 286 
IPA C3   C N N 287 
IPA O2   O N N 288 
IPA H11  H N N 289 
IPA H12  H N N 290 
IPA H13  H N N 291 
IPA H2   H N N 292 
IPA H31  H N N 293 
IPA H32  H N N 294 
IPA H33  H N N 295 
IPA HO2  H N N 296 
LEU N    N N N 297 
LEU CA   C N S 298 
LEU C    C N N 299 
LEU O    O N N 300 
LEU CB   C N N 301 
LEU CG   C N N 302 
LEU CD1  C N N 303 
LEU CD2  C N N 304 
LEU OXT  O N N 305 
LEU H    H N N 306 
LEU H2   H N N 307 
LEU HA   H N N 308 
LEU HB2  H N N 309 
LEU HB3  H N N 310 
LEU HG   H N N 311 
LEU HD11 H N N 312 
LEU HD12 H N N 313 
LEU HD13 H N N 314 
LEU HD21 H N N 315 
LEU HD22 H N N 316 
LEU HD23 H N N 317 
LEU HXT  H N N 318 
LYS N    N N N 319 
LYS CA   C N S 320 
LYS C    C N N 321 
LYS O    O N N 322 
LYS CB   C N N 323 
LYS CG   C N N 324 
LYS CD   C N N 325 
LYS CE   C N N 326 
LYS NZ   N N N 327 
LYS OXT  O N N 328 
LYS H    H N N 329 
LYS H2   H N N 330 
LYS HA   H N N 331 
LYS HB2  H N N 332 
LYS HB3  H N N 333 
LYS HG2  H N N 334 
LYS HG3  H N N 335 
LYS HD2  H N N 336 
LYS HD3  H N N 337 
LYS HE2  H N N 338 
LYS HE3  H N N 339 
LYS HZ1  H N N 340 
LYS HZ2  H N N 341 
LYS HZ3  H N N 342 
LYS HXT  H N N 343 
MET N    N N N 344 
MET CA   C N S 345 
MET C    C N N 346 
MET O    O N N 347 
MET CB   C N N 348 
MET CG   C N N 349 
MET SD   S N N 350 
MET CE   C N N 351 
MET OXT  O N N 352 
MET H    H N N 353 
MET H2   H N N 354 
MET HA   H N N 355 
MET HB2  H N N 356 
MET HB3  H N N 357 
MET HG2  H N N 358 
MET HG3  H N N 359 
MET HE1  H N N 360 
MET HE2  H N N 361 
MET HE3  H N N 362 
MET HXT  H N N 363 
PHE N    N N N 364 
PHE CA   C N S 365 
PHE C    C N N 366 
PHE O    O N N 367 
PHE CB   C N N 368 
PHE CG   C Y N 369 
PHE CD1  C Y N 370 
PHE CD2  C Y N 371 
PHE CE1  C Y N 372 
PHE CE2  C Y N 373 
PHE CZ   C Y N 374 
PHE OXT  O N N 375 
PHE H    H N N 376 
PHE H2   H N N 377 
PHE HA   H N N 378 
PHE HB2  H N N 379 
PHE HB3  H N N 380 
PHE HD1  H N N 381 
PHE HD2  H N N 382 
PHE HE1  H N N 383 
PHE HE2  H N N 384 
PHE HZ   H N N 385 
PHE HXT  H N N 386 
PRO N    N N N 387 
PRO CA   C N S 388 
PRO C    C N N 389 
PRO O    O N N 390 
PRO CB   C N N 391 
PRO CG   C N N 392 
PRO CD   C N N 393 
PRO OXT  O N N 394 
PRO H    H N N 395 
PRO HA   H N N 396 
PRO HB2  H N N 397 
PRO HB3  H N N 398 
PRO HG2  H N N 399 
PRO HG3  H N N 400 
PRO HD2  H N N 401 
PRO HD3  H N N 402 
PRO HXT  H N N 403 
SER N    N N N 404 
SER CA   C N S 405 
SER C    C N N 406 
SER O    O N N 407 
SER CB   C N N 408 
SER OG   O N N 409 
SER OXT  O N N 410 
SER H    H N N 411 
SER H2   H N N 412 
SER HA   H N N 413 
SER HB2  H N N 414 
SER HB3  H N N 415 
SER HG   H N N 416 
SER HXT  H N N 417 
THR N    N N N 418 
THR CA   C N S 419 
THR C    C N N 420 
THR O    O N N 421 
THR CB   C N R 422 
THR OG1  O N N 423 
THR CG2  C N N 424 
THR OXT  O N N 425 
THR H    H N N 426 
THR H2   H N N 427 
THR HA   H N N 428 
THR HB   H N N 429 
THR HG1  H N N 430 
THR HG21 H N N 431 
THR HG22 H N N 432 
THR HG23 H N N 433 
THR HXT  H N N 434 
TRP N    N N N 435 
TRP CA   C N S 436 
TRP C    C N N 437 
TRP O    O N N 438 
TRP CB   C N N 439 
TRP CG   C Y N 440 
TRP CD1  C Y N 441 
TRP CD2  C Y N 442 
TRP NE1  N Y N 443 
TRP CE2  C Y N 444 
TRP CE3  C Y N 445 
TRP CZ2  C Y N 446 
TRP CZ3  C Y N 447 
TRP CH2  C Y N 448 
TRP OXT  O N N 449 
TRP H    H N N 450 
TRP H2   H N N 451 
TRP HA   H N N 452 
TRP HB2  H N N 453 
TRP HB3  H N N 454 
TRP HD1  H N N 455 
TRP HE1  H N N 456 
TRP HE3  H N N 457 
TRP HZ2  H N N 458 
TRP HZ3  H N N 459 
TRP HH2  H N N 460 
TRP HXT  H N N 461 
TYR N    N N N 462 
TYR CA   C N S 463 
TYR C    C N N 464 
TYR O    O N N 465 
TYR CB   C N N 466 
TYR CG   C Y N 467 
TYR CD1  C Y N 468 
TYR CD2  C Y N 469 
TYR CE1  C Y N 470 
TYR CE2  C Y N 471 
TYR CZ   C Y N 472 
TYR OH   O N N 473 
TYR OXT  O N N 474 
TYR H    H N N 475 
TYR H2   H N N 476 
TYR HA   H N N 477 
TYR HB2  H N N 478 
TYR HB3  H N N 479 
TYR HD1  H N N 480 
TYR HD2  H N N 481 
TYR HE1  H N N 482 
TYR HE2  H N N 483 
TYR HH   H N N 484 
TYR HXT  H N N 485 
VAL N    N N N 486 
VAL CA   C N S 487 
VAL C    C N N 488 
VAL O    O N N 489 
VAL CB   C N N 490 
VAL CG1  C N N 491 
VAL CG2  C N N 492 
VAL OXT  O N N 493 
VAL H    H N N 494 
VAL H2   H N N 495 
VAL HA   H N N 496 
VAL HB   H N N 497 
VAL HG11 H N N 498 
VAL HG12 H N N 499 
VAL HG13 H N N 500 
VAL HG21 H N N 501 
VAL HG22 H N N 502 
VAL HG23 H N N 503 
VAL HXT  H N N 504 
# 
loop_
_chem_comp_bond.comp_id 
_chem_comp_bond.atom_id_1 
_chem_comp_bond.atom_id_2 
_chem_comp_bond.value_order 
_chem_comp_bond.pdbx_aromatic_flag 
_chem_comp_bond.pdbx_stereo_config 
_chem_comp_bond.pdbx_ordinal 
1VU O5  P    doub N N 1   
1VU C   C1   sing N N 2   
1VU O9  P1   doub N N 3   
1VU C13 O4   sing N N 4   
1VU C13 C10  sing N N 5   
1VU C12 C10  sing N N 6   
1VU P   O4   sing N N 7   
1VU P   O6   sing N N 8   
1VU P   O7   sing N N 9   
1VU C11 C10  sing N N 10  
1VU C1  C2   sing N N 11  
1VU C10 C9   sing N N 12  
1VU O7  P1   sing N N 13  
1VU P1  O8   sing N N 14  
1VU P1  O10  sing N N 15  
1VU C2  S    sing N N 16  
1VU C2  O    doub N N 17  
1VU S   C3   sing N N 18  
1VU C9  O3   sing N N 19  
1VU C9  C8   sing N N 20  
1VU O10 C14  sing N N 21  
1VU O2  C8   doub N N 22  
1VU C8  N1   sing N N 23  
1VU N   C4   sing N N 24  
1VU N   C5   sing N N 25  
1VU C14 C15  sing N N 26  
1VU C6  C5   sing N N 27  
1VU C6  C7   sing N N 28  
1VU N1  C7   sing N N 29  
1VU C4  C3   sing N N 30  
1VU C5  O1   doub N N 31  
1VU C23 C22  sing N N 32  
1VU C23 C15  sing N N 33  
1VU C23 O13  sing N N 34  
1VU C17 N3   doub Y N 35  
1VU C17 N2   sing Y N 36  
1VU C22 O12  sing N N 37  
1VU C22 C16  sing N N 38  
1VU C15 O11  sing N N 39  
1VU N3  C18  sing Y N 40  
1VU O14 P2   doub N N 41  
1VU O15 P2   sing N N 42  
1VU O11 C16  sing N N 43  
1VU O13 P2   sing N N 44  
1VU N2  C16  sing N N 45  
1VU N2  C21  sing Y N 46  
1VU P2  O16  sing N N 47  
1VU C18 C21  doub Y N 48  
1VU C18 C19  sing Y N 49  
1VU C21 N6   sing Y N 50  
1VU N4  C19  sing N N 51  
1VU C19 N5   doub Y N 52  
1VU N6  C20  doub Y N 53  
1VU N5  C20  sing Y N 54  
1VU O15 H1   sing N N 55  
1VU O16 H2   sing N N 56  
1VU C23 H3   sing N N 57  
1VU C22 H4   sing N N 58  
1VU O12 H5   sing N N 59  
1VU C16 H6   sing N N 60  
1VU C20 H7   sing N N 61  
1VU N4  H8   sing N N 62  
1VU N4  H9   sing N N 63  
1VU C17 H10  sing N N 64  
1VU C15 H11  sing N N 65  
1VU C14 H12  sing N N 66  
1VU C14 H13  sing N N 67  
1VU O8  H14  sing N N 68  
1VU O6  H15  sing N N 69  
1VU C13 H16  sing N N 70  
1VU C13 H17  sing N N 71  
1VU C11 H18  sing N N 72  
1VU C11 H19  sing N N 73  
1VU C11 H20  sing N N 74  
1VU C12 H21  sing N N 75  
1VU C12 H22  sing N N 76  
1VU C12 H23  sing N N 77  
1VU C9  H24  sing N N 78  
1VU O3  H25  sing N N 79  
1VU N1  H26  sing N N 80  
1VU C7  H27  sing N N 81  
1VU C7  H28  sing N N 82  
1VU C6  H29  sing N N 83  
1VU C6  H30  sing N N 84  
1VU N   H31  sing N N 85  
1VU C4  H32  sing N N 86  
1VU C4  H33  sing N N 87  
1VU C3  H34  sing N N 88  
1VU C3  H35  sing N N 89  
1VU C1  H36  sing N N 90  
1VU C1  H37  sing N N 91  
1VU C   H38  sing N N 92  
1VU C   H39  sing N N 93  
1VU C   H40  sing N N 94  
ALA N   CA   sing N N 95  
ALA N   H    sing N N 96  
ALA N   H2   sing N N 97  
ALA CA  C    sing N N 98  
ALA CA  CB   sing N N 99  
ALA CA  HA   sing N N 100 
ALA C   O    doub N N 101 
ALA C   OXT  sing N N 102 
ALA CB  HB1  sing N N 103 
ALA CB  HB2  sing N N 104 
ALA CB  HB3  sing N N 105 
ALA OXT HXT  sing N N 106 
ARG N   CA   sing N N 107 
ARG N   H    sing N N 108 
ARG N   H2   sing N N 109 
ARG CA  C    sing N N 110 
ARG CA  CB   sing N N 111 
ARG CA  HA   sing N N 112 
ARG C   O    doub N N 113 
ARG C   OXT  sing N N 114 
ARG CB  CG   sing N N 115 
ARG CB  HB2  sing N N 116 
ARG CB  HB3  sing N N 117 
ARG CG  CD   sing N N 118 
ARG CG  HG2  sing N N 119 
ARG CG  HG3  sing N N 120 
ARG CD  NE   sing N N 121 
ARG CD  HD2  sing N N 122 
ARG CD  HD3  sing N N 123 
ARG NE  CZ   sing N N 124 
ARG NE  HE   sing N N 125 
ARG CZ  NH1  sing N N 126 
ARG CZ  NH2  doub N N 127 
ARG NH1 HH11 sing N N 128 
ARG NH1 HH12 sing N N 129 
ARG NH2 HH21 sing N N 130 
ARG NH2 HH22 sing N N 131 
ARG OXT HXT  sing N N 132 
ASN N   CA   sing N N 133 
ASN N   H    sing N N 134 
ASN N   H2   sing N N 135 
ASN CA  C    sing N N 136 
ASN CA  CB   sing N N 137 
ASN CA  HA   sing N N 138 
ASN C   O    doub N N 139 
ASN C   OXT  sing N N 140 
ASN CB  CG   sing N N 141 
ASN CB  HB2  sing N N 142 
ASN CB  HB3  sing N N 143 
ASN CG  OD1  doub N N 144 
ASN CG  ND2  sing N N 145 
ASN ND2 HD21 sing N N 146 
ASN ND2 HD22 sing N N 147 
ASN OXT HXT  sing N N 148 
ASP N   CA   sing N N 149 
ASP N   H    sing N N 150 
ASP N   H2   sing N N 151 
ASP CA  C    sing N N 152 
ASP CA  CB   sing N N 153 
ASP CA  HA   sing N N 154 
ASP C   O    doub N N 155 
ASP C   OXT  sing N N 156 
ASP CB  CG   sing N N 157 
ASP CB  HB2  sing N N 158 
ASP CB  HB3  sing N N 159 
ASP CG  OD1  doub N N 160 
ASP CG  OD2  sing N N 161 
ASP OD2 HD2  sing N N 162 
ASP OXT HXT  sing N N 163 
CYS N   CA   sing N N 164 
CYS N   H    sing N N 165 
CYS N   H2   sing N N 166 
CYS CA  C    sing N N 167 
CYS CA  CB   sing N N 168 
CYS CA  HA   sing N N 169 
CYS C   O    doub N N 170 
CYS C   OXT  sing N N 171 
CYS CB  SG   sing N N 172 
CYS CB  HB2  sing N N 173 
CYS CB  HB3  sing N N 174 
CYS SG  HG   sing N N 175 
CYS OXT HXT  sing N N 176 
EDO C1  O1   sing N N 177 
EDO C1  C2   sing N N 178 
EDO C1  H11  sing N N 179 
EDO C1  H12  sing N N 180 
EDO O1  HO1  sing N N 181 
EDO C2  O2   sing N N 182 
EDO C2  H21  sing N N 183 
EDO C2  H22  sing N N 184 
EDO O2  HO2  sing N N 185 
GLN N   CA   sing N N 186 
GLN N   H    sing N N 187 
GLN N   H2   sing N N 188 
GLN CA  C    sing N N 189 
GLN CA  CB   sing N N 190 
GLN CA  HA   sing N N 191 
GLN C   O    doub N N 192 
GLN C   OXT  sing N N 193 
GLN CB  CG   sing N N 194 
GLN CB  HB2  sing N N 195 
GLN CB  HB3  sing N N 196 
GLN CG  CD   sing N N 197 
GLN CG  HG2  sing N N 198 
GLN CG  HG3  sing N N 199 
GLN CD  OE1  doub N N 200 
GLN CD  NE2  sing N N 201 
GLN NE2 HE21 sing N N 202 
GLN NE2 HE22 sing N N 203 
GLN OXT HXT  sing N N 204 
GLU N   CA   sing N N 205 
GLU N   H    sing N N 206 
GLU N   H2   sing N N 207 
GLU CA  C    sing N N 208 
GLU CA  CB   sing N N 209 
GLU CA  HA   sing N N 210 
GLU C   O    doub N N 211 
GLU C   OXT  sing N N 212 
GLU CB  CG   sing N N 213 
GLU CB  HB2  sing N N 214 
GLU CB  HB3  sing N N 215 
GLU CG  CD   sing N N 216 
GLU CG  HG2  sing N N 217 
GLU CG  HG3  sing N N 218 
GLU CD  OE1  doub N N 219 
GLU CD  OE2  sing N N 220 
GLU OE2 HE2  sing N N 221 
GLU OXT HXT  sing N N 222 
GLY N   CA   sing N N 223 
GLY N   H    sing N N 224 
GLY N   H2   sing N N 225 
GLY CA  C    sing N N 226 
GLY CA  HA2  sing N N 227 
GLY CA  HA3  sing N N 228 
GLY C   O    doub N N 229 
GLY C   OXT  sing N N 230 
GLY OXT HXT  sing N N 231 
HIS N   CA   sing N N 232 
HIS N   H    sing N N 233 
HIS N   H2   sing N N 234 
HIS CA  C    sing N N 235 
HIS CA  CB   sing N N 236 
HIS CA  HA   sing N N 237 
HIS C   O    doub N N 238 
HIS C   OXT  sing N N 239 
HIS CB  CG   sing N N 240 
HIS CB  HB2  sing N N 241 
HIS CB  HB3  sing N N 242 
HIS CG  ND1  sing Y N 243 
HIS CG  CD2  doub Y N 244 
HIS ND1 CE1  doub Y N 245 
HIS ND1 HD1  sing N N 246 
HIS CD2 NE2  sing Y N 247 
HIS CD2 HD2  sing N N 248 
HIS CE1 NE2  sing Y N 249 
HIS CE1 HE1  sing N N 250 
HIS NE2 HE2  sing N N 251 
HIS OXT HXT  sing N N 252 
HOH O   H1   sing N N 253 
HOH O   H2   sing N N 254 
ILE N   CA   sing N N 255 
ILE N   H    sing N N 256 
ILE N   H2   sing N N 257 
ILE CA  C    sing N N 258 
ILE CA  CB   sing N N 259 
ILE CA  HA   sing N N 260 
ILE C   O    doub N N 261 
ILE C   OXT  sing N N 262 
ILE CB  CG1  sing N N 263 
ILE CB  CG2  sing N N 264 
ILE CB  HB   sing N N 265 
ILE CG1 CD1  sing N N 266 
ILE CG1 HG12 sing N N 267 
ILE CG1 HG13 sing N N 268 
ILE CG2 HG21 sing N N 269 
ILE CG2 HG22 sing N N 270 
ILE CG2 HG23 sing N N 271 
ILE CD1 HD11 sing N N 272 
ILE CD1 HD12 sing N N 273 
ILE CD1 HD13 sing N N 274 
ILE OXT HXT  sing N N 275 
IPA C1  C2   sing N N 276 
IPA C1  H11  sing N N 277 
IPA C1  H12  sing N N 278 
IPA C1  H13  sing N N 279 
IPA C2  C3   sing N N 280 
IPA C2  O2   sing N N 281 
IPA C2  H2   sing N N 282 
IPA C3  H31  sing N N 283 
IPA C3  H32  sing N N 284 
IPA C3  H33  sing N N 285 
IPA O2  HO2  sing N N 286 
LEU N   CA   sing N N 287 
LEU N   H    sing N N 288 
LEU N   H2   sing N N 289 
LEU CA  C    sing N N 290 
LEU CA  CB   sing N N 291 
LEU CA  HA   sing N N 292 
LEU C   O    doub N N 293 
LEU C   OXT  sing N N 294 
LEU CB  CG   sing N N 295 
LEU CB  HB2  sing N N 296 
LEU CB  HB3  sing N N 297 
LEU CG  CD1  sing N N 298 
LEU CG  CD2  sing N N 299 
LEU CG  HG   sing N N 300 
LEU CD1 HD11 sing N N 301 
LEU CD1 HD12 sing N N 302 
LEU CD1 HD13 sing N N 303 
LEU CD2 HD21 sing N N 304 
LEU CD2 HD22 sing N N 305 
LEU CD2 HD23 sing N N 306 
LEU OXT HXT  sing N N 307 
LYS N   CA   sing N N 308 
LYS N   H    sing N N 309 
LYS N   H2   sing N N 310 
LYS CA  C    sing N N 311 
LYS CA  CB   sing N N 312 
LYS CA  HA   sing N N 313 
LYS C   O    doub N N 314 
LYS C   OXT  sing N N 315 
LYS CB  CG   sing N N 316 
LYS CB  HB2  sing N N 317 
LYS CB  HB3  sing N N 318 
LYS CG  CD   sing N N 319 
LYS CG  HG2  sing N N 320 
LYS CG  HG3  sing N N 321 
LYS CD  CE   sing N N 322 
LYS CD  HD2  sing N N 323 
LYS CD  HD3  sing N N 324 
LYS CE  NZ   sing N N 325 
LYS CE  HE2  sing N N 326 
LYS CE  HE3  sing N N 327 
LYS NZ  HZ1  sing N N 328 
LYS NZ  HZ2  sing N N 329 
LYS NZ  HZ3  sing N N 330 
LYS OXT HXT  sing N N 331 
MET N   CA   sing N N 332 
MET N   H    sing N N 333 
MET N   H2   sing N N 334 
MET CA  C    sing N N 335 
MET CA  CB   sing N N 336 
MET CA  HA   sing N N 337 
MET C   O    doub N N 338 
MET C   OXT  sing N N 339 
MET CB  CG   sing N N 340 
MET CB  HB2  sing N N 341 
MET CB  HB3  sing N N 342 
MET CG  SD   sing N N 343 
MET CG  HG2  sing N N 344 
MET CG  HG3  sing N N 345 
MET SD  CE   sing N N 346 
MET CE  HE1  sing N N 347 
MET CE  HE2  sing N N 348 
MET CE  HE3  sing N N 349 
MET OXT HXT  sing N N 350 
PHE N   CA   sing N N 351 
PHE N   H    sing N N 352 
PHE N   H2   sing N N 353 
PHE CA  C    sing N N 354 
PHE CA  CB   sing N N 355 
PHE CA  HA   sing N N 356 
PHE C   O    doub N N 357 
PHE C   OXT  sing N N 358 
PHE CB  CG   sing N N 359 
PHE CB  HB2  sing N N 360 
PHE CB  HB3  sing N N 361 
PHE CG  CD1  doub Y N 362 
PHE CG  CD2  sing Y N 363 
PHE CD1 CE1  sing Y N 364 
PHE CD1 HD1  sing N N 365 
PHE CD2 CE2  doub Y N 366 
PHE CD2 HD2  sing N N 367 
PHE CE1 CZ   doub Y N 368 
PHE CE1 HE1  sing N N 369 
PHE CE2 CZ   sing Y N 370 
PHE CE2 HE2  sing N N 371 
PHE CZ  HZ   sing N N 372 
PHE OXT HXT  sing N N 373 
PRO N   CA   sing N N 374 
PRO N   CD   sing N N 375 
PRO N   H    sing N N 376 
PRO CA  C    sing N N 377 
PRO CA  CB   sing N N 378 
PRO CA  HA   sing N N 379 
PRO C   O    doub N N 380 
PRO C   OXT  sing N N 381 
PRO CB  CG   sing N N 382 
PRO CB  HB2  sing N N 383 
PRO CB  HB3  sing N N 384 
PRO CG  CD   sing N N 385 
PRO CG  HG2  sing N N 386 
PRO CG  HG3  sing N N 387 
PRO CD  HD2  sing N N 388 
PRO CD  HD3  sing N N 389 
PRO OXT HXT  sing N N 390 
SER N   CA   sing N N 391 
SER N   H    sing N N 392 
SER N   H2   sing N N 393 
SER CA  C    sing N N 394 
SER CA  CB   sing N N 395 
SER CA  HA   sing N N 396 
SER C   O    doub N N 397 
SER C   OXT  sing N N 398 
SER CB  OG   sing N N 399 
SER CB  HB2  sing N N 400 
SER CB  HB3  sing N N 401 
SER OG  HG   sing N N 402 
SER OXT HXT  sing N N 403 
THR N   CA   sing N N 404 
THR N   H    sing N N 405 
THR N   H2   sing N N 406 
THR CA  C    sing N N 407 
THR CA  CB   sing N N 408 
THR CA  HA   sing N N 409 
THR C   O    doub N N 410 
THR C   OXT  sing N N 411 
THR CB  OG1  sing N N 412 
THR CB  CG2  sing N N 413 
THR CB  HB   sing N N 414 
THR OG1 HG1  sing N N 415 
THR CG2 HG21 sing N N 416 
THR CG2 HG22 sing N N 417 
THR CG2 HG23 sing N N 418 
THR OXT HXT  sing N N 419 
TRP N   CA   sing N N 420 
TRP N   H    sing N N 421 
TRP N   H2   sing N N 422 
TRP CA  C    sing N N 423 
TRP CA  CB   sing N N 424 
TRP CA  HA   sing N N 425 
TRP C   O    doub N N 426 
TRP C   OXT  sing N N 427 
TRP CB  CG   sing N N 428 
TRP CB  HB2  sing N N 429 
TRP CB  HB3  sing N N 430 
TRP CG  CD1  doub Y N 431 
TRP CG  CD2  sing Y N 432 
TRP CD1 NE1  sing Y N 433 
TRP CD1 HD1  sing N N 434 
TRP CD2 CE2  doub Y N 435 
TRP CD2 CE3  sing Y N 436 
TRP NE1 CE2  sing Y N 437 
TRP NE1 HE1  sing N N 438 
TRP CE2 CZ2  sing Y N 439 
TRP CE3 CZ3  doub Y N 440 
TRP CE3 HE3  sing N N 441 
TRP CZ2 CH2  doub Y N 442 
TRP CZ2 HZ2  sing N N 443 
TRP CZ3 CH2  sing Y N 444 
TRP CZ3 HZ3  sing N N 445 
TRP CH2 HH2  sing N N 446 
TRP OXT HXT  sing N N 447 
TYR N   CA   sing N N 448 
TYR N   H    sing N N 449 
TYR N   H2   sing N N 450 
TYR CA  C    sing N N 451 
TYR CA  CB   sing N N 452 
TYR CA  HA   sing N N 453 
TYR C   O    doub N N 454 
TYR C   OXT  sing N N 455 
TYR CB  CG   sing N N 456 
TYR CB  HB2  sing N N 457 
TYR CB  HB3  sing N N 458 
TYR CG  CD1  doub Y N 459 
TYR CG  CD2  sing Y N 460 
TYR CD1 CE1  sing Y N 461 
TYR CD1 HD1  sing N N 462 
TYR CD2 CE2  doub Y N 463 
TYR CD2 HD2  sing N N 464 
TYR CE1 CZ   doub Y N 465 
TYR CE1 HE1  sing N N 466 
TYR CE2 CZ   sing Y N 467 
TYR CE2 HE2  sing N N 468 
TYR CZ  OH   sing N N 469 
TYR OH  HH   sing N N 470 
TYR OXT HXT  sing N N 471 
VAL N   CA   sing N N 472 
VAL N   H    sing N N 473 
VAL N   H2   sing N N 474 
VAL CA  C    sing N N 475 
VAL CA  CB   sing N N 476 
VAL CA  HA   sing N N 477 
VAL C   O    doub N N 478 
VAL C   OXT  sing N N 479 
VAL CB  CG1  sing N N 480 
VAL CB  CG2  sing N N 481 
VAL CB  HB   sing N N 482 
VAL CG1 HG11 sing N N 483 
VAL CG1 HG12 sing N N 484 
VAL CG1 HG13 sing N N 485 
VAL CG2 HG21 sing N N 486 
VAL CG2 HG22 sing N N 487 
VAL CG2 HG23 sing N N 488 
VAL OXT HXT  sing N N 489 
# 
_pdbx_audit_support.funding_organization   
'National Institutes of Health/National Institute of General Medical Sciences (NIH/NIGMS)' 
_pdbx_audit_support.country                'United States' 
_pdbx_audit_support.grant_number           GM098522 
_pdbx_audit_support.ordinal                1 
# 
loop_
_pdbx_entity_nonpoly.entity_id 
_pdbx_entity_nonpoly.name 
_pdbx_entity_nonpoly.comp_id 
2 'propionyl Coenzyme A' 1VU 
3 1,2-ETHANEDIOL         EDO 
4 'ISOPROPYL ALCOHOL'    IPA 
5 water                  HOH 
# 
_pdbx_initial_refinement_model.id               1 
_pdbx_initial_refinement_model.entity_id_list   ? 
_pdbx_initial_refinement_model.type             'experimental model' 
_pdbx_initial_refinement_model.source_name      PDB 
_pdbx_initial_refinement_model.accession_code   1Z4R 
_pdbx_initial_refinement_model.details          ? 
# 
